data_3UBX
#
_entry.id   3UBX
#
_cell.length_a   234.948
_cell.length_b   234.948
_cell.length_c   99.172
_cell.angle_alpha   90.00
_cell.angle_beta   90.00
_cell.angle_gamma   120.00
#
_symmetry.space_group_name_H-M   'P 63'
#
loop_
_entity.id
_entity.type
_entity.pdbx_description
1 polymer 'Antigen-presenting glycoprotein CD1d1'
2 polymer Beta-2-microglobulin
3 polymer 'L363 light chain (IGKV13-84*01)'
4 polymer 'L363 heavy chain (IGHV9-4*02)'
5 branched 2-acetamido-2-deoxy-beta-D-glucopyranose-(1-4)-2-acetamido-2-deoxy-beta-D-glucopyranose
6 non-polymer (11Z,14Z)-N-[(2S,3S,4R)-1-(alpha-D-galactopyranosyloxy)-3,4-dihydroxyoctadecan-2-yl]icosa-11,14-dienamide
7 non-polymer 2-acetamido-2-deoxy-beta-D-glucopyranose
#
loop_
_entity_poly.entity_id
_entity_poly.type
_entity_poly.pdbx_seq_one_letter_code
_entity_poly.pdbx_strand_id
1 'polypeptide(L)'
;SEAQQKNYTFRCLQMSSFANRSWSRTDSVVWLGDLQTHRWSNDSATISFTKPWSQGKLSNQQWEKLQHMFQVYRVSFTRD
IQELVKMMSPKEDYPIEIQLSAGCEMYPGNASESFLHVAFQGKYVVRFWGTSWQTVPGAPSWLDLPIKVLNADQGTSATV
QMLLNDTCPLFVRGLLEAGKSDLEKQEKPVAWLSSVPSSAHGHRQLVCHVSGFYPKPVWVMWMRGDQEQQGTHRGDFLPN
ADETWYLQATLDVEAGEEAGLACRVKHSSLGGQDIILYWHHHHHHH
;
A,D
2 'polypeptide(L)'
;IQKTPQIQVYSRHPPENGKPNILNCYVTQFHPPHIEIQMLKNGKKIPKVEMSDMSFSKDWSFYILAHTEFTPTETDTYAC
RVKHASMAEPKTVYWDRDM
;
B,E
3 'polypeptide(L)'
;DIQMTQSSSSFSVSLGDRATITCKASEDIYNRIAWYQQKPGNVPRLLISGATSLETGVPSRFSGSGSGKDYTLSITSLQT
EDVATYYCQHYWSSPLTFGAGTKLELKRADAAPTVSIFPPSSEQLTSGGASVVCFLNNFYPKDINVKWKIDGSERQNGVL
NSWTDQDSKDSTYSMSSTLTLTKDEYERHNSYTCEATHKTSTSPIVKSFNRNEC
;
L,I
4 'polypeptide(L)'
;QIQLVQSGPELKKPGETVRISCKASGYSFTNYGMHWVKQAPGKGLKWVGWINTYTGEPTYADDFKGRFAFSLETSASTAY
LEINNLKNEDMATYLCASAAGIRWAWFAWWGQGTLVTVSAAKTTAPSVYPLAPVCGDTTGSSVTLGCLVKGYFPEPVTLT
WNSGSLSSGVHTFPAVLQSDLYTLSSSVTVTSSTWPSQSITCNVAHPASSTKVDKKIEPRGP
;
H,G
#
# COMPACT_ATOMS: atom_id res chain seq x y z
N LYS A 6 -11.19 -15.12 -57.63
CA LYS A 6 -12.66 -15.31 -57.84
C LYS A 6 -13.03 -16.81 -57.77
N ASN A 7 -12.41 -17.55 -56.84
CA ASN A 7 -12.55 -19.01 -56.78
C ASN A 7 -13.52 -19.52 -55.69
N TYR A 8 -12.99 -20.33 -54.77
CA TYR A 8 -13.80 -21.07 -53.79
C TYR A 8 -14.46 -20.21 -52.71
N THR A 9 -15.74 -20.49 -52.46
CA THR A 9 -16.50 -19.82 -51.40
C THR A 9 -16.86 -20.77 -50.26
N PHE A 10 -16.50 -20.37 -49.04
CA PHE A 10 -16.77 -21.16 -47.83
C PHE A 10 -18.05 -20.64 -47.16
N ARG A 11 -19.04 -21.51 -47.03
CA ARG A 11 -20.33 -21.12 -46.50
C ARG A 11 -20.71 -21.91 -45.26
N CYS A 12 -21.05 -21.19 -44.19
CA CYS A 12 -21.71 -21.79 -43.05
C CYS A 12 -23.17 -21.39 -43.09
N LEU A 13 -24.03 -22.37 -43.34
CA LEU A 13 -25.46 -22.12 -43.44
C LEU A 13 -26.20 -22.63 -42.22
N GLN A 14 -26.90 -21.71 -41.55
CA GLN A 14 -27.62 -22.03 -40.32
C GLN A 14 -29.11 -21.83 -40.51
N MET A 15 -29.89 -22.82 -40.10
CA MET A 15 -31.34 -22.78 -40.18
C MET A 15 -31.92 -22.92 -38.79
N SER A 16 -32.49 -21.83 -38.29
CA SER A 16 -33.16 -21.86 -37.00
C SER A 16 -34.66 -21.64 -37.19
N SER A 17 -35.46 -22.53 -36.61
CA SER A 17 -36.91 -22.42 -36.62
C SER A 17 -37.44 -22.21 -35.21
N PHE A 18 -38.37 -21.26 -35.07
CA PHE A 18 -38.97 -20.96 -33.78
C PHE A 18 -40.48 -21.05 -33.90
N ALA A 19 -41.06 -22.10 -33.32
CA ALA A 19 -42.51 -22.31 -33.43
C ALA A 19 -43.29 -21.66 -32.28
N ASN A 20 -43.24 -22.30 -31.11
CA ASN A 20 -43.82 -21.77 -29.88
C ASN A 20 -42.75 -20.84 -29.27
N ARG A 21 -43.03 -20.29 -28.09
CA ARG A 21 -41.95 -19.64 -27.32
C ARG A 21 -41.21 -20.69 -26.46
N SER A 22 -41.47 -21.96 -26.73
CA SER A 22 -40.84 -23.07 -26.03
C SER A 22 -40.53 -24.25 -26.95
N TRP A 23 -40.40 -23.97 -28.25
CA TRP A 23 -39.98 -24.98 -29.23
C TRP A 23 -39.14 -24.32 -30.28
N SER A 24 -37.91 -24.80 -30.44
CA SER A 24 -37.04 -24.38 -31.55
C SER A 24 -35.96 -25.41 -31.84
N ARG A 25 -35.46 -25.38 -33.06
CA ARG A 25 -34.32 -26.20 -33.43
C ARG A 25 -33.37 -25.41 -34.31
N THR A 26 -32.12 -25.86 -34.40
CA THR A 26 -31.13 -25.21 -35.23
C THR A 26 -30.26 -26.26 -35.88
N ASP A 27 -30.23 -26.24 -37.20
CA ASP A 27 -29.36 -27.13 -37.97
C ASP A 27 -28.42 -26.35 -38.89
N SER A 28 -27.25 -26.92 -39.13
CA SER A 28 -26.24 -26.25 -39.92
C SER A 28 -25.59 -27.18 -40.93
N VAL A 29 -25.25 -26.62 -42.08
CA VAL A 29 -24.41 -27.31 -43.06
C VAL A 29 -23.31 -26.34 -43.49
N VAL A 30 -22.14 -26.89 -43.79
CA VAL A 30 -21.00 -26.11 -44.21
C VAL A 30 -20.50 -26.60 -45.58
N TRP A 31 -20.27 -25.64 -46.47
CA TRP A 31 -19.84 -25.94 -47.81
C TRP A 31 -18.54 -25.29 -48.14
N LEU A 32 -17.70 -26.00 -48.87
CA LEU A 32 -16.55 -25.39 -49.51
C LEU A 32 -16.73 -25.55 -51.02
N GLY A 33 -17.05 -24.46 -51.70
CA GLY A 33 -17.54 -24.53 -53.07
C GLY A 33 -18.85 -25.30 -53.01
N ASP A 34 -18.96 -26.34 -53.82
CA ASP A 34 -20.17 -27.17 -53.83
C ASP A 34 -19.94 -28.55 -53.20
N LEU A 35 -18.96 -28.64 -52.30
CA LEU A 35 -18.74 -29.86 -51.51
C LEU A 35 -19.02 -29.65 -50.03
N GLN A 36 -19.85 -30.52 -49.45
CA GLN A 36 -20.22 -30.40 -48.05
C GLN A 36 -19.09 -30.88 -47.15
N THR A 37 -18.68 -30.02 -46.22
CA THR A 37 -17.56 -30.33 -45.35
C THR A 37 -18.00 -30.64 -43.92
N HIS A 38 -19.05 -29.96 -43.45
CA HIS A 38 -19.55 -30.17 -42.10
C HIS A 38 -21.05 -30.25 -42.01
N ARG A 39 -21.51 -30.97 -41.00
CA ARG A 39 -22.92 -31.08 -40.67
C ARG A 39 -23.04 -30.86 -39.18
N TRP A 40 -24.10 -30.18 -38.76
CA TRP A 40 -24.37 -30.01 -37.33
C TRP A 40 -25.83 -29.91 -37.06
N SER A 41 -26.46 -31.06 -36.84
CA SER A 41 -27.90 -31.09 -36.59
C SER A 41 -28.20 -30.72 -35.14
N ASN A 42 -29.43 -30.29 -34.90
CA ASN A 42 -29.88 -29.90 -33.57
C ASN A 42 -29.68 -30.99 -32.52
N ASP A 43 -29.91 -32.24 -32.92
CA ASP A 43 -29.77 -33.41 -32.07
C ASP A 43 -28.36 -33.57 -31.50
N SER A 44 -27.36 -33.27 -32.32
CA SER A 44 -25.97 -33.56 -31.99
C SER A 44 -25.29 -32.46 -31.19
N ALA A 45 -24.65 -32.84 -30.09
CA ALA A 45 -23.91 -31.91 -29.24
C ALA A 45 -22.66 -31.39 -29.93
N THR A 46 -22.14 -32.14 -30.90
CA THR A 46 -20.90 -31.79 -31.60
C THR A 46 -21.06 -31.73 -33.11
N ILE A 47 -20.20 -30.96 -33.77
CA ILE A 47 -20.16 -30.83 -35.23
C ILE A 47 -19.63 -32.10 -35.89
N SER A 48 -20.20 -32.49 -37.03
CA SER A 48 -19.77 -33.68 -37.77
C SER A 48 -18.88 -33.37 -38.97
N PHE A 49 -17.83 -34.16 -39.16
CA PHE A 49 -17.05 -34.10 -40.39
C PHE A 49 -17.75 -34.88 -41.51
N THR A 50 -17.93 -34.25 -42.66
CA THR A 50 -18.55 -34.87 -43.83
C THR A 50 -17.47 -35.40 -44.78
N LYS A 51 -16.23 -34.98 -44.54
CA LYS A 51 -15.07 -35.39 -45.34
C LYS A 51 -13.94 -35.80 -44.39
N PRO A 52 -13.04 -36.70 -44.83
CA PRO A 52 -11.88 -37.05 -44.01
C PRO A 52 -11.02 -35.83 -43.66
N TRP A 53 -11.04 -34.82 -44.52
CA TRP A 53 -10.16 -33.67 -44.39
C TRP A 53 -10.83 -32.44 -43.81
N SER A 54 -11.98 -32.62 -43.17
CA SER A 54 -12.80 -31.50 -42.68
C SER A 54 -12.21 -30.73 -41.50
N GLN A 55 -11.26 -31.34 -40.80
CA GLN A 55 -10.59 -30.66 -39.68
C GLN A 55 -9.55 -29.65 -40.18
N GLY A 56 -9.33 -29.63 -41.50
CA GLY A 56 -8.40 -28.70 -42.14
C GLY A 56 -6.98 -28.91 -41.63
N LYS A 57 -6.31 -27.80 -41.31
CA LYS A 57 -4.95 -27.86 -40.78
C LYS A 57 -4.92 -27.67 -39.27
N LEU A 58 -6.10 -27.51 -38.67
CA LEU A 58 -6.21 -27.26 -37.23
C LEU A 58 -5.92 -28.51 -36.42
N SER A 59 -5.17 -28.36 -35.32
CA SER A 59 -4.89 -29.46 -34.41
C SER A 59 -6.15 -29.80 -33.61
N ASN A 60 -6.22 -31.04 -33.13
CA ASN A 60 -7.35 -31.49 -32.32
C ASN A 60 -7.77 -30.49 -31.24
N GLN A 61 -6.77 -29.92 -30.56
CA GLN A 61 -7.02 -28.91 -29.53
C GLN A 61 -7.59 -27.62 -30.12
N GLN A 62 -7.03 -27.17 -31.25
CA GLN A 62 -7.54 -25.98 -31.94
C GLN A 62 -8.98 -26.17 -32.38
N TRP A 63 -9.29 -27.38 -32.82
CA TRP A 63 -10.62 -27.73 -33.26
C TRP A 63 -11.59 -27.77 -32.11
N GLU A 64 -11.14 -28.32 -30.97
CA GLU A 64 -11.93 -28.34 -29.74
C GLU A 64 -12.34 -26.95 -29.29
N LYS A 65 -11.39 -26.01 -29.39
CA LYS A 65 -11.63 -24.62 -29.06
C LYS A 65 -12.74 -24.01 -29.92
N LEU A 66 -12.75 -24.33 -31.21
CA LEU A 66 -13.81 -23.86 -32.10
C LEU A 66 -15.16 -24.51 -31.81
N GLN A 67 -15.18 -25.82 -31.67
CA GLN A 67 -16.42 -26.52 -31.38
C GLN A 67 -17.08 -25.93 -30.14
N HIS A 68 -16.27 -25.75 -29.09
CA HIS A 68 -16.76 -25.15 -27.85
C HIS A 68 -17.27 -23.75 -28.06
N MET A 69 -16.51 -22.96 -28.80
CA MET A 69 -16.92 -21.60 -29.16
C MET A 69 -18.32 -21.61 -29.81
N PHE A 70 -18.54 -22.57 -30.70
CA PHE A 70 -19.80 -22.72 -31.41
C PHE A 70 -20.96 -23.26 -30.57
N GLN A 71 -20.66 -24.22 -29.69
CA GLN A 71 -21.66 -24.75 -28.77
C GLN A 71 -22.25 -23.69 -27.86
N VAL A 72 -21.39 -22.82 -27.34
CA VAL A 72 -21.84 -21.66 -26.55
C VAL A 72 -22.71 -20.77 -27.43
N TYR A 73 -22.25 -20.52 -28.65
CA TYR A 73 -23.01 -19.72 -29.59
C TYR A 73 -24.42 -20.26 -29.83
N ARG A 74 -24.56 -21.57 -30.04
CA ARG A 74 -25.87 -22.13 -30.41
C ARG A 74 -26.92 -21.92 -29.32
N VAL A 75 -26.58 -22.28 -28.09
CA VAL A 75 -27.51 -22.12 -26.96
C VAL A 75 -27.82 -20.64 -26.79
N SER A 76 -26.77 -19.83 -26.80
CA SER A 76 -26.90 -18.40 -26.62
C SER A 76 -27.82 -17.78 -27.67
N PHE A 77 -27.60 -18.16 -28.92
CA PHE A 77 -28.39 -17.65 -30.06
C PHE A 77 -29.88 -17.86 -29.83
N THR A 78 -30.25 -19.12 -29.55
CA THR A 78 -31.63 -19.49 -29.26
C THR A 78 -32.27 -18.53 -28.26
N ARG A 79 -31.66 -18.42 -27.08
CA ARG A 79 -32.22 -17.62 -25.97
C ARG A 79 -32.32 -16.13 -26.31
N ASP A 80 -31.29 -15.61 -26.97
CA ASP A 80 -31.29 -14.22 -27.42
C ASP A 80 -32.48 -13.94 -28.33
N ILE A 81 -32.66 -14.80 -29.33
CA ILE A 81 -33.75 -14.64 -30.28
C ILE A 81 -35.10 -14.74 -29.58
N GLN A 82 -35.28 -15.76 -28.74
CA GLN A 82 -36.54 -15.92 -28.01
C GLN A 82 -36.90 -14.70 -27.18
N GLU A 83 -35.92 -14.11 -26.50
CA GLU A 83 -36.15 -12.87 -25.75
C GLU A 83 -36.44 -11.67 -26.65
N LEU A 84 -35.66 -11.53 -27.71
CA LEU A 84 -35.81 -10.41 -28.63
C LEU A 84 -37.14 -10.42 -29.38
N VAL A 85 -37.77 -11.59 -29.49
CA VAL A 85 -39.08 -11.70 -30.13
C VAL A 85 -40.10 -10.85 -29.35
N LYS A 86 -39.93 -10.78 -28.03
CA LYS A 86 -40.83 -9.99 -27.18
C LYS A 86 -40.97 -8.52 -27.60
N MET A 87 -39.94 -7.99 -28.29
CA MET A 87 -39.97 -6.59 -28.75
C MET A 87 -39.95 -6.46 -30.29
N MET A 88 -40.49 -7.46 -30.99
CA MET A 88 -40.56 -7.42 -32.47
C MET A 88 -41.90 -6.89 -33.00
N SER A 89 -42.00 -6.79 -34.32
CA SER A 89 -43.25 -6.38 -34.96
C SER A 89 -43.44 -7.10 -36.32
N PRO A 90 -44.64 -7.66 -36.57
CA PRO A 90 -45.83 -7.67 -35.69
C PRO A 90 -45.59 -8.43 -34.38
N LYS A 91 -46.34 -8.06 -33.34
CA LYS A 91 -46.12 -8.57 -31.99
C LYS A 91 -46.04 -10.10 -31.97
N GLU A 92 -44.89 -10.61 -31.54
CA GLU A 92 -44.63 -12.05 -31.40
C GLU A 92 -45.16 -12.88 -32.56
N ASP A 93 -44.54 -12.70 -33.71
CA ASP A 93 -45.08 -13.22 -34.94
C ASP A 93 -44.59 -14.64 -35.27
N TYR A 94 -44.87 -15.58 -34.38
CA TYR A 94 -44.52 -16.98 -34.60
C TYR A 94 -45.39 -17.58 -35.72
N PRO A 95 -44.85 -18.51 -36.53
CA PRO A 95 -43.51 -19.08 -36.47
C PRO A 95 -42.47 -18.10 -36.98
N ILE A 96 -41.21 -18.34 -36.68
CA ILE A 96 -40.13 -17.44 -37.08
C ILE A 96 -38.99 -18.26 -37.67
N GLU A 97 -38.51 -17.85 -38.84
CA GLU A 97 -37.43 -18.54 -39.53
C GLU A 97 -36.21 -17.64 -39.70
N ILE A 98 -35.19 -17.88 -38.87
CA ILE A 98 -33.92 -17.19 -39.00
C ILE A 98 -32.97 -18.06 -39.82
N GLN A 99 -32.29 -17.44 -40.78
CA GLN A 99 -31.23 -18.08 -41.55
C GLN A 99 -29.97 -17.25 -41.49
N LEU A 100 -28.83 -17.92 -41.28
CA LEU A 100 -27.53 -17.24 -41.30
C LEU A 100 -26.63 -17.84 -42.38
N SER A 101 -25.97 -16.95 -43.12
CA SER A 101 -25.02 -17.36 -44.15
C SER A 101 -23.73 -16.62 -43.89
N ALA A 102 -22.73 -17.37 -43.43
CA ALA A 102 -21.48 -16.77 -42.97
C ALA A 102 -20.29 -17.56 -43.46
N GLY A 103 -19.25 -16.85 -43.86
CA GLY A 103 -18.02 -17.47 -44.30
C GLY A 103 -17.12 -16.47 -44.96
N CYS A 104 -16.30 -16.93 -45.88
CA CYS A 104 -15.41 -16.06 -46.63
C CYS A 104 -15.14 -16.60 -48.03
N GLU A 105 -15.10 -15.68 -48.99
CA GLU A 105 -14.78 -16.00 -50.37
C GLU A 105 -13.27 -15.90 -50.53
N MET A 106 -12.65 -16.97 -51.02
CA MET A 106 -11.19 -17.03 -51.16
C MET A 106 -10.74 -16.64 -52.56
N TYR A 107 -9.64 -15.92 -52.63
CA TYR A 107 -9.09 -15.50 -53.91
C TYR A 107 -7.62 -15.94 -54.03
N PRO A 108 -7.03 -15.81 -55.23
CA PRO A 108 -5.59 -16.03 -55.39
C PRO A 108 -4.74 -15.15 -54.48
N GLY A 109 -3.67 -15.72 -53.93
CA GLY A 109 -2.73 -15.00 -53.08
C GLY A 109 -3.11 -15.01 -51.61
N ASN A 110 -3.24 -13.82 -51.04
CA ASN A 110 -3.69 -13.66 -49.66
C ASN A 110 -5.09 -13.06 -49.54
N ALA A 111 -5.62 -12.58 -50.67
CA ALA A 111 -6.91 -11.90 -50.70
C ALA A 111 -8.10 -12.81 -50.34
N SER A 112 -8.97 -12.30 -49.47
CA SER A 112 -10.25 -12.92 -49.16
C SER A 112 -11.22 -11.87 -48.63
N GLU A 113 -12.52 -12.08 -48.82
CA GLU A 113 -13.51 -11.20 -48.22
C GLU A 113 -14.52 -12.03 -47.44
N SER A 114 -14.74 -11.66 -46.19
CA SER A 114 -15.67 -12.38 -45.33
C SER A 114 -17.06 -11.77 -45.36
N PHE A 115 -18.04 -12.54 -44.90
CA PHE A 115 -19.43 -12.12 -44.87
C PHE A 115 -20.21 -12.81 -43.76
N LEU A 116 -21.23 -12.11 -43.24
CA LEU A 116 -22.19 -12.71 -42.32
C LEU A 116 -23.55 -12.07 -42.61
N HIS A 117 -24.44 -12.86 -43.21
CA HIS A 117 -25.75 -12.39 -43.62
C HIS A 117 -26.83 -13.08 -42.86
N VAL A 118 -27.79 -12.30 -42.37
CA VAL A 118 -28.89 -12.84 -41.59
C VAL A 118 -30.21 -12.58 -42.30
N ALA A 119 -30.98 -13.64 -42.52
CA ALA A 119 -32.30 -13.52 -43.12
C ALA A 119 -33.39 -13.84 -42.11
N PHE A 120 -34.41 -13.00 -42.08
CA PHE A 120 -35.52 -13.13 -41.15
C PHE A 120 -36.76 -13.38 -41.98
N GLN A 121 -37.42 -14.52 -41.72
CA GLN A 121 -38.62 -14.94 -42.45
C GLN A 121 -38.34 -14.97 -43.95
N GLY A 122 -37.22 -15.57 -44.31
CA GLY A 122 -36.79 -15.70 -45.70
C GLY A 122 -36.34 -14.43 -46.40
N LYS A 123 -36.14 -13.35 -45.65
CA LYS A 123 -35.71 -12.08 -46.24
C LYS A 123 -34.46 -11.49 -45.58
N TYR A 124 -33.46 -11.21 -46.40
CA TYR A 124 -32.19 -10.62 -45.97
C TYR A 124 -32.41 -9.29 -45.22
N VAL A 125 -32.02 -9.24 -43.95
CA VAL A 125 -32.32 -8.08 -43.10
C VAL A 125 -31.13 -7.45 -42.38
N VAL A 126 -30.19 -8.30 -41.95
CA VAL A 126 -29.07 -7.84 -41.13
C VAL A 126 -27.78 -8.50 -41.57
N ARG A 127 -26.71 -7.72 -41.59
CA ARG A 127 -25.36 -8.24 -41.81
C ARG A 127 -24.43 -7.74 -40.71
N PHE A 128 -23.30 -8.42 -40.54
CA PHE A 128 -22.23 -7.89 -39.72
C PHE A 128 -21.27 -7.15 -40.64
N TRP A 129 -21.07 -5.87 -40.36
CA TRP A 129 -20.22 -5.04 -41.22
C TRP A 129 -19.22 -4.28 -40.41
N GLY A 130 -17.95 -4.60 -40.61
CA GLY A 130 -16.86 -3.94 -39.89
C GLY A 130 -16.79 -4.36 -38.43
N THR A 131 -17.38 -3.56 -37.55
CA THR A 131 -17.29 -3.78 -36.11
C THR A 131 -18.64 -4.06 -35.46
N SER A 132 -19.73 -3.92 -36.22
CA SER A 132 -21.06 -4.08 -35.65
C SER A 132 -22.07 -4.72 -36.59
N TRP A 133 -23.18 -5.17 -36.02
CA TRP A 133 -24.35 -5.59 -36.77
C TRP A 133 -25.02 -4.38 -37.30
N GLN A 134 -25.61 -4.49 -38.49
CA GLN A 134 -26.40 -3.40 -39.02
C GLN A 134 -27.52 -3.92 -39.93
N THR A 135 -28.64 -3.21 -39.89
CA THR A 135 -29.78 -3.51 -40.75
C THR A 135 -29.48 -3.00 -42.14
N VAL A 136 -29.81 -3.81 -43.15
CA VAL A 136 -29.62 -3.42 -44.55
C VAL A 136 -30.78 -2.53 -45.01
N PRO A 137 -30.53 -1.64 -45.99
CA PRO A 137 -31.64 -0.89 -46.61
C PRO A 137 -32.82 -1.80 -46.99
N GLY A 138 -34.03 -1.35 -46.67
CA GLY A 138 -35.24 -2.13 -46.93
C GLY A 138 -35.75 -2.88 -45.71
N ALA A 139 -34.84 -3.25 -44.81
CA ALA A 139 -35.18 -4.00 -43.59
C ALA A 139 -36.16 -3.26 -42.68
N PRO A 140 -37.13 -4.00 -42.10
CA PRO A 140 -38.20 -3.43 -41.28
C PRO A 140 -37.71 -2.55 -40.13
N SER A 141 -38.51 -1.55 -39.81
CA SER A 141 -38.18 -0.51 -38.85
C SER A 141 -37.90 -1.04 -37.43
N TRP A 142 -38.64 -2.05 -37.01
CA TRP A 142 -38.60 -2.55 -35.63
C TRP A 142 -37.32 -3.23 -35.23
N LEU A 143 -36.51 -3.63 -36.22
CA LEU A 143 -35.24 -4.31 -35.97
C LEU A 143 -34.18 -3.42 -35.34
N ASP A 144 -34.44 -2.12 -35.34
CA ASP A 144 -33.48 -1.12 -34.85
C ASP A 144 -33.08 -1.32 -33.38
N LEU A 145 -34.07 -1.56 -32.52
CA LEU A 145 -33.80 -1.78 -31.10
C LEU A 145 -32.99 -3.06 -30.83
N PRO A 146 -33.43 -4.22 -31.37
CA PRO A 146 -32.66 -5.46 -31.22
C PRO A 146 -31.20 -5.34 -31.64
N ILE A 147 -30.95 -4.70 -32.77
CA ILE A 147 -29.59 -4.54 -33.27
C ILE A 147 -28.78 -3.62 -32.35
N LYS A 148 -29.40 -2.54 -31.89
CA LYS A 148 -28.78 -1.66 -30.90
C LYS A 148 -28.44 -2.44 -29.62
N VAL A 149 -29.37 -3.27 -29.17
CA VAL A 149 -29.17 -4.10 -27.98
C VAL A 149 -28.01 -5.06 -28.18
N LEU A 150 -28.01 -5.78 -29.30
CA LEU A 150 -26.93 -6.74 -29.61
C LEU A 150 -25.57 -6.08 -29.77
N ASN A 151 -25.56 -4.87 -30.30
CA ASN A 151 -24.32 -4.13 -30.48
C ASN A 151 -23.69 -3.64 -29.17
N ALA A 152 -24.47 -3.71 -28.08
CA ALA A 152 -23.95 -3.40 -26.75
C ALA A 152 -23.03 -4.52 -26.27
N ASP A 153 -23.25 -5.73 -26.78
CA ASP A 153 -22.45 -6.91 -26.43
C ASP A 153 -21.14 -6.86 -27.20
N GLN A 154 -20.19 -6.14 -26.62
CA GLN A 154 -18.87 -5.96 -27.21
C GLN A 154 -18.11 -7.26 -27.37
N GLY A 155 -18.22 -8.14 -26.37
CA GLY A 155 -17.61 -9.46 -26.42
C GLY A 155 -17.95 -10.17 -27.73
N THR A 156 -19.23 -10.17 -28.07
CA THR A 156 -19.70 -10.76 -29.32
C THR A 156 -19.06 -10.08 -30.54
N SER A 157 -19.17 -8.75 -30.62
CA SER A 157 -18.53 -7.96 -31.68
C SER A 157 -17.08 -8.37 -31.86
N ALA A 158 -16.32 -8.34 -30.77
CA ALA A 158 -14.91 -8.69 -30.77
C ALA A 158 -14.66 -10.10 -31.32
N THR A 159 -15.49 -11.06 -30.91
CA THR A 159 -15.37 -12.45 -31.35
C THR A 159 -15.65 -12.56 -32.85
N VAL A 160 -16.82 -12.08 -33.26
CA VAL A 160 -17.25 -12.08 -34.65
C VAL A 160 -16.21 -11.42 -35.56
N GLN A 161 -15.63 -10.31 -35.12
CA GLN A 161 -14.58 -9.65 -35.87
C GLN A 161 -13.41 -10.59 -36.09
N MET A 162 -12.92 -11.17 -35.00
CA MET A 162 -11.79 -12.11 -35.06
C MET A 162 -12.12 -13.31 -35.96
N LEU A 163 -13.32 -13.86 -35.82
CA LEU A 163 -13.77 -14.96 -36.66
C LEU A 163 -13.75 -14.62 -38.14
N LEU A 164 -14.33 -13.48 -38.50
CA LEU A 164 -14.43 -13.07 -39.89
C LEU A 164 -13.09 -12.64 -40.47
N ASN A 165 -12.40 -11.75 -39.78
CA ASN A 165 -11.14 -11.19 -40.26
C ASN A 165 -9.99 -12.19 -40.30
N ASP A 166 -9.87 -13.00 -39.25
CA ASP A 166 -8.71 -13.88 -39.06
C ASP A 166 -9.02 -15.37 -39.17
N THR A 167 -9.96 -15.85 -38.37
CA THR A 167 -10.20 -17.29 -38.25
C THR A 167 -10.63 -17.92 -39.59
N CYS A 168 -11.63 -17.33 -40.24
CA CYS A 168 -12.19 -17.86 -41.48
C CYS A 168 -11.10 -18.10 -42.52
N PRO A 169 -10.41 -17.05 -42.98
CA PRO A 169 -9.46 -17.27 -44.07
C PRO A 169 -8.37 -18.27 -43.68
N LEU A 170 -7.84 -18.14 -42.46
CA LEU A 170 -6.83 -19.05 -41.94
C LEU A 170 -7.27 -20.53 -41.97
N PHE A 171 -8.50 -20.78 -41.51
CA PHE A 171 -9.03 -22.14 -41.51
C PHE A 171 -9.22 -22.69 -42.92
N VAL A 172 -9.83 -21.88 -43.79
CA VAL A 172 -10.20 -22.30 -45.15
C VAL A 172 -8.99 -22.63 -46.02
N ARG A 173 -7.89 -21.89 -45.85
CA ARG A 173 -6.62 -22.22 -46.49
C ARG A 173 -6.22 -23.64 -46.11
N GLY A 174 -6.40 -23.96 -44.83
CA GLY A 174 -6.22 -25.32 -44.33
C GLY A 174 -7.05 -26.33 -45.10
N LEU A 175 -8.33 -26.03 -45.29
CA LEU A 175 -9.24 -26.92 -46.02
C LEU A 175 -8.87 -27.07 -47.48
N LEU A 176 -8.60 -25.94 -48.13
CA LEU A 176 -8.24 -25.92 -49.55
C LEU A 176 -6.98 -26.71 -49.83
N GLU A 177 -6.06 -26.73 -48.86
CA GLU A 177 -4.87 -27.55 -48.96
C GLU A 177 -5.18 -29.00 -48.63
N ALA A 178 -5.93 -29.22 -47.55
CA ALA A 178 -6.23 -30.57 -47.05
C ALA A 178 -7.08 -31.39 -48.01
N GLY A 179 -8.05 -30.75 -48.65
CA GLY A 179 -8.96 -31.43 -49.57
C GLY A 179 -8.70 -31.13 -51.03
N LYS A 180 -7.45 -30.82 -51.35
CA LYS A 180 -7.03 -30.43 -52.69
C LYS A 180 -7.37 -31.52 -53.71
N SER A 181 -7.12 -32.78 -53.35
CA SER A 181 -7.36 -33.91 -54.25
C SER A 181 -8.84 -34.24 -54.45
N ASP A 182 -9.70 -33.77 -53.54
CA ASP A 182 -11.14 -33.87 -53.76
C ASP A 182 -11.65 -32.69 -54.57
N LEU A 183 -11.30 -31.48 -54.14
CA LEU A 183 -11.75 -30.25 -54.79
C LEU A 183 -11.35 -30.18 -56.26
N GLU A 184 -10.24 -30.82 -56.61
CA GLU A 184 -9.73 -30.75 -57.98
C GLU A 184 -10.03 -32.00 -58.81
N LYS A 185 -10.92 -32.86 -58.31
CA LYS A 185 -11.32 -34.08 -59.03
C LYS A 185 -12.02 -33.73 -60.34
N GLN A 186 -11.80 -34.57 -61.35
CA GLN A 186 -12.50 -34.45 -62.63
C GLN A 186 -13.36 -35.69 -62.85
N GLU A 187 -14.67 -35.49 -62.90
CA GLU A 187 -15.61 -36.58 -63.11
C GLU A 187 -16.29 -36.43 -64.47
N LYS A 188 -16.22 -37.49 -65.29
CA LYS A 188 -16.73 -37.47 -66.66
C LYS A 188 -18.26 -37.49 -66.77
N PRO A 189 -18.84 -36.60 -67.58
CA PRO A 189 -20.27 -36.66 -67.86
C PRO A 189 -20.60 -37.83 -68.78
N VAL A 190 -21.79 -38.40 -68.59
CA VAL A 190 -22.35 -39.42 -69.46
C VAL A 190 -23.66 -38.83 -69.98
N ALA A 191 -23.91 -38.97 -71.28
CA ALA A 191 -25.11 -38.37 -71.87
C ALA A 191 -26.08 -39.40 -72.45
N TRP A 192 -27.37 -39.07 -72.39
CA TRP A 192 -28.41 -39.82 -73.10
C TRP A 192 -29.54 -38.93 -73.55
N LEU A 193 -30.32 -39.42 -74.51
CA LEU A 193 -31.41 -38.63 -75.12
C LEU A 193 -32.80 -39.14 -74.74
N SER A 194 -33.81 -38.27 -74.88
CA SER A 194 -35.22 -38.63 -74.65
C SER A 194 -36.22 -37.63 -75.24
N SER A 195 -37.51 -37.91 -75.05
CA SER A 195 -38.59 -36.92 -75.23
C SER A 195 -39.48 -36.78 -73.98
N GLY A 202 -45.98 -27.61 -72.46
CA GLY A 202 -46.64 -28.44 -73.47
C GLY A 202 -46.09 -28.26 -74.87
N HIS A 203 -44.76 -28.17 -74.99
CA HIS A 203 -44.07 -28.06 -76.28
C HIS A 203 -43.34 -29.34 -76.58
N ARG A 204 -43.51 -29.88 -77.78
CA ARG A 204 -42.84 -31.11 -78.17
C ARG A 204 -41.34 -30.87 -78.29
N GLN A 205 -40.55 -31.66 -77.57
CA GLN A 205 -39.12 -31.43 -77.54
C GLN A 205 -38.28 -32.70 -77.40
N LEU A 206 -36.98 -32.58 -77.67
CA LEU A 206 -36.01 -33.61 -77.35
C LEU A 206 -35.25 -33.16 -76.11
N VAL A 207 -34.93 -34.11 -75.23
CA VAL A 207 -34.16 -33.78 -74.02
C VAL A 207 -32.80 -34.47 -74.05
N CYS A 208 -31.75 -33.68 -73.87
CA CYS A 208 -30.41 -34.24 -73.73
C CYS A 208 -29.98 -34.26 -72.26
N HIS A 209 -29.85 -35.46 -71.69
CA HIS A 209 -29.42 -35.64 -70.31
C HIS A 209 -27.94 -35.76 -70.20
N VAL A 210 -27.33 -34.95 -69.32
CA VAL A 210 -25.88 -34.98 -69.09
C VAL A 210 -25.63 -35.11 -67.58
N SER A 211 -25.13 -36.27 -67.15
CA SER A 211 -25.02 -36.55 -65.71
C SER A 211 -23.66 -37.10 -65.29
N GLY A 212 -23.29 -36.81 -64.05
CA GLY A 212 -22.07 -37.38 -63.46
C GLY A 212 -20.82 -36.55 -63.58
N PHE A 213 -20.95 -35.32 -64.08
CA PHE A 213 -19.77 -34.47 -64.28
C PHE A 213 -19.37 -33.67 -63.05
N TYR A 214 -18.06 -33.38 -62.96
CA TYR A 214 -17.52 -32.47 -61.98
C TYR A 214 -16.20 -31.90 -62.50
N PRO A 215 -15.98 -30.58 -62.33
CA PRO A 215 -16.82 -29.56 -61.69
C PRO A 215 -17.94 -29.03 -62.60
N LYS A 216 -18.63 -27.98 -62.15
CA LYS A 216 -19.82 -27.47 -62.84
C LYS A 216 -19.61 -26.99 -64.27
N PRO A 217 -18.57 -26.16 -64.53
CA PRO A 217 -18.46 -25.63 -65.90
C PRO A 217 -18.62 -26.74 -66.95
N VAL A 218 -19.73 -26.66 -67.71
CA VAL A 218 -20.02 -27.61 -68.78
C VAL A 218 -20.69 -26.90 -69.95
N TRP A 219 -20.53 -27.46 -71.15
CA TRP A 219 -21.05 -26.88 -72.37
C TRP A 219 -21.88 -27.91 -73.08
N VAL A 220 -23.19 -27.66 -73.17
CA VAL A 220 -24.14 -28.58 -73.80
C VAL A 220 -24.93 -27.88 -74.89
N MET A 221 -24.90 -28.45 -76.09
CA MET A 221 -25.59 -27.86 -77.23
C MET A 221 -26.19 -28.88 -78.17
N TRP A 222 -27.41 -28.60 -78.61
CA TRP A 222 -28.01 -29.36 -79.68
C TRP A 222 -27.42 -28.88 -80.97
N MET A 223 -27.13 -29.83 -81.86
CA MET A 223 -26.48 -29.50 -83.13
C MET A 223 -26.96 -30.32 -84.31
N ARG A 224 -27.09 -29.65 -85.45
CA ARG A 224 -27.25 -30.34 -86.73
C ARG A 224 -25.94 -30.13 -87.49
N GLY A 225 -25.03 -31.10 -87.37
CA GLY A 225 -23.70 -31.02 -87.95
C GLY A 225 -22.87 -29.93 -87.30
N ASP A 226 -22.30 -29.06 -88.12
CA ASP A 226 -21.51 -27.91 -87.66
C ASP A 226 -22.35 -26.86 -86.95
N GLN A 227 -23.64 -26.80 -87.31
CA GLN A 227 -24.54 -25.75 -86.88
C GLN A 227 -25.11 -25.98 -85.48
N GLU A 228 -24.79 -25.06 -84.58
CA GLU A 228 -25.35 -25.07 -83.22
C GLU A 228 -26.81 -24.62 -83.28
N GLN A 229 -27.69 -25.37 -82.62
CA GLN A 229 -29.11 -25.04 -82.60
C GLN A 229 -29.41 -24.04 -81.50
N GLN A 230 -29.66 -22.79 -81.89
CA GLN A 230 -29.83 -21.70 -80.92
C GLN A 230 -31.04 -21.82 -80.03
N GLY A 231 -31.93 -22.75 -80.37
CA GLY A 231 -33.11 -23.00 -79.57
C GLY A 231 -32.86 -23.95 -78.41
N THR A 232 -31.58 -24.29 -78.18
CA THR A 232 -31.19 -25.15 -77.06
C THR A 232 -31.49 -24.44 -75.75
N HIS A 233 -32.41 -25.00 -74.98
N HIS A 233 -32.40 -25.02 -74.96
CA HIS A 233 -32.66 -24.47 -73.63
CA HIS A 233 -32.70 -24.50 -73.63
C HIS A 233 -31.89 -25.25 -72.63
C HIS A 233 -31.93 -25.25 -72.59
N ARG A 234 -31.07 -24.54 -71.87
CA ARG A 234 -30.27 -25.13 -70.80
C ARG A 234 -31.13 -25.15 -69.53
N GLY A 235 -31.15 -26.28 -68.83
CA GLY A 235 -31.93 -26.40 -67.60
C GLY A 235 -31.14 -25.87 -66.41
N ASP A 236 -31.66 -26.12 -65.22
CA ASP A 236 -30.91 -25.85 -63.98
C ASP A 236 -29.87 -26.94 -63.74
N PHE A 237 -28.87 -26.64 -62.93
CA PHE A 237 -27.90 -27.65 -62.49
C PHE A 237 -28.47 -28.39 -61.29
N LEU A 238 -28.57 -29.71 -61.40
CA LEU A 238 -29.15 -30.52 -60.32
C LEU A 238 -28.09 -31.42 -59.70
N PRO A 239 -28.08 -31.53 -58.36
CA PRO A 239 -27.04 -32.32 -57.71
C PRO A 239 -27.36 -33.79 -57.75
N ASN A 240 -26.33 -34.62 -57.87
CA ASN A 240 -26.45 -36.05 -57.67
C ASN A 240 -26.07 -36.40 -56.24
N ALA A 241 -26.42 -37.60 -55.80
CA ALA A 241 -26.08 -38.02 -54.43
C ALA A 241 -24.57 -38.12 -54.20
N ASP A 242 -23.80 -38.36 -55.26
CA ASP A 242 -22.37 -38.60 -55.15
C ASP A 242 -21.51 -37.40 -55.51
N GLU A 243 -21.99 -36.20 -55.18
CA GLU A 243 -21.28 -34.96 -55.47
C GLU A 243 -20.77 -34.84 -56.91
N THR A 244 -21.69 -35.08 -57.85
CA THR A 244 -21.49 -34.79 -59.28
C THR A 244 -22.74 -34.06 -59.78
N TRP A 245 -22.69 -33.58 -61.00
CA TRP A 245 -23.78 -32.74 -61.50
C TRP A 245 -24.61 -33.36 -62.58
N TYR A 246 -25.87 -32.93 -62.62
CA TYR A 246 -26.83 -33.37 -63.62
C TYR A 246 -27.41 -32.11 -64.26
N LEU A 247 -27.54 -32.14 -65.58
CA LEU A 247 -28.09 -31.02 -66.31
C LEU A 247 -28.73 -31.55 -67.58
N GLN A 248 -29.81 -30.90 -68.00
CA GLN A 248 -30.43 -31.25 -69.28
C GLN A 248 -30.67 -30.05 -70.19
N ALA A 249 -30.28 -30.22 -71.45
CA ALA A 249 -30.55 -29.24 -72.49
C ALA A 249 -31.67 -29.77 -73.36
N THR A 250 -32.69 -28.94 -73.56
CA THR A 250 -33.82 -29.34 -74.38
C THR A 250 -33.82 -28.57 -75.69
N LEU A 251 -34.58 -29.08 -76.65
CA LEU A 251 -34.76 -28.42 -77.95
C LEU A 251 -36.15 -28.72 -78.48
N ASP A 252 -36.91 -27.69 -78.77
CA ASP A 252 -38.24 -27.84 -79.34
C ASP A 252 -38.13 -28.44 -80.72
N VAL A 253 -38.82 -29.55 -80.94
CA VAL A 253 -38.79 -30.25 -82.24
C VAL A 253 -40.13 -30.87 -82.59
N GLU A 254 -40.55 -30.66 -83.84
CA GLU A 254 -41.74 -31.32 -84.36
C GLU A 254 -41.38 -32.65 -85.04
N ALA A 255 -42.37 -33.54 -85.19
CA ALA A 255 -42.13 -34.87 -85.77
C ALA A 255 -41.55 -34.82 -87.20
N GLY A 256 -40.29 -35.23 -87.34
CA GLY A 256 -39.56 -35.13 -88.59
C GLY A 256 -38.33 -34.23 -88.51
N GLU A 257 -38.28 -33.41 -87.48
CA GLU A 257 -37.15 -32.52 -87.25
C GLU A 257 -36.06 -33.17 -86.41
N GLU A 258 -36.30 -34.38 -85.92
CA GLU A 258 -35.34 -35.04 -85.03
C GLU A 258 -34.12 -35.56 -85.77
N ALA A 259 -34.35 -36.24 -86.88
CA ALA A 259 -33.27 -36.85 -87.65
C ALA A 259 -32.20 -35.81 -87.98
N GLY A 260 -30.94 -36.19 -87.85
CA GLY A 260 -29.82 -35.30 -88.13
C GLY A 260 -29.37 -34.46 -86.94
N LEU A 261 -30.09 -34.54 -85.83
CA LEU A 261 -29.69 -33.83 -84.62
C LEU A 261 -28.77 -34.66 -83.76
N ALA A 262 -27.91 -33.96 -83.02
CA ALA A 262 -27.01 -34.59 -82.06
C ALA A 262 -26.81 -33.67 -80.86
N CYS A 263 -26.54 -34.28 -79.72
CA CYS A 263 -26.19 -33.55 -78.52
C CYS A 263 -24.68 -33.58 -78.34
N ARG A 264 -24.09 -32.40 -78.16
CA ARG A 264 -22.66 -32.30 -77.98
C ARG A 264 -22.30 -31.78 -76.58
N VAL A 265 -21.32 -32.40 -75.95
CA VAL A 265 -20.93 -32.03 -74.60
C VAL A 265 -19.42 -31.75 -74.51
N LYS A 266 -19.07 -30.52 -74.15
CA LYS A 266 -17.70 -30.15 -73.83
C LYS A 266 -17.56 -30.03 -72.31
N HIS A 267 -16.54 -30.70 -71.77
CA HIS A 267 -16.26 -30.66 -70.33
C HIS A 267 -14.81 -30.89 -70.06
N SER A 268 -14.30 -30.23 -69.04
CA SER A 268 -12.88 -30.31 -68.67
C SER A 268 -12.33 -31.73 -68.51
N SER A 269 -13.17 -32.64 -68.03
CA SER A 269 -12.76 -34.02 -67.74
C SER A 269 -12.55 -34.86 -68.99
N LEU A 270 -13.12 -34.44 -70.12
CA LEU A 270 -13.05 -35.23 -71.36
C LEU A 270 -11.74 -35.16 -72.13
N GLY A 271 -10.88 -34.22 -71.75
CA GLY A 271 -9.57 -34.04 -72.40
C GLY A 271 -9.64 -33.75 -73.88
N GLY A 272 -10.50 -32.80 -74.26
CA GLY A 272 -10.64 -32.37 -75.65
C GLY A 272 -11.45 -33.29 -76.54
N GLN A 273 -12.03 -34.34 -75.96
CA GLN A 273 -12.80 -35.32 -76.72
C GLN A 273 -14.27 -35.28 -76.34
N ASP A 274 -15.01 -34.39 -77.01
CA ASP A 274 -16.41 -34.13 -76.70
C ASP A 274 -17.32 -35.33 -76.92
N ILE A 275 -18.32 -35.48 -76.06
CA ILE A 275 -19.39 -36.43 -76.29
C ILE A 275 -20.26 -35.90 -77.43
N ILE A 276 -20.41 -36.69 -78.49
CA ILE A 276 -21.34 -36.38 -79.57
C ILE A 276 -22.37 -37.50 -79.65
N LEU A 277 -23.62 -37.19 -79.31
CA LEU A 277 -24.66 -38.20 -79.29
C LEU A 277 -25.76 -37.96 -80.34
N TYR A 278 -25.81 -38.83 -81.35
CA TYR A 278 -26.78 -38.73 -82.42
C TYR A 278 -28.11 -39.43 -82.08
N TRP A 279 -29.20 -38.86 -82.60
CA TRP A 279 -30.56 -39.37 -82.39
C TRP A 279 -30.97 -40.45 -83.40
N HIS A 280 -31.80 -41.43 -82.98
CA HIS A 280 -32.61 -42.29 -83.90
C HIS A 280 -33.92 -42.79 -83.29
N HIS A 281 -34.46 -43.93 -83.78
CA HIS A 281 -35.76 -44.50 -83.34
C HIS A 281 -35.74 -45.11 -81.94
N HIS A 282 -35.44 -44.27 -80.95
CA HIS A 282 -34.95 -44.63 -79.60
C HIS A 282 -33.56 -45.23 -79.57
N HIS A 283 -33.13 -45.74 -80.72
CA HIS A 283 -31.77 -46.27 -80.90
C HIS A 283 -30.78 -45.17 -81.20
N HIS A 284 -30.56 -44.29 -80.23
CA HIS A 284 -29.58 -43.21 -80.34
C HIS A 284 -28.18 -43.76 -80.30
N HIS A 285 -27.25 -43.11 -81.00
CA HIS A 285 -25.89 -43.64 -81.10
C HIS A 285 -24.79 -42.61 -81.01
N HIS A 286 -23.56 -43.11 -80.77
CA HIS A 286 -22.33 -42.35 -80.97
C HIS A 286 -21.77 -42.74 -82.30
N ILE B 1 -44.08 -15.16 -45.01
CA ILE B 1 -44.82 -15.77 -46.15
C ILE B 1 -44.37 -17.21 -46.44
N GLN B 2 -45.00 -17.83 -47.45
CA GLN B 2 -44.69 -19.20 -47.86
C GLN B 2 -44.33 -19.27 -49.33
N LYS B 3 -43.50 -20.24 -49.69
CA LYS B 3 -43.14 -20.50 -51.08
C LYS B 3 -43.30 -22.00 -51.38
N THR B 4 -44.05 -22.32 -52.43
CA THR B 4 -44.40 -23.71 -52.75
C THR B 4 -43.22 -24.47 -53.37
N PRO B 5 -43.03 -25.74 -52.98
CA PRO B 5 -41.88 -26.52 -53.45
C PRO B 5 -41.92 -26.92 -54.92
N GLN B 6 -40.75 -27.01 -55.55
N GLN B 6 -40.75 -26.98 -55.56
CA GLN B 6 -40.63 -27.49 -56.92
CA GLN B 6 -40.63 -27.52 -56.91
C GLN B 6 -39.89 -28.83 -56.96
C GLN B 6 -39.92 -28.85 -56.87
N ILE B 7 -40.60 -29.88 -57.38
CA ILE B 7 -40.07 -31.25 -57.37
C ILE B 7 -39.44 -31.65 -58.71
N GLN B 8 -38.24 -32.23 -58.67
CA GLN B 8 -37.61 -32.72 -59.88
C GLN B 8 -37.08 -34.14 -59.74
N VAL B 9 -37.61 -35.06 -60.55
CA VAL B 9 -37.19 -36.46 -60.51
C VAL B 9 -36.30 -36.80 -61.71
N TYR B 10 -35.15 -37.42 -61.45
CA TYR B 10 -34.20 -37.78 -62.51
C TYR B 10 -33.31 -38.93 -62.06
N SER B 11 -32.78 -39.68 -63.02
CA SER B 11 -31.88 -40.78 -62.71
C SER B 11 -30.42 -40.33 -62.76
N ARG B 12 -29.57 -41.05 -62.06
CA ARG B 12 -28.14 -40.75 -62.01
C ARG B 12 -27.46 -41.16 -63.32
N HIS B 13 -27.85 -42.33 -63.83
CA HIS B 13 -27.25 -42.90 -65.03
C HIS B 13 -28.29 -43.08 -66.12
N PRO B 14 -27.81 -43.26 -67.37
CA PRO B 14 -28.75 -43.59 -68.45
C PRO B 14 -29.64 -44.76 -68.05
N PRO B 15 -30.96 -44.59 -68.15
CA PRO B 15 -31.85 -45.62 -67.63
C PRO B 15 -32.03 -46.77 -68.60
N GLU B 16 -31.31 -47.86 -68.37
CA GLU B 16 -31.56 -49.12 -69.09
C GLU B 16 -32.07 -50.16 -68.11
N ASN B 17 -33.02 -50.96 -68.57
CA ASN B 17 -33.65 -51.96 -67.72
C ASN B 17 -32.66 -53.04 -67.31
N GLY B 18 -32.73 -53.43 -66.04
CA GLY B 18 -31.87 -54.46 -65.52
C GLY B 18 -30.47 -54.01 -65.12
N LYS B 19 -30.16 -52.73 -65.33
CA LYS B 19 -28.89 -52.21 -64.85
C LYS B 19 -29.14 -51.30 -63.65
N PRO B 20 -28.47 -51.56 -62.51
CA PRO B 20 -28.62 -50.75 -61.30
C PRO B 20 -28.37 -49.27 -61.54
N ASN B 21 -29.15 -48.45 -60.85
CA ASN B 21 -29.16 -47.01 -61.03
C ASN B 21 -29.54 -46.36 -59.71
N ILE B 22 -29.53 -45.02 -59.68
CA ILE B 22 -30.00 -44.26 -58.53
C ILE B 22 -30.99 -43.22 -59.03
N LEU B 23 -32.17 -43.19 -58.41
CA LEU B 23 -33.18 -42.19 -58.74
C LEU B 23 -33.14 -41.03 -57.74
N ASN B 24 -33.05 -39.82 -58.28
CA ASN B 24 -32.98 -38.62 -57.47
C ASN B 24 -34.30 -37.85 -57.50
N CYS B 25 -34.79 -37.48 -56.32
CA CYS B 25 -35.87 -36.52 -56.19
C CYS B 25 -35.31 -35.26 -55.54
N TYR B 26 -35.34 -34.17 -56.29
CA TYR B 26 -34.74 -32.91 -55.84
C TYR B 26 -35.79 -31.81 -55.63
N VAL B 27 -36.06 -31.52 -54.38
CA VAL B 27 -37.10 -30.57 -54.00
C VAL B 27 -36.47 -29.23 -53.64
N THR B 28 -36.91 -28.16 -54.31
CA THR B 28 -36.34 -26.82 -54.08
C THR B 28 -37.40 -25.75 -53.91
N GLN B 29 -36.95 -24.52 -53.63
CA GLN B 29 -37.78 -23.33 -53.69
C GLN B 29 -38.89 -23.24 -52.63
N PHE B 30 -38.76 -24.00 -51.54
CA PHE B 30 -39.80 -24.00 -50.51
C PHE B 30 -39.44 -23.21 -49.26
N HIS B 31 -40.48 -22.84 -48.51
CA HIS B 31 -40.34 -22.12 -47.24
C HIS B 31 -41.66 -22.21 -46.53
N PRO B 32 -41.64 -22.49 -45.21
CA PRO B 32 -40.53 -22.81 -44.32
C PRO B 32 -39.91 -24.19 -44.56
N PRO B 33 -38.76 -24.49 -43.92
CA PRO B 33 -37.98 -25.70 -44.17
C PRO B 33 -38.61 -27.05 -43.81
N HIS B 34 -39.72 -27.04 -43.07
N HIS B 34 -39.71 -27.04 -43.04
CA HIS B 34 -40.41 -28.26 -42.69
CA HIS B 34 -40.41 -28.28 -42.68
C HIS B 34 -41.14 -28.86 -43.87
C HIS B 34 -41.13 -28.86 -43.87
N ILE B 35 -40.75 -30.08 -44.25
CA ILE B 35 -41.29 -30.75 -45.44
C ILE B 35 -41.30 -32.28 -45.30
N GLU B 36 -42.31 -32.92 -45.87
CA GLU B 36 -42.34 -34.37 -45.98
C GLU B 36 -42.15 -34.80 -47.44
N ILE B 37 -41.19 -35.70 -47.66
CA ILE B 37 -40.86 -36.21 -49.00
C ILE B 37 -40.80 -37.72 -48.92
N GLN B 38 -41.48 -38.40 -49.81
CA GLN B 38 -41.27 -39.85 -49.97
C GLN B 38 -41.23 -40.24 -51.43
N MET B 39 -40.48 -41.29 -51.73
CA MET B 39 -40.38 -41.79 -53.10
C MET B 39 -41.18 -43.07 -53.22
N LEU B 40 -41.86 -43.21 -54.35
CA LEU B 40 -42.84 -44.27 -54.52
C LEU B 40 -42.44 -45.20 -55.66
N LYS B 41 -42.62 -46.50 -55.45
CA LYS B 41 -42.49 -47.49 -56.52
C LYS B 41 -43.84 -48.18 -56.70
N ASN B 42 -44.45 -47.96 -57.86
CA ASN B 42 -45.77 -48.51 -58.20
C ASN B 42 -46.82 -48.16 -57.16
N GLY B 43 -46.75 -46.95 -56.64
CA GLY B 43 -47.76 -46.44 -55.72
C GLY B 43 -47.48 -46.68 -54.25
N LYS B 44 -46.81 -47.80 -53.94
CA LYS B 44 -46.35 -48.09 -52.58
C LYS B 44 -45.02 -47.38 -52.35
N LYS B 45 -44.81 -46.86 -51.15
CA LYS B 45 -43.59 -46.09 -50.88
C LYS B 45 -42.35 -46.96 -50.70
N ILE B 46 -41.22 -46.49 -51.23
CA ILE B 46 -39.94 -47.18 -51.12
C ILE B 46 -39.41 -47.01 -49.69
N PRO B 47 -39.07 -48.12 -49.02
CA PRO B 47 -38.64 -48.03 -47.62
C PRO B 47 -37.27 -47.38 -47.46
N LYS B 48 -36.26 -47.83 -48.20
CA LYS B 48 -34.92 -47.26 -48.07
C LYS B 48 -34.69 -46.07 -49.02
N VAL B 49 -35.09 -44.89 -48.58
CA VAL B 49 -34.84 -43.65 -49.32
C VAL B 49 -33.89 -42.78 -48.49
N GLU B 50 -32.72 -42.47 -49.07
CA GLU B 50 -31.74 -41.67 -48.38
C GLU B 50 -31.96 -40.19 -48.66
N MET B 51 -31.71 -39.38 -47.63
CA MET B 51 -32.03 -37.96 -47.65
C MET B 51 -30.79 -37.15 -47.31
N SER B 52 -30.49 -36.16 -48.14
CA SER B 52 -29.37 -35.25 -47.88
C SER B 52 -29.73 -34.28 -46.78
N ASP B 53 -28.71 -33.66 -46.17
CA ASP B 53 -28.97 -32.63 -45.16
C ASP B 53 -29.60 -31.44 -45.85
N MET B 54 -30.62 -30.84 -45.22
CA MET B 54 -31.22 -29.66 -45.80
C MET B 54 -30.25 -28.49 -45.81
N SER B 55 -30.33 -27.70 -46.87
CA SER B 55 -29.48 -26.56 -47.08
C SER B 55 -30.31 -25.49 -47.76
N PHE B 56 -29.70 -24.35 -48.08
CA PHE B 56 -30.36 -23.33 -48.85
C PHE B 56 -29.36 -22.58 -49.75
N SER B 57 -29.83 -22.09 -50.88
CA SER B 57 -28.98 -21.35 -51.82
C SER B 57 -29.10 -19.83 -51.64
N LYS B 58 -28.36 -19.08 -52.46
CA LYS B 58 -28.23 -17.61 -52.30
C LYS B 58 -29.53 -16.84 -52.11
N ASP B 59 -30.59 -17.24 -52.82
CA ASP B 59 -31.89 -16.56 -52.72
C ASP B 59 -32.67 -16.87 -51.44
N TRP B 60 -32.03 -17.60 -50.51
CA TRP B 60 -32.57 -17.97 -49.19
C TRP B 60 -33.60 -19.06 -49.18
N SER B 61 -33.95 -19.58 -50.35
CA SER B 61 -34.91 -20.67 -50.43
C SER B 61 -34.23 -22.00 -50.15
N PHE B 62 -34.98 -22.93 -49.56
CA PHE B 62 -34.43 -24.21 -49.15
C PHE B 62 -34.39 -25.21 -50.29
N TYR B 63 -33.51 -26.20 -50.15
CA TYR B 63 -33.44 -27.33 -51.07
C TYR B 63 -33.01 -28.57 -50.32
N ILE B 64 -33.38 -29.73 -50.86
CA ILE B 64 -33.06 -31.02 -50.27
C ILE B 64 -33.10 -32.10 -51.34
N LEU B 65 -32.17 -33.05 -51.24
CA LEU B 65 -32.07 -34.14 -52.20
C LEU B 65 -32.47 -35.45 -51.55
N ALA B 66 -33.35 -36.19 -52.22
CA ALA B 66 -33.68 -37.55 -51.81
C ALA B 66 -33.23 -38.48 -52.93
N HIS B 67 -32.70 -39.63 -52.56
CA HIS B 67 -32.27 -40.61 -53.56
C HIS B 67 -32.41 -42.02 -53.07
N THR B 68 -32.60 -42.93 -54.03
CA THR B 68 -32.80 -44.35 -53.71
C THR B 68 -32.13 -45.22 -54.79
N GLU B 69 -31.52 -46.31 -54.35
CA GLU B 69 -30.91 -47.26 -55.27
C GLU B 69 -32.00 -48.14 -55.83
N PHE B 70 -32.02 -48.29 -57.15
CA PHE B 70 -33.05 -49.08 -57.84
C PHE B 70 -32.54 -49.66 -59.15
N THR B 71 -33.14 -50.78 -59.55
CA THR B 71 -32.87 -51.35 -60.85
C THR B 71 -34.15 -51.20 -61.66
N PRO B 72 -34.14 -50.35 -62.71
CA PRO B 72 -35.36 -50.14 -63.49
C PRO B 72 -35.77 -51.38 -64.27
N THR B 73 -37.07 -51.65 -64.28
CA THR B 73 -37.65 -52.65 -65.18
C THR B 73 -38.69 -51.98 -66.06
N GLU B 74 -39.21 -52.73 -67.03
CA GLU B 74 -40.19 -52.21 -67.95
C GLU B 74 -41.57 -51.97 -67.31
N THR B 75 -41.85 -52.64 -66.20
CA THR B 75 -43.17 -52.57 -65.54
C THR B 75 -43.20 -51.71 -64.28
N ASP B 76 -42.09 -51.08 -63.93
CA ASP B 76 -42.04 -50.28 -62.72
C ASP B 76 -42.15 -48.78 -62.97
N THR B 77 -43.09 -48.13 -62.29
CA THR B 77 -43.18 -46.69 -62.31
C THR B 77 -42.71 -46.12 -60.96
N TYR B 78 -41.97 -45.01 -61.01
CA TYR B 78 -41.50 -44.33 -59.83
C TYR B 78 -42.01 -42.91 -59.79
N ALA B 79 -42.26 -42.43 -58.58
CA ALA B 79 -42.71 -41.06 -58.38
C ALA B 79 -42.12 -40.49 -57.10
N CYS B 80 -42.24 -39.19 -56.95
CA CYS B 80 -41.84 -38.52 -55.73
C CYS B 80 -42.98 -37.65 -55.23
N ARG B 81 -43.44 -37.93 -54.02
CA ARG B 81 -44.56 -37.20 -53.45
C ARG B 81 -44.08 -36.32 -52.32
N VAL B 82 -44.56 -35.07 -52.31
CA VAL B 82 -44.14 -34.07 -51.35
C VAL B 82 -45.34 -33.41 -50.68
N LYS B 83 -45.29 -33.31 -49.35
CA LYS B 83 -46.31 -32.55 -48.62
C LYS B 83 -45.65 -31.34 -47.93
N HIS B 84 -46.28 -30.18 -48.07
CA HIS B 84 -45.74 -28.94 -47.52
C HIS B 84 -46.84 -28.00 -47.12
N ALA B 85 -46.59 -27.20 -46.09
CA ALA B 85 -47.56 -26.25 -45.54
C ALA B 85 -48.19 -25.33 -46.58
N SER B 86 -47.45 -25.07 -47.66
CA SER B 86 -47.87 -24.13 -48.70
C SER B 86 -48.91 -24.70 -49.66
N MET B 87 -48.94 -26.02 -49.80
CA MET B 87 -49.88 -26.68 -50.71
C MET B 87 -50.98 -27.41 -49.93
N ALA B 88 -52.22 -27.22 -50.36
CA ALA B 88 -53.37 -27.84 -49.69
C ALA B 88 -53.36 -29.36 -49.87
N GLU B 89 -52.91 -29.78 -51.04
CA GLU B 89 -52.89 -31.20 -51.40
C GLU B 89 -51.44 -31.59 -51.72
N PRO B 90 -51.05 -32.85 -51.37
CA PRO B 90 -49.70 -33.33 -51.70
C PRO B 90 -49.45 -33.39 -53.21
N LYS B 91 -48.26 -32.95 -53.64
CA LYS B 91 -47.88 -33.00 -55.05
C LYS B 91 -47.04 -34.25 -55.35
N THR B 92 -47.45 -34.99 -56.38
CA THR B 92 -46.73 -36.18 -56.81
C THR B 92 -46.14 -35.89 -58.18
N VAL B 93 -44.85 -36.18 -58.36
CA VAL B 93 -44.22 -36.05 -59.67
C VAL B 93 -43.65 -37.40 -60.10
N TYR B 94 -44.05 -37.87 -61.28
CA TYR B 94 -43.60 -39.16 -61.80
C TYR B 94 -42.26 -39.06 -62.54
N TRP B 95 -41.46 -40.10 -62.42
CA TRP B 95 -40.26 -40.24 -63.23
C TRP B 95 -40.72 -40.52 -64.63
N ASP B 96 -40.25 -39.72 -65.57
CA ASP B 96 -40.64 -39.92 -66.96
C ASP B 96 -39.41 -40.25 -67.81
N ARG B 97 -39.57 -41.23 -68.69
CA ARG B 97 -38.49 -41.70 -69.54
C ARG B 97 -39.09 -42.38 -70.77
N ASP B 98 -38.30 -42.50 -71.82
CA ASP B 98 -38.74 -43.16 -73.05
C ASP B 98 -38.94 -44.64 -72.80
N MET B 99 -40.04 -45.16 -73.33
CA MET B 99 -40.35 -46.59 -73.27
C MET B 99 -40.79 -46.98 -74.67
N LYS C 6 13.63 9.98 58.56
CA LYS C 6 14.78 10.92 58.70
C LYS C 6 16.10 10.15 58.93
N ASN C 7 16.26 9.03 58.24
CA ASN C 7 17.41 8.14 58.45
C ASN C 7 18.52 8.24 57.40
N TYR C 8 18.82 7.13 56.73
CA TYR C 8 19.99 6.98 55.85
C TYR C 8 19.93 7.80 54.56
N THR C 9 21.04 8.46 54.25
CA THR C 9 21.19 9.23 53.01
C THR C 9 22.22 8.59 52.06
N PHE C 10 21.80 8.37 50.82
CA PHE C 10 22.65 7.78 49.80
C PHE C 10 23.24 8.89 48.93
N ARG C 11 24.57 8.97 48.88
CA ARG C 11 25.25 10.03 48.15
C ARG C 11 26.18 9.49 47.08
N CYS C 12 26.00 9.98 45.86
CA CYS C 12 26.98 9.80 44.81
C CYS C 12 27.71 11.11 44.63
N LEU C 13 28.99 11.11 44.99
CA LEU C 13 29.79 12.31 44.91
C LEU C 13 30.78 12.21 43.75
N GLN C 14 30.70 13.19 42.86
CA GLN C 14 31.51 13.23 41.65
C GLN C 14 32.39 14.47 41.66
N MET C 15 33.68 14.26 41.39
CA MET C 15 34.67 15.33 41.32
C MET C 15 35.30 15.35 39.95
N SER C 16 34.98 16.38 39.17
CA SER C 16 35.58 16.53 37.86
C SER C 16 36.45 17.78 37.85
N SER C 17 37.68 17.62 37.39
CA SER C 17 38.62 18.73 37.26
C SER C 17 38.96 18.95 35.79
N PHE C 18 38.98 20.22 35.37
CA PHE C 18 39.29 20.57 34.00
C PHE C 18 40.40 21.60 34.01
N ALA C 19 41.59 21.20 33.60
CA ALA C 19 42.75 22.09 33.62
C ALA C 19 42.93 22.82 32.29
N ASN C 20 43.46 22.12 31.29
CA ASN C 20 43.58 22.62 29.92
C ASN C 20 42.25 22.33 29.23
N ARG C 21 42.12 22.67 27.95
CA ARG C 21 40.98 22.18 27.18
C ARG C 21 41.27 20.78 26.62
N SER C 22 42.33 20.16 27.12
CA SER C 22 42.72 18.81 26.72
C SER C 22 43.26 18.00 27.90
N TRP C 23 42.90 18.40 29.12
CA TRP C 23 43.21 17.63 30.32
C TRP C 23 42.07 17.71 31.28
N SER C 24 41.53 16.54 31.66
CA SER C 24 40.53 16.44 32.72
C SER C 24 40.47 15.04 33.31
N ARG C 25 39.99 14.96 34.55
CA ARG C 25 39.75 13.68 35.21
C ARG C 25 38.44 13.75 35.99
N THR C 26 37.87 12.58 36.28
CA THR C 26 36.64 12.47 37.05
C THR C 26 36.72 11.29 37.98
N ASP C 27 36.58 11.58 39.27
CA ASP C 27 36.56 10.54 40.29
C ASP C 27 35.26 10.59 41.09
N SER C 28 34.81 9.42 41.54
CA SER C 28 33.56 9.31 42.28
C SER C 28 33.70 8.46 43.52
N VAL C 29 32.97 8.84 44.57
CA VAL C 29 32.76 8.00 45.73
C VAL C 29 31.27 7.95 46.04
N VAL C 30 30.83 6.82 46.57
CA VAL C 30 29.43 6.63 46.91
C VAL C 30 29.30 6.25 48.38
N TRP C 31 28.39 6.93 49.06
CA TRP C 31 28.17 6.71 50.49
C TRP C 31 26.76 6.32 50.78
N LEU C 32 26.60 5.41 51.73
CA LEU C 32 25.31 5.14 52.33
C LEU C 32 25.45 5.48 53.81
N GLY C 33 24.85 6.59 54.22
CA GLY C 33 25.12 7.14 55.53
C GLY C 33 26.58 7.54 55.52
N ASP C 34 27.33 7.09 56.52
CA ASP C 34 28.76 7.36 56.60
C ASP C 34 29.63 6.14 56.29
N LEU C 35 29.10 5.20 55.50
CA LEU C 35 29.88 4.07 55.02
C LEU C 35 30.05 4.11 53.51
N GLN C 36 31.30 3.98 53.05
CA GLN C 36 31.61 4.01 51.63
C GLN C 36 31.23 2.68 50.97
N THR C 37 30.42 2.76 49.92
CA THR C 37 29.91 1.58 49.23
C THR C 37 30.56 1.39 47.87
N HIS C 38 30.83 2.49 47.18
CA HIS C 38 31.46 2.42 45.85
C HIS C 38 32.56 3.42 45.64
N ARG C 39 33.48 3.06 44.75
CA ARG C 39 34.58 3.91 44.34
C ARG C 39 34.64 3.83 42.82
N TRP C 40 34.92 4.94 42.17
CA TRP C 40 35.13 4.94 40.73
C TRP C 40 36.13 5.98 40.31
N SER C 41 37.40 5.60 40.28
CA SER C 41 38.44 6.54 39.89
C SER C 41 38.49 6.69 38.38
N ASN C 42 39.08 7.80 37.93
CA ASN C 42 39.24 8.08 36.52
C ASN C 42 39.95 6.96 35.76
N ASP C 43 40.95 6.36 36.41
CA ASP C 43 41.77 5.30 35.82
C ASP C 43 40.94 4.09 35.42
N SER C 44 39.99 3.73 36.26
CA SER C 44 39.22 2.49 36.11
C SER C 44 38.03 2.59 35.16
N ALA C 45 37.96 1.65 34.23
CA ALA C 45 36.87 1.58 33.28
C ALA C 45 35.55 1.21 33.96
N THR C 46 35.63 0.53 35.10
CA THR C 46 34.46 0.04 35.82
C THR C 46 34.40 0.51 37.27
N ILE C 47 33.19 0.55 37.83
CA ILE C 47 32.95 0.93 39.23
C ILE C 47 33.43 -0.16 40.19
N SER C 48 33.97 0.25 41.34
CA SER C 48 34.46 -0.70 42.35
C SER C 48 33.53 -0.87 43.55
N PHE C 49 33.35 -2.10 44.00
CA PHE C 49 32.66 -2.38 45.25
C PHE C 49 33.60 -2.18 46.43
N THR C 50 33.18 -1.35 47.40
CA THR C 50 33.94 -1.09 48.62
C THR C 50 33.45 -1.99 49.75
N LYS C 51 32.30 -2.62 49.54
CA LYS C 51 31.72 -3.57 50.50
C LYS C 51 31.30 -4.85 49.78
N PRO C 52 31.28 -6.00 50.49
CA PRO C 52 30.79 -7.23 49.88
C PRO C 52 29.36 -7.09 49.35
N TRP C 53 28.58 -6.20 49.98
CA TRP C 53 27.16 -6.06 49.68
C TRP C 53 26.80 -4.88 48.83
N SER C 54 27.79 -4.32 48.12
CA SER C 54 27.60 -3.11 47.32
C SER C 54 26.73 -3.29 46.07
N GLN C 55 26.56 -4.52 45.62
CA GLN C 55 25.72 -4.78 44.44
C GLN C 55 24.23 -4.72 44.81
N GLY C 56 23.95 -4.56 46.11
CA GLY C 56 22.59 -4.45 46.62
C GLY C 56 21.78 -5.71 46.33
N LYS C 57 20.56 -5.50 45.84
CA LYS C 57 19.69 -6.61 45.45
C LYS C 57 19.66 -6.83 43.94
N LEU C 58 20.44 -6.03 43.21
CA LEU C 58 20.47 -6.08 41.75
C LEU C 58 21.23 -7.30 41.24
N SER C 59 20.67 -7.96 40.23
CA SER C 59 21.32 -9.10 39.59
C SER C 59 22.50 -8.63 38.75
N ASN C 60 23.46 -9.52 38.53
CA ASN C 60 24.65 -9.19 37.74
C ASN C 60 24.33 -8.45 36.43
N GLN C 61 23.28 -8.90 35.75
CA GLN C 61 22.83 -8.25 34.51
C GLN C 61 22.27 -6.85 34.78
N GLN C 62 21.45 -6.70 35.82
CA GLN C 62 20.91 -5.40 36.19
C GLN C 62 22.01 -4.41 36.51
N TRP C 63 23.05 -4.91 37.19
CA TRP C 63 24.22 -4.11 37.56
C TRP C 63 25.01 -3.71 36.35
N GLU C 64 25.17 -4.65 35.42
CA GLU C 64 25.86 -4.37 34.15
C GLU C 64 25.19 -3.23 33.39
N LYS C 65 23.86 -3.24 33.38
CA LYS C 65 23.07 -2.20 32.73
C LYS C 65 23.35 -0.83 33.35
N LEU C 66 23.46 -0.76 34.66
CA LEU C 66 23.80 0.49 35.34
C LEU C 66 25.23 0.95 35.08
N GLN C 67 26.19 0.04 35.20
CA GLN C 67 27.59 0.38 34.95
C GLN C 67 27.74 0.98 33.55
N HIS C 68 27.15 0.31 32.56
CA HIS C 68 27.16 0.78 31.19
C HIS C 68 26.52 2.13 31.05
N MET C 69 25.35 2.30 31.66
CA MET C 69 24.65 3.58 31.69
C MET C 69 25.59 4.69 32.20
N PHE C 70 26.34 4.38 33.25
CA PHE C 70 27.27 5.34 33.86
C PHE C 70 28.53 5.62 33.05
N GLN C 71 29.08 4.58 32.42
CA GLN C 71 30.24 4.72 31.55
C GLN C 71 29.97 5.64 30.38
N VAL C 72 28.78 5.53 29.78
CA VAL C 72 28.34 6.46 28.72
C VAL C 72 28.26 7.87 29.29
N TYR C 73 27.67 7.98 30.49
CA TYR C 73 27.57 9.26 31.17
C TYR C 73 28.92 9.96 31.39
N ARG C 74 29.93 9.22 31.87
CA ARG C 74 31.22 9.83 32.19
C ARG C 74 31.90 10.48 31.00
N VAL C 75 32.05 9.72 29.91
CA VAL C 75 32.65 10.22 28.68
C VAL C 75 31.84 11.40 28.15
N SER C 76 30.52 11.21 28.08
CA SER C 76 29.61 12.24 27.62
C SER C 76 29.72 13.52 28.44
N PHE C 77 29.77 13.38 29.76
CA PHE C 77 29.84 14.52 30.68
C PHE C 77 31.05 15.38 30.37
N THR C 78 32.21 14.74 30.30
CA THR C 78 33.47 15.40 29.95
C THR C 78 33.32 16.30 28.72
N ARG C 79 32.94 15.69 27.60
CA ARG C 79 32.84 16.40 26.32
C ARG C 79 31.82 17.54 26.34
N ASP C 80 30.67 17.30 26.95
CA ASP C 80 29.65 18.33 27.12
C ASP C 80 30.21 19.55 27.85
N ILE C 81 30.88 19.31 28.97
CA ILE C 81 31.46 20.39 29.76
C ILE C 81 32.51 21.13 28.95
N GLN C 82 33.42 20.39 28.32
CA GLN C 82 34.50 21.00 27.54
C GLN C 82 33.96 21.92 26.44
N GLU C 83 32.91 21.48 25.75
CA GLU C 83 32.29 22.33 24.73
C GLU C 83 31.53 23.52 25.33
N LEU C 84 30.83 23.28 26.43
CA LEU C 84 30.05 24.34 27.08
C LEU C 84 30.92 25.44 27.69
N VAL C 85 32.19 25.12 27.96
CA VAL C 85 33.14 26.11 28.47
C VAL C 85 33.33 27.25 27.45
N LYS C 86 33.22 26.91 26.18
CA LYS C 86 33.36 27.90 25.09
C LYS C 86 32.37 29.07 25.18
N MET C 87 31.24 28.86 25.85
CA MET C 87 30.24 29.91 26.00
C MET C 87 30.01 30.30 27.47
N MET C 88 31.04 30.18 28.31
CA MET C 88 30.94 30.55 29.74
C MET C 88 31.44 31.98 30.01
N SER C 89 31.33 32.40 31.27
CA SER C 89 31.86 33.69 31.71
C SER C 89 32.40 33.61 33.15
N PRO C 90 33.62 34.14 33.40
CA PRO C 90 34.51 34.80 32.44
C PRO C 90 34.98 33.82 31.34
N LYS C 91 35.33 34.38 30.19
CA LYS C 91 35.68 33.60 29.00
C LYS C 91 36.71 32.51 29.31
N GLU C 92 36.30 31.25 29.11
CA GLU C 92 37.15 30.06 29.29
C GLU C 92 38.01 30.15 30.54
N ASP C 93 37.35 30.08 31.69
CA ASP C 93 37.99 30.36 32.96
C ASP C 93 38.60 29.11 33.62
N TYR C 94 39.55 28.49 32.92
CA TYR C 94 40.28 27.35 33.46
C TYR C 94 41.22 27.81 34.60
N PRO C 95 41.44 26.97 35.62
CA PRO C 95 40.91 25.63 35.81
C PRO C 95 39.45 25.68 36.21
N ILE C 96 38.75 24.56 36.06
CA ILE C 96 37.34 24.46 36.37
C ILE C 96 37.06 23.23 37.23
N GLU C 97 36.33 23.43 38.32
CA GLU C 97 36.00 22.35 39.25
C GLU C 97 34.49 22.12 39.34
N ILE C 98 34.02 21.08 38.66
CA ILE C 98 32.64 20.66 38.77
C ILE C 98 32.52 19.57 39.83
N GLN C 99 31.51 19.70 40.69
CA GLN C 99 31.16 18.69 41.68
C GLN C 99 29.68 18.35 41.56
N LEU C 100 29.36 17.06 41.62
CA LEU C 100 27.97 16.61 41.62
C LEU C 100 27.67 15.81 42.87
N SER C 101 26.52 16.08 43.47
CA SER C 101 26.06 15.37 44.66
C SER C 101 24.66 14.89 44.38
N ALA C 102 24.52 13.59 44.17
CA ALA C 102 23.27 13.02 43.72
C ALA C 102 22.95 11.74 44.47
N GLY C 103 21.67 11.59 44.82
CA GLY C 103 21.21 10.39 45.50
C GLY C 103 19.82 10.60 46.02
N CYS C 104 19.49 9.86 47.07
CA CYS C 104 18.18 9.97 47.70
C CYS C 104 18.26 9.73 49.20
N GLU C 105 17.51 10.52 49.94
CA GLU C 105 17.38 10.37 51.38
C GLU C 105 16.24 9.41 51.65
N MET C 106 16.52 8.35 52.42
CA MET C 106 15.53 7.30 52.71
C MET C 106 14.84 7.52 54.04
N TYR C 107 13.54 7.29 54.06
CA TYR C 107 12.74 7.44 55.27
C TYR C 107 12.02 6.14 55.61
N PRO C 108 11.41 6.07 56.81
CA PRO C 108 10.54 4.93 57.14
C PRO C 108 9.39 4.73 56.14
N GLY C 109 9.10 3.47 55.83
CA GLY C 109 7.99 3.12 54.94
C GLY C 109 8.39 3.07 53.48
N ASN C 110 7.69 3.84 52.66
CA ASN C 110 8.00 3.96 51.24
C ASN C 110 8.57 5.33 50.87
N ALA C 111 8.52 6.27 51.82
CA ALA C 111 8.93 7.65 51.58
C ALA C 111 10.44 7.81 51.32
N SER C 112 10.76 8.57 50.29
CA SER C 112 12.14 8.99 49.99
C SER C 112 12.11 10.27 49.16
N GLU C 113 13.14 11.09 49.27
CA GLU C 113 13.27 12.25 48.39
C GLU C 113 14.64 12.25 47.72
N SER C 114 14.64 12.38 46.41
CA SER C 114 15.87 12.37 45.62
C SER C 114 16.41 13.77 45.40
N PHE C 115 17.69 13.85 45.03
CA PHE C 115 18.36 15.13 44.80
C PHE C 115 19.50 14.97 43.78
N LEU C 116 19.74 16.04 43.01
CA LEU C 116 20.91 16.12 42.16
C LEU C 116 21.40 17.57 42.20
N HIS C 117 22.53 17.78 42.88
CA HIS C 117 23.09 19.12 43.04
C HIS C 117 24.41 19.26 42.34
N VAL C 118 24.56 20.35 41.61
CA VAL C 118 25.77 20.59 40.83
C VAL C 118 26.46 21.86 41.34
N ALA C 119 27.73 21.72 41.72
CA ALA C 119 28.54 22.86 42.15
C ALA C 119 29.60 23.21 41.12
N PHE C 120 29.74 24.49 40.83
CA PHE C 120 30.69 24.99 39.86
C PHE C 120 31.68 25.90 40.57
N GLN C 121 32.95 25.53 40.53
CA GLN C 121 34.02 26.26 41.22
C GLN C 121 33.72 26.36 42.71
N GLY C 122 33.33 25.22 43.28
CA GLY C 122 33.01 25.13 44.70
C GLY C 122 31.73 25.82 45.14
N LYS C 123 30.91 26.25 44.20
CA LYS C 123 29.65 26.92 44.55
C LYS C 123 28.42 26.28 43.91
N TYR C 124 27.43 25.98 44.75
CA TYR C 124 26.15 25.38 44.33
C TYR C 124 25.42 26.28 43.32
N VAL C 125 25.23 25.76 42.10
CA VAL C 125 24.70 26.58 41.00
C VAL C 125 23.49 25.99 40.27
N VAL C 126 23.47 24.67 40.11
CA VAL C 126 22.43 24.01 39.33
C VAL C 126 21.95 22.73 40.01
N ARG C 127 20.65 22.50 39.94
CA ARG C 127 20.04 21.25 40.41
C ARG C 127 19.15 20.69 39.33
N PHE C 128 18.85 19.41 39.42
CA PHE C 128 17.79 18.82 38.61
C PHE C 128 16.50 18.83 39.42
N TRP C 129 15.49 19.50 38.91
CA TRP C 129 14.24 19.64 39.65
C TRP C 129 13.08 19.28 38.77
N GLY C 130 12.38 18.22 39.16
CA GLY C 130 11.20 17.74 38.44
C GLY C 130 11.54 17.07 37.12
N THR C 131 11.49 17.87 36.05
CA THR C 131 11.71 17.35 34.68
C THR C 131 12.91 17.98 33.97
N SER C 132 13.52 19.00 34.59
CA SER C 132 14.61 19.71 33.94
C SER C 132 15.71 20.19 34.91
N TRP C 133 16.84 20.57 34.33
CA TRP C 133 17.89 21.27 35.05
C TRP C 133 17.46 22.68 35.24
N GLN C 134 17.84 23.27 36.36
CA GLN C 134 17.59 24.69 36.60
C GLN C 134 18.67 25.32 37.47
N THR C 135 18.96 26.59 37.20
CA THR C 135 19.91 27.36 38.00
C THR C 135 19.22 27.80 39.28
N VAL C 136 19.92 27.68 40.40
CA VAL C 136 19.40 28.12 41.69
C VAL C 136 19.55 29.63 41.84
N PRO C 137 18.66 30.28 42.64
CA PRO C 137 18.84 31.69 42.96
C PRO C 137 20.27 32.00 43.41
N GLY C 138 20.83 33.09 42.89
CA GLY C 138 22.21 33.47 43.20
C GLY C 138 23.20 33.07 42.12
N ALA C 139 22.90 31.98 41.41
CA ALA C 139 23.78 31.43 40.38
C ALA C 139 24.03 32.43 39.24
N PRO C 140 25.27 32.47 38.72
CA PRO C 140 25.70 33.43 37.69
C PRO C 140 24.85 33.43 36.43
N SER C 141 24.74 34.61 35.83
CA SER C 141 23.83 34.89 34.73
C SER C 141 24.10 34.05 33.48
N TRP C 142 25.38 33.81 33.19
CA TRP C 142 25.83 33.14 31.96
C TRP C 142 25.44 31.68 31.84
N LEU C 143 25.09 31.06 32.97
CA LEU C 143 24.72 29.63 32.99
C LEU C 143 23.39 29.34 32.29
N ASP C 144 22.64 30.40 31.99
CA ASP C 144 21.31 30.29 31.41
C ASP C 144 21.27 29.57 30.06
N LEU C 145 22.21 29.92 29.18
CA LEU C 145 22.30 29.29 27.87
C LEU C 145 22.67 27.79 27.94
N PRO C 146 23.76 27.43 28.63
CA PRO C 146 24.11 26.03 28.82
C PRO C 146 22.96 25.16 29.35
N ILE C 147 22.25 25.66 30.36
CA ILE C 147 21.13 24.92 30.94
C ILE C 147 19.97 24.78 29.93
N LYS C 148 19.73 25.83 29.16
CA LYS C 148 18.72 25.78 28.10
C LYS C 148 19.12 24.74 27.06
N VAL C 149 20.41 24.74 26.70
CA VAL C 149 20.97 23.79 25.74
C VAL C 149 20.83 22.35 26.24
N LEU C 150 21.22 22.11 27.49
CA LEU C 150 21.13 20.77 28.07
C LEU C 150 19.69 20.28 28.21
N ASN C 151 18.76 21.20 28.48
CA ASN C 151 17.35 20.84 28.63
C ASN C 151 16.68 20.48 27.31
N ALA C 152 17.38 20.75 26.20
CA ALA C 152 16.93 20.32 24.87
C ALA C 152 17.13 18.81 24.70
N ASP C 153 18.09 18.26 25.43
CA ASP C 153 18.38 16.81 25.40
C ASP C 153 17.37 16.07 26.25
N GLN C 154 16.23 15.75 25.62
CA GLN C 154 15.11 15.10 26.30
C GLN C 154 15.48 13.72 26.81
N GLY C 155 16.27 12.99 26.02
CA GLY C 155 16.77 11.68 26.42
C GLY C 155 17.40 11.72 27.80
N THR C 156 18.28 12.69 28.02
CA THR C 156 18.91 12.88 29.32
C THR C 156 17.86 13.14 30.41
N SER C 157 17.02 14.15 30.20
CA SER C 157 15.91 14.46 31.13
C SER C 157 15.17 13.20 31.55
N ALA C 158 14.72 12.44 30.55
CA ALA C 158 13.97 11.22 30.76
C ALA C 158 14.74 10.19 31.60
N THR C 159 16.03 10.04 31.31
CA THR C 159 16.89 9.12 32.06
C THR C 159 17.05 9.59 33.51
N VAL C 160 17.47 10.84 33.68
CA VAL C 160 17.67 11.41 35.00
C VAL C 160 16.40 11.30 35.85
N GLN C 161 15.25 11.57 35.25
CA GLN C 161 13.98 11.44 35.95
C GLN C 161 13.81 10.02 36.46
N MET C 162 13.94 9.04 35.57
CA MET C 162 13.81 7.63 35.94
C MET C 162 14.82 7.25 37.03
N LEU C 163 16.07 7.69 36.89
CA LEU C 163 17.09 7.43 37.89
C LEU C 163 16.70 7.96 39.27
N LEU C 164 16.28 9.22 39.33
CA LEU C 164 15.95 9.87 40.59
C LEU C 164 14.65 9.34 41.19
N ASN C 165 13.59 9.30 40.39
CA ASN C 165 12.27 8.90 40.87
C ASN C 165 12.16 7.41 41.22
N ASP C 166 12.75 6.56 40.38
CA ASP C 166 12.57 5.10 40.49
C ASP C 166 13.84 4.34 40.89
N THR C 167 14.92 4.51 40.12
CA THR C 167 16.12 3.69 40.30
C THR C 167 16.77 3.85 41.68
N CYS C 168 16.98 5.10 42.09
CA CYS C 168 17.63 5.39 43.38
C CYS C 168 16.94 4.66 44.52
N PRO C 169 15.67 5.01 44.83
CA PRO C 169 15.08 4.41 46.02
C PRO C 169 15.08 2.89 45.94
N LEU C 170 14.70 2.34 44.79
CA LEU C 170 14.67 0.90 44.58
C LEU C 170 16.02 0.23 44.87
N PHE C 171 17.10 0.82 44.35
CA PHE C 171 18.44 0.29 44.58
C PHE C 171 18.85 0.36 46.05
N VAL C 172 18.62 1.52 46.67
CA VAL C 172 19.05 1.78 48.04
C VAL C 172 18.37 0.88 49.08
N ARG C 173 17.09 0.58 48.85
CA ARG C 173 16.36 -0.41 49.66
C ARG C 173 17.14 -1.72 49.63
N GLY C 174 17.62 -2.09 48.45
CA GLY C 174 18.48 -3.25 48.27
C GLY C 174 19.71 -3.19 49.14
N LEU C 175 20.39 -2.04 49.12
CA LEU C 175 21.59 -1.84 49.93
C LEU C 175 21.31 -1.88 51.43
N LEU C 176 20.26 -1.16 51.85
CA LEU C 176 19.86 -1.11 53.25
C LEU C 176 19.52 -2.49 53.81
N GLU C 177 18.98 -3.35 52.96
CA GLU C 177 18.71 -4.72 53.35
C GLU C 177 19.99 -5.56 53.30
N ALA C 178 20.76 -5.40 52.22
CA ALA C 178 21.97 -6.20 52.01
C ALA C 178 23.06 -5.95 53.05
N GLY C 179 23.23 -4.69 53.44
CA GLY C 179 24.28 -4.32 54.38
C GLY C 179 23.76 -3.99 55.76
N LYS C 180 22.63 -4.60 56.12
CA LYS C 180 21.96 -4.36 57.40
C LYS C 180 22.88 -4.63 58.58
N SER C 181 23.63 -5.74 58.53
CA SER C 181 24.53 -6.14 59.62
C SER C 181 25.79 -5.27 59.74
N ASP C 182 26.13 -4.54 58.68
CA ASP C 182 27.19 -3.53 58.74
C ASP C 182 26.64 -2.20 59.24
N LEU C 183 25.58 -1.72 58.60
CA LEU C 183 24.97 -0.43 58.94
C LEU C 183 24.51 -0.36 60.39
N GLU C 184 24.15 -1.50 60.96
CA GLU C 184 23.63 -1.54 62.34
C GLU C 184 24.66 -2.00 63.38
N LYS C 185 25.93 -2.06 62.99
CA LYS C 185 27.01 -2.44 63.91
C LYS C 185 27.14 -1.44 65.06
N GLN C 186 27.50 -1.96 66.23
CA GLN C 186 27.80 -1.13 67.39
C GLN C 186 29.27 -1.28 67.79
N GLU C 187 30.04 -0.22 67.64
CA GLU C 187 31.46 -0.22 68.00
C GLU C 187 31.72 0.65 69.23
N LYS C 188 32.34 0.05 70.25
CA LYS C 188 32.56 0.72 71.54
C LYS C 188 33.64 1.80 71.50
N PRO C 189 33.36 2.98 72.07
CA PRO C 189 34.38 4.00 72.20
C PRO C 189 35.39 3.62 73.30
N VAL C 190 36.63 4.07 73.12
CA VAL C 190 37.67 3.97 74.13
C VAL C 190 38.11 5.41 74.41
N ALA C 191 38.30 5.76 75.69
CA ALA C 191 38.65 7.12 76.05
C ALA C 191 40.01 7.24 76.72
N TRP C 192 40.70 8.36 76.47
CA TRP C 192 41.91 8.74 77.21
C TRP C 192 42.02 10.23 77.36
N LEU C 193 42.87 10.67 78.29
CA LEU C 193 42.99 12.10 78.62
C LEU C 193 44.36 12.66 78.25
N SER C 194 44.44 13.99 78.12
CA SER C 194 45.71 14.69 77.84
C SER C 194 45.63 16.20 78.08
N SER C 195 46.76 16.89 77.87
CA SER C 195 46.83 18.35 77.63
C SER C 195 47.52 18.63 76.28
N VAL C 196 46.81 19.26 75.33
CA VAL C 196 47.33 19.41 73.93
C VAL C 196 47.35 20.86 73.38
N GLY C 202 45.64 29.33 72.39
CA GLY C 202 46.60 29.42 73.49
C GLY C 202 45.95 29.44 74.88
N HIS C 203 44.97 28.56 75.08
CA HIS C 203 44.29 28.40 76.37
C HIS C 203 44.65 27.09 76.99
N ARG C 204 45.04 27.12 78.26
CA ARG C 204 45.41 25.90 78.99
C ARG C 204 44.18 25.04 79.23
N GLN C 205 44.25 23.79 78.77
CA GLN C 205 43.07 22.93 78.79
C GLN C 205 43.40 21.46 79.00
N LEU C 206 42.38 20.68 79.36
CA LEU C 206 42.46 19.22 79.34
C LEU C 206 41.71 18.70 78.14
N VAL C 207 42.23 17.65 77.50
CA VAL C 207 41.59 17.07 76.33
C VAL C 207 41.10 15.65 76.62
N CYS C 208 39.82 15.41 76.40
CA CYS C 208 39.30 14.05 76.49
C CYS C 208 39.13 13.43 75.11
N HIS C 209 39.95 12.43 74.80
CA HIS C 209 39.89 11.70 73.52
C HIS C 209 38.93 10.55 73.58
N VAL C 210 38.03 10.48 72.62
CA VAL C 210 37.05 9.39 72.52
C VAL C 210 37.08 8.79 71.12
N SER C 211 37.58 7.56 71.00
CA SER C 211 37.82 6.98 69.68
C SER C 211 37.32 5.55 69.51
N GLY C 212 36.93 5.21 68.27
CA GLY C 212 36.53 3.86 67.90
C GLY C 212 35.04 3.56 67.98
N PHE C 213 34.22 4.58 68.19
CA PHE C 213 32.79 4.36 68.33
C PHE C 213 32.04 4.37 67.01
N TYR C 214 30.93 3.63 66.97
CA TYR C 214 29.97 3.65 65.87
C TYR C 214 28.60 3.21 66.38
N PRO C 215 27.52 3.90 65.97
CA PRO C 215 27.44 5.06 65.06
C PRO C 215 27.77 6.41 65.72
N LYS C 216 27.57 7.50 64.99
CA LYS C 216 27.97 8.84 65.44
C LYS C 216 27.37 9.33 66.77
N PRO C 217 26.03 9.19 66.96
CA PRO C 217 25.46 9.74 68.18
C PRO C 217 26.28 9.35 69.42
N VAL C 218 26.92 10.34 70.04
CA VAL C 218 27.71 10.15 71.24
C VAL C 218 27.59 11.36 72.18
N TRP C 219 27.78 11.12 73.46
CA TRP C 219 27.63 12.14 74.49
C TRP C 219 28.89 12.17 75.31
N VAL C 220 29.62 13.28 75.24
CA VAL C 220 30.87 13.43 75.96
C VAL C 220 30.86 14.70 76.79
N MET C 221 31.11 14.57 78.09
CA MET C 221 31.10 15.72 78.99
C MET C 221 32.17 15.65 80.07
N TRP C 222 32.79 16.80 80.32
CA TRP C 222 33.65 16.94 81.47
C TRP C 222 32.79 17.13 82.68
N MET C 223 33.18 16.49 83.78
CA MET C 223 32.39 16.51 85.00
C MET C 223 33.21 16.54 86.26
N ARG C 224 32.72 17.31 87.23
CA ARG C 224 33.21 17.23 88.60
C ARG C 224 32.09 16.61 89.42
N GLY C 225 32.14 15.28 89.59
CA GLY C 225 31.10 14.55 90.29
C GLY C 225 29.81 14.54 89.50
N ASP C 226 28.73 14.91 90.16
CA ASP C 226 27.40 15.03 89.54
C ASP C 226 27.34 16.18 88.53
N GLN C 227 28.16 17.20 88.77
CA GLN C 227 28.08 18.46 88.05
C GLN C 227 28.74 18.40 86.69
N GLU C 228 27.95 18.59 85.65
CA GLU C 228 28.45 18.71 84.28
C GLU C 228 29.16 20.04 84.12
N GLN C 229 30.36 20.04 83.54
CA GLN C 229 31.09 21.27 83.32
C GLN C 229 30.68 21.89 81.99
N GLN C 230 29.95 23.00 82.07
CA GLN C 230 29.38 23.64 80.89
C GLN C 230 30.39 24.25 79.94
N GLY C 231 31.65 24.33 80.38
CA GLY C 231 32.71 24.83 79.53
C GLY C 231 33.31 23.75 78.65
N THR C 232 32.66 22.58 78.60
CA THR C 232 33.11 21.48 77.75
C THR C 232 32.94 21.89 76.30
N HIS C 233 34.05 21.93 75.57
CA HIS C 233 33.99 22.20 74.14
C HIS C 233 34.09 20.91 73.38
N ARG C 234 33.05 20.63 72.60
CA ARG C 234 33.00 19.47 71.75
C ARG C 234 33.72 19.80 70.43
N GLY C 235 34.59 18.90 69.99
CA GLY C 235 35.30 19.11 68.72
C GLY C 235 34.49 18.66 67.53
N ASP C 236 35.12 18.63 66.35
CA ASP C 236 34.50 18.02 65.17
C ASP C 236 34.56 16.50 65.27
N PHE C 237 33.72 15.82 64.50
CA PHE C 237 33.81 14.36 64.39
C PHE C 237 34.82 13.99 63.31
N LEU C 238 35.83 13.21 63.69
CA LEU C 238 36.90 12.84 62.76
C LEU C 238 36.86 11.35 62.45
N PRO C 239 37.00 10.99 61.16
CA PRO C 239 36.89 9.58 60.81
C PRO C 239 38.16 8.81 61.13
N ASN C 240 38.00 7.54 61.48
CA ASN C 240 39.14 6.63 61.58
C ASN C 240 39.22 5.82 60.29
N ALA C 241 40.36 5.18 60.05
CA ALA C 241 40.53 4.35 58.85
C ALA C 241 39.57 3.17 58.80
N ASP C 242 39.14 2.69 59.97
CA ASP C 242 38.29 1.50 60.05
C ASP C 242 36.80 1.78 60.22
N GLU C 243 36.33 2.87 59.61
CA GLU C 243 34.93 3.28 59.68
C GLU C 243 34.38 3.28 61.12
N THR C 244 35.11 3.95 62.00
CA THR C 244 34.64 4.32 63.35
C THR C 244 34.97 5.79 63.59
N TRP C 245 34.46 6.36 64.67
CA TRP C 245 34.60 7.79 64.88
C TRP C 245 35.53 8.20 65.97
N TYR C 246 36.12 9.38 65.80
CA TYR C 246 37.01 9.98 66.77
C TYR C 246 36.49 11.38 67.07
N LEU C 247 36.52 11.74 68.35
CA LEU C 247 36.01 13.02 68.81
C LEU C 247 36.72 13.40 70.10
N GLN C 248 37.00 14.69 70.26
CA GLN C 248 37.56 15.15 71.53
C GLN C 248 36.79 16.31 72.15
N ALA C 249 36.52 16.18 73.45
CA ALA C 249 35.95 17.26 74.24
C ALA C 249 37.04 17.88 75.09
N THR C 250 37.18 19.19 75.00
CA THR C 250 38.18 19.90 75.77
C THR C 250 37.53 20.71 76.87
N LEU C 251 38.34 21.10 77.85
CA LEU C 251 37.88 21.95 78.95
C LEU C 251 39.02 22.83 79.41
N ASP C 252 38.80 24.15 79.39
CA ASP C 252 39.79 25.11 79.88
C ASP C 252 40.00 24.94 81.38
N VAL C 253 41.25 24.71 81.76
CA VAL C 253 41.62 24.47 83.16
C VAL C 253 42.98 25.06 83.51
N GLU C 254 43.03 25.79 84.62
CA GLU C 254 44.28 26.30 85.17
C GLU C 254 44.91 25.31 86.14
N ALA C 255 46.21 25.40 86.37
CA ALA C 255 46.93 24.44 87.21
C ALA C 255 46.37 24.39 88.64
N GLY C 256 45.77 23.25 88.99
CA GLY C 256 45.08 23.07 90.27
C GLY C 256 43.60 22.78 90.10
N GLU C 257 43.06 23.11 88.94
CA GLU C 257 41.66 22.86 88.63
C GLU C 257 41.43 21.46 88.06
N GLU C 258 42.50 20.71 87.81
CA GLU C 258 42.38 19.39 87.16
C GLU C 258 41.84 18.32 88.10
N ALA C 259 42.36 18.27 89.32
CA ALA C 259 41.96 17.26 90.29
C ALA C 259 40.43 17.30 90.53
N GLY C 260 39.82 16.13 90.56
CA GLY C 260 38.38 16.02 90.76
C GLY C 260 37.58 15.99 89.47
N LEU C 261 38.25 16.20 88.34
CA LEU C 261 37.56 16.14 87.06
C LEU C 261 37.58 14.74 86.49
N ALA C 262 36.56 14.44 85.68
CA ALA C 262 36.47 13.18 84.97
C ALA C 262 35.79 13.41 83.63
N CYS C 263 36.12 12.56 82.67
CA CYS C 263 35.46 12.55 81.38
C CYS C 263 34.44 11.44 81.37
N ARG C 264 33.21 11.76 80.97
CA ARG C 264 32.14 10.77 80.91
C ARG C 264 31.62 10.59 79.49
N VAL C 265 31.45 9.34 79.09
CA VAL C 265 31.02 9.01 77.73
C VAL C 265 29.79 8.11 77.72
N LYS C 266 28.68 8.64 77.19
CA LYS C 266 27.47 7.86 76.93
C LYS C 266 27.45 7.49 75.45
N HIS C 267 27.28 6.21 75.16
CA HIS C 267 27.16 5.73 73.77
C HIS C 267 26.31 4.49 73.69
N SER C 268 25.56 4.38 72.59
CA SER C 268 24.65 3.26 72.38
C SER C 268 25.28 1.88 72.55
N SER C 269 26.56 1.76 72.21
CA SER C 269 27.26 0.47 72.24
C SER C 269 27.60 0.00 73.65
N LEU C 270 27.60 0.93 74.61
CA LEU C 270 28.02 0.63 75.98
C LEU C 270 26.98 -0.09 76.83
N GLY C 271 25.73 -0.11 76.36
CA GLY C 271 24.64 -0.79 77.05
C GLY C 271 24.37 -0.23 78.43
N GLY C 272 24.29 1.10 78.53
CA GLY C 272 23.95 1.78 79.78
C GLY C 272 25.09 1.92 80.78
N GLN C 273 26.28 1.51 80.38
CA GLN C 273 27.45 1.53 81.26
C GLN C 273 28.48 2.54 80.76
N ASP C 274 28.31 3.79 81.17
CA ASP C 274 29.14 4.89 80.67
C ASP C 274 30.61 4.77 81.06
N ILE C 275 31.49 5.17 80.15
CA ILE C 275 32.90 5.33 80.46
C ILE C 275 33.02 6.54 81.38
N ILE C 276 33.60 6.35 82.56
CA ILE C 276 33.94 7.45 83.45
C ILE C 276 35.45 7.43 83.67
N LEU C 277 36.14 8.44 83.15
CA LEU C 277 37.59 8.49 83.25
C LEU C 277 38.12 9.65 84.12
N TYR C 278 38.70 9.31 85.27
CA TYR C 278 39.21 10.29 86.22
C TYR C 278 40.66 10.69 85.93
N TRP C 279 40.99 11.95 86.21
CA TRP C 279 42.30 12.52 85.97
C TRP C 279 43.26 12.33 87.14
N HIS C 280 44.57 12.16 86.87
CA HIS C 280 45.66 12.36 87.89
C HIS C 280 46.99 12.81 87.29
N HIS C 281 48.11 12.59 88.01
CA HIS C 281 49.49 12.98 87.58
C HIS C 281 50.01 12.23 86.37
N HIS C 282 49.32 12.41 85.22
CA HIS C 282 49.34 11.50 84.04
C HIS C 282 48.74 10.12 84.25
N HIS C 283 48.88 9.57 85.46
CA HIS C 283 48.24 8.30 85.83
C HIS C 283 46.74 8.46 85.96
N HIS C 284 46.04 8.50 84.82
CA HIS C 284 44.56 8.56 84.81
C HIS C 284 43.98 7.19 85.00
N HIS C 285 42.72 7.13 85.43
CA HIS C 285 42.08 5.86 85.80
C HIS C 285 40.58 5.83 85.72
N HIS C 286 40.03 4.61 85.64
CA HIS C 286 38.62 4.34 85.90
C HIS C 286 38.55 3.80 87.30
N GLN D 2 39.86 29.95 46.18
CA GLN D 2 40.64 28.94 46.95
C GLN D 2 40.33 28.96 48.45
N LYS D 3 40.41 27.79 49.07
CA LYS D 3 40.24 27.64 50.52
C LYS D 3 41.39 26.82 51.10
N THR D 4 42.05 27.36 52.13
CA THR D 4 43.26 26.73 52.70
C THR D 4 42.93 25.50 53.55
N PRO D 5 43.74 24.43 53.45
CA PRO D 5 43.46 23.18 54.15
C PRO D 5 43.64 23.25 55.67
N GLN D 6 42.86 22.45 56.39
CA GLN D 6 42.98 22.35 57.84
C GLN D 6 43.39 20.93 58.22
N ILE D 7 44.60 20.80 58.78
CA ILE D 7 45.23 19.51 59.07
C ILE D 7 44.98 19.08 60.52
N GLN D 8 44.56 17.83 60.72
CA GLN D 8 44.37 17.28 62.06
C GLN D 8 45.03 15.90 62.24
N VAL D 9 46.00 15.83 63.14
CA VAL D 9 46.72 14.58 63.40
C VAL D 9 46.25 13.98 64.73
N TYR D 10 45.89 12.69 64.71
CA TYR D 10 45.41 11.99 65.91
C TYR D 10 45.66 10.50 65.78
N SER D 11 45.70 9.80 66.92
CA SER D 11 45.90 8.36 66.92
C SER D 11 44.57 7.65 67.05
N ARG D 12 44.52 6.42 66.55
CA ARG D 12 43.32 5.60 66.58
C ARG D 12 43.07 5.11 68.01
N HIS D 13 44.13 4.69 68.68
CA HIS D 13 44.05 4.12 70.02
C HIS D 13 44.79 4.95 71.03
N PRO D 14 44.49 4.77 72.33
CA PRO D 14 45.29 5.42 73.37
C PRO D 14 46.77 5.18 73.11
N PRO D 15 47.58 6.25 73.07
CA PRO D 15 48.97 6.10 72.69
C PRO D 15 49.84 5.66 73.86
N GLU D 16 50.15 4.36 73.89
CA GLU D 16 51.13 3.85 74.83
C GLU D 16 52.31 3.31 74.04
N ASN D 17 53.51 3.53 74.56
CA ASN D 17 54.73 3.12 73.86
C ASN D 17 54.85 1.61 73.77
N GLY D 18 55.29 1.14 72.61
CA GLY D 18 55.48 -0.29 72.40
C GLY D 18 54.24 -1.06 71.99
N LYS D 19 53.09 -0.39 71.97
CA LYS D 19 51.86 -1.03 71.52
C LYS D 19 51.46 -0.47 70.16
N PRO D 20 51.25 -1.36 69.16
CA PRO D 20 50.87 -0.95 67.80
C PRO D 20 49.62 -0.10 67.76
N ASN D 21 49.64 0.87 66.86
CA ASN D 21 48.60 1.90 66.76
C ASN D 21 48.52 2.38 65.31
N ILE D 22 47.55 3.23 65.02
CA ILE D 22 47.43 3.85 63.70
C ILE D 22 47.36 5.36 63.90
N LEU D 23 48.19 6.09 63.18
CA LEU D 23 48.14 7.56 63.24
C LEU D 23 47.37 8.09 62.04
N ASN D 24 46.40 8.96 62.31
CA ASN D 24 45.57 9.55 61.28
C ASN D 24 45.95 11.00 61.02
N CYS D 25 46.12 11.34 59.75
CA CYS D 25 46.20 12.74 59.35
C CYS D 25 44.97 13.09 58.52
N TYR D 26 44.15 13.99 59.05
CA TYR D 26 42.87 14.30 58.41
C TYR D 26 42.82 15.76 57.91
N VAL D 27 42.91 15.89 56.59
CA VAL D 27 42.98 17.20 55.93
C VAL D 27 41.61 17.56 55.37
N THR D 28 41.11 18.73 55.75
CA THR D 28 39.78 19.18 55.31
C THR D 28 39.78 20.62 54.83
N GLN D 29 38.61 21.05 54.35
CA GLN D 29 38.32 22.47 54.09
C GLN D 29 39.11 23.09 52.95
N PHE D 30 39.64 22.28 52.04
CA PHE D 30 40.45 22.80 50.94
C PHE D 30 39.74 22.82 49.59
N HIS D 31 40.27 23.65 48.69
CA HIS D 31 39.76 23.78 47.34
C HIS D 31 40.80 24.51 46.55
N PRO D 32 41.10 24.06 45.31
CA PRO D 32 40.61 22.87 44.60
C PRO D 32 41.16 21.56 45.17
N PRO D 33 40.62 20.40 44.72
CA PRO D 33 40.92 19.07 45.27
C PRO D 33 42.36 18.56 45.13
N HIS D 34 43.20 19.24 44.35
CA HIS D 34 44.59 18.81 44.17
C HIS D 34 45.41 19.16 45.38
N ILE D 35 45.98 18.14 46.01
CA ILE D 35 46.73 18.32 47.25
C ILE D 35 47.83 17.26 47.41
N GLU D 36 48.95 17.66 48.00
CA GLU D 36 49.99 16.72 48.39
C GLU D 36 50.05 16.62 49.91
N ILE D 37 49.97 15.38 50.40
CA ILE D 37 50.01 15.07 51.84
C ILE D 37 51.04 13.97 52.06
N GLN D 38 51.96 14.19 52.99
CA GLN D 38 52.82 13.11 53.45
C GLN D 38 52.96 13.12 54.97
N MET D 39 53.14 11.93 55.54
CA MET D 39 53.34 11.80 56.98
C MET D 39 54.79 11.53 57.28
N LEU D 40 55.29 12.15 58.35
CA LEU D 40 56.70 12.19 58.64
C LEU D 40 57.02 11.51 59.97
N LYS D 41 58.09 10.72 60.00
CA LYS D 41 58.61 10.16 61.25
C LYS D 41 60.02 10.68 61.46
N ASN D 42 60.19 11.51 62.50
CA ASN D 42 61.46 12.15 62.82
C ASN D 42 62.05 12.93 61.65
N GLY D 43 61.17 13.60 60.90
CA GLY D 43 61.61 14.46 59.80
C GLY D 43 61.68 13.79 58.45
N LYS D 44 62.05 12.50 58.43
CA LYS D 44 62.03 11.70 57.21
C LYS D 44 60.61 11.23 56.97
N LYS D 45 60.22 11.11 55.70
CA LYS D 45 58.83 10.74 55.37
C LYS D 45 58.59 9.23 55.46
N ILE D 46 57.42 8.86 55.98
CA ILE D 46 57.01 7.47 56.14
C ILE D 46 56.64 6.91 54.78
N PRO D 47 57.29 5.80 54.37
CA PRO D 47 57.04 5.26 53.03
C PRO D 47 55.63 4.68 52.87
N LYS D 48 55.19 3.83 53.81
CA LYS D 48 53.86 3.23 53.70
C LYS D 48 52.78 4.05 54.41
N VAL D 49 52.24 5.03 53.71
CA VAL D 49 51.12 5.82 54.19
C VAL D 49 49.92 5.55 53.30
N GLU D 50 48.85 5.05 53.89
CA GLU D 50 47.63 4.78 53.14
C GLU D 50 46.71 5.99 53.10
N MET D 51 46.02 6.15 51.97
CA MET D 51 45.24 7.34 51.66
C MET D 51 43.84 6.92 51.28
N SER D 52 42.84 7.50 51.93
CA SER D 52 41.44 7.26 51.59
C SER D 52 41.11 7.93 50.26
N ASP D 53 39.99 7.54 49.66
CA ASP D 53 39.52 8.20 48.45
C ASP D 53 39.05 9.60 48.83
N MET D 54 39.36 10.59 48.01
CA MET D 54 38.91 11.94 48.28
C MET D 54 37.40 12.04 48.13
N SER D 55 36.81 12.85 48.99
CA SER D 55 35.38 13.05 49.03
C SER D 55 35.14 14.50 49.43
N PHE D 56 33.87 14.89 49.55
CA PHE D 56 33.54 16.22 50.06
C PHE D 56 32.24 16.19 50.84
N SER D 57 32.13 17.09 51.82
CA SER D 57 30.92 17.18 52.66
C SER D 57 29.94 18.25 52.17
N LYS D 58 28.83 18.40 52.89
CA LYS D 58 27.70 19.23 52.45
C LYS D 58 28.06 20.65 52.00
N ASP D 59 29.05 21.26 52.66
CA ASP D 59 29.48 22.63 52.33
C ASP D 59 30.35 22.72 51.07
N TRP D 60 30.51 21.58 50.39
CA TRP D 60 31.24 21.46 49.11
C TRP D 60 32.74 21.45 49.21
N SER D 61 33.26 21.61 50.42
CA SER D 61 34.71 21.56 50.63
C SER D 61 35.19 20.11 50.67
N PHE D 62 36.43 19.91 50.25
CA PHE D 62 37.01 18.57 50.15
C PHE D 62 37.62 18.10 51.46
N TYR D 63 37.69 16.78 51.60
CA TYR D 63 38.38 16.16 52.73
C TYR D 63 39.03 14.86 52.28
N ILE D 64 40.06 14.44 53.02
CA ILE D 64 40.79 13.22 52.72
C ILE D 64 41.51 12.74 53.99
N LEU D 65 41.54 11.43 54.18
CA LEU D 65 42.17 10.84 55.34
C LEU D 65 43.44 10.10 54.94
N ALA D 66 44.53 10.37 55.65
CA ALA D 66 45.76 9.61 55.47
C ALA D 66 46.02 8.90 56.79
N HIS D 67 46.51 7.66 56.70
CA HIS D 67 46.83 6.91 57.91
C HIS D 67 47.98 5.96 57.70
N THR D 68 48.67 5.67 58.79
CA THR D 68 49.84 4.80 58.75
C THR D 68 49.88 3.95 60.02
N GLU D 69 50.30 2.70 59.88
CA GLU D 69 50.47 1.82 61.03
C GLU D 69 51.81 2.14 61.66
N PHE D 70 51.82 2.31 62.98
CA PHE D 70 53.06 2.63 63.69
C PHE D 70 53.02 2.13 65.13
N THR D 71 54.20 1.90 65.68
CA THR D 71 54.32 1.61 67.09
C THR D 71 55.04 2.79 67.73
N PRO D 72 54.33 3.55 68.60
CA PRO D 72 54.97 4.71 69.20
C PRO D 72 56.09 4.31 70.17
N THR D 73 57.19 5.05 70.14
CA THR D 73 58.22 4.98 71.17
C THR D 73 58.39 6.36 71.80
N GLU D 74 59.23 6.44 72.84
CA GLU D 74 59.44 7.68 73.54
C GLU D 74 60.27 8.69 72.76
N THR D 75 61.04 8.21 71.77
CA THR D 75 61.96 9.06 71.01
C THR D 75 61.48 9.45 69.61
N ASP D 76 60.29 8.99 69.24
CA ASP D 76 59.79 9.23 67.89
C ASP D 76 58.77 10.36 67.83
N THR D 77 59.01 11.33 66.95
CA THR D 77 58.02 12.37 66.67
C THR D 77 57.40 12.17 65.29
N TYR D 78 56.10 12.39 65.20
CA TYR D 78 55.37 12.26 63.95
C TYR D 78 54.69 13.56 63.58
N ALA D 79 54.59 13.81 62.29
CA ALA D 79 53.98 15.01 61.79
C ALA D 79 53.29 14.70 60.48
N CYS D 80 52.47 15.64 60.03
CA CYS D 80 51.82 15.55 58.75
C CYS D 80 52.04 16.86 58.02
N ARG D 81 52.68 16.78 56.86
CA ARG D 81 52.97 17.97 56.06
C ARG D 81 52.07 17.97 54.83
N VAL D 82 51.52 19.15 54.53
CA VAL D 82 50.59 19.31 53.42
C VAL D 82 51.02 20.47 52.52
N LYS D 83 51.00 20.23 51.20
CA LYS D 83 51.22 21.30 50.23
C LYS D 83 49.97 21.50 49.39
N HIS D 84 49.58 22.76 49.20
CA HIS D 84 48.36 23.10 48.48
C HIS D 84 48.49 24.45 47.83
N ALA D 85 47.85 24.60 46.67
CA ALA D 85 47.90 25.82 45.86
C ALA D 85 47.59 27.10 46.65
N SER D 86 46.78 26.97 47.69
CA SER D 86 46.31 28.10 48.49
C SER D 86 47.37 28.67 49.44
N MET D 87 48.32 27.83 49.84
CA MET D 87 49.37 28.24 50.77
C MET D 87 50.70 28.37 50.07
N ALA D 88 51.41 29.47 50.33
CA ALA D 88 52.71 29.74 49.72
C ALA D 88 53.77 28.75 50.20
N GLU D 89 53.66 28.36 51.46
CA GLU D 89 54.62 27.47 52.09
C GLU D 89 53.87 26.24 52.60
N PRO D 90 54.53 25.06 52.56
CA PRO D 90 53.90 23.85 53.09
C PRO D 90 53.66 23.92 54.62
N LYS D 91 52.50 23.45 55.05
CA LYS D 91 52.15 23.43 56.48
C LYS D 91 52.42 22.07 57.10
N THR D 92 53.17 22.07 58.19
CA THR D 92 53.47 20.86 58.92
C THR D 92 52.77 20.89 60.26
N VAL D 93 52.07 19.83 60.60
CA VAL D 93 51.41 19.73 61.91
C VAL D 93 51.93 18.50 62.67
N TYR D 94 52.48 18.72 63.85
CA TYR D 94 53.02 17.63 64.66
C TYR D 94 51.96 16.90 65.47
N TRP D 95 52.15 15.59 65.62
CA TRP D 95 51.36 14.81 66.56
C TRP D 95 51.76 15.24 67.94
N ASP D 96 50.78 15.58 68.77
CA ASP D 96 51.09 16.01 70.12
C ASP D 96 50.41 15.10 71.12
N ARG D 97 51.13 14.77 72.19
CA ARG D 97 50.63 13.85 73.20
C ARG D 97 51.43 14.06 74.46
N ASP D 98 50.87 13.64 75.59
CA ASP D 98 51.55 13.76 76.87
C ASP D 98 52.76 12.87 76.92
N MET D 99 53.87 13.42 77.42
CA MET D 99 55.10 12.67 77.63
C MET D 99 55.59 12.98 79.03
N ASP E 1 -33.88 -20.87 -10.34
CA ASP E 1 -32.94 -19.79 -9.93
C ASP E 1 -31.49 -20.24 -10.06
N ILE E 2 -30.67 -19.35 -10.61
CA ILE E 2 -29.24 -19.62 -10.69
C ILE E 2 -28.56 -18.93 -9.52
N GLN E 3 -27.84 -19.72 -8.71
CA GLN E 3 -27.10 -19.19 -7.57
C GLN E 3 -25.73 -18.69 -8.00
N MET E 4 -25.30 -17.58 -7.41
CA MET E 4 -23.98 -17.05 -7.68
C MET E 4 -23.24 -16.96 -6.36
N THR E 5 -22.36 -17.93 -6.11
CA THR E 5 -21.66 -17.96 -4.83
C THR E 5 -20.18 -17.61 -5.00
N GLN E 6 -19.78 -16.51 -4.37
CA GLN E 6 -18.39 -16.09 -4.37
C GLN E 6 -17.66 -16.73 -3.22
N SER E 7 -16.56 -17.40 -3.58
CA SER E 7 -15.71 -18.14 -2.63
C SER E 7 -15.59 -17.51 -1.24
N SER E 8 -15.06 -16.28 -1.21
CA SER E 8 -14.71 -15.61 0.02
C SER E 8 -15.58 -14.39 0.23
N SER E 9 -15.98 -14.15 1.47
CA SER E 9 -16.67 -12.92 1.81
C SER E 9 -15.65 -11.78 1.90
N SER E 10 -14.42 -12.13 2.28
CA SER E 10 -13.33 -11.16 2.34
C SER E 10 -11.98 -11.83 2.51
N PHE E 11 -10.95 -11.21 1.95
CA PHE E 11 -9.58 -11.56 2.32
C PHE E 11 -8.62 -10.39 2.19
N SER E 12 -7.50 -10.48 2.91
CA SER E 12 -6.49 -9.45 2.91
C SER E 12 -5.40 -9.70 1.88
N VAL E 13 -4.96 -8.64 1.21
CA VAL E 13 -3.86 -8.74 0.26
C VAL E 13 -2.79 -7.68 0.51
N SER E 14 -1.53 -8.05 0.26
CA SER E 14 -0.43 -7.10 0.33
C SER E 14 -0.58 -6.12 -0.82
N LEU E 15 -0.52 -4.83 -0.51
CA LEU E 15 -0.57 -3.82 -1.55
C LEU E 15 0.44 -4.18 -2.63
N GLY E 16 -0.01 -4.19 -3.88
CA GLY E 16 0.87 -4.48 -5.00
C GLY E 16 0.73 -5.89 -5.54
N ASP E 17 0.14 -6.78 -4.75
CA ASP E 17 0.01 -8.19 -5.13
C ASP E 17 -1.07 -8.48 -6.14
N ARG E 18 -0.96 -9.63 -6.80
CA ARG E 18 -1.97 -10.13 -7.70
C ARG E 18 -3.15 -10.64 -6.87
N ALA E 19 -4.37 -10.17 -7.18
CA ALA E 19 -5.59 -10.65 -6.54
C ALA E 19 -6.47 -11.38 -7.56
N THR E 20 -7.18 -12.42 -7.09
CA THR E 20 -8.11 -13.20 -7.91
C THR E 20 -9.36 -13.52 -7.10
N ILE E 21 -10.51 -13.11 -7.60
CA ILE E 21 -11.78 -13.41 -6.95
C ILE E 21 -12.55 -14.39 -7.84
N THR E 22 -12.97 -15.50 -7.27
CA THR E 22 -13.71 -16.53 -8.02
C THR E 22 -15.21 -16.45 -7.73
N CYS E 23 -16.00 -16.55 -8.79
CA CYS E 23 -17.45 -16.60 -8.67
C CYS E 23 -17.93 -17.88 -9.38
N LYS E 24 -18.75 -18.66 -8.68
CA LYS E 24 -19.19 -19.95 -9.18
C LYS E 24 -20.71 -19.97 -9.30
N ALA E 25 -21.19 -20.15 -10.53
CA ALA E 25 -22.63 -20.24 -10.81
C ALA E 25 -23.16 -21.66 -10.65
N SER E 26 -24.41 -21.79 -10.21
CA SER E 26 -25.01 -23.08 -9.89
C SER E 26 -25.33 -23.87 -11.15
N GLU E 27 -25.32 -23.17 -12.28
CA GLU E 27 -25.46 -23.80 -13.61
C GLU E 27 -24.82 -22.93 -14.68
N ASP E 28 -24.39 -23.58 -15.74
CA ASP E 28 -23.72 -22.93 -16.87
C ASP E 28 -24.37 -21.63 -17.32
N ILE E 29 -23.68 -20.51 -17.16
CA ILE E 29 -24.24 -19.22 -17.57
C ILE E 29 -23.55 -18.64 -18.82
N TYR E 30 -22.84 -19.50 -19.55
CA TYR E 30 -22.23 -19.16 -20.85
C TYR E 30 -21.83 -17.69 -21.01
N ASN E 31 -20.89 -17.25 -20.18
CA ASN E 31 -20.30 -15.91 -20.25
C ASN E 31 -21.17 -14.70 -19.91
N ARG E 32 -22.44 -14.91 -19.55
CA ARG E 32 -23.27 -13.76 -19.18
C ARG E 32 -23.09 -13.36 -17.71
N ILE E 33 -21.90 -12.86 -17.41
CA ILE E 33 -21.54 -12.47 -16.05
C ILE E 33 -20.96 -11.05 -16.04
N ALA E 34 -21.36 -10.29 -15.03
CA ALA E 34 -20.88 -8.93 -14.82
C ALA E 34 -20.20 -8.81 -13.46
N TRP E 35 -19.13 -8.01 -13.41
CA TRP E 35 -18.45 -7.73 -12.16
C TRP E 35 -18.63 -6.29 -11.78
N TYR E 36 -18.84 -6.06 -10.49
CA TYR E 36 -19.04 -4.72 -9.96
C TYR E 36 -18.08 -4.43 -8.82
N GLN E 37 -17.67 -3.18 -8.74
CA GLN E 37 -16.90 -2.67 -7.62
C GLN E 37 -17.81 -1.72 -6.87
N GLN E 38 -17.86 -1.85 -5.55
CA GLN E 38 -18.58 -0.90 -4.72
C GLN E 38 -17.79 -0.56 -3.48
N LYS E 39 -17.72 0.74 -3.17
CA LYS E 39 -17.08 1.23 -1.97
C LYS E 39 -18.16 1.78 -1.04
N PRO E 40 -17.91 1.73 0.30
CA PRO E 40 -18.94 2.27 1.20
C PRO E 40 -19.30 3.70 0.83
N GLY E 41 -20.60 3.98 0.80
CA GLY E 41 -21.08 5.33 0.52
C GLY E 41 -21.33 5.59 -0.94
N ASN E 42 -20.77 4.76 -1.81
CA ASN E 42 -20.92 4.91 -3.27
C ASN E 42 -21.89 3.92 -3.87
N VAL E 43 -22.25 4.15 -5.13
CA VAL E 43 -23.05 3.21 -5.93
C VAL E 43 -22.16 2.12 -6.54
N PRO E 44 -22.74 0.95 -6.88
CA PRO E 44 -21.95 -0.03 -7.60
C PRO E 44 -21.42 0.53 -8.89
N ARG E 45 -20.18 0.17 -9.24
CA ARG E 45 -19.57 0.57 -10.49
C ARG E 45 -19.30 -0.68 -11.31
N LEU E 46 -19.80 -0.71 -12.54
CA LEU E 46 -19.60 -1.87 -13.40
C LEU E 46 -18.18 -1.88 -13.94
N LEU E 47 -17.51 -3.03 -13.79
CA LEU E 47 -16.14 -3.18 -14.28
C LEU E 47 -16.08 -3.97 -15.59
N ILE E 48 -16.67 -5.17 -15.57
CA ILE E 48 -16.60 -6.10 -16.69
C ILE E 48 -17.96 -6.72 -16.89
N SER E 49 -18.38 -6.83 -18.15
CA SER E 49 -19.55 -7.60 -18.51
C SER E 49 -19.15 -8.58 -19.61
N GLY E 50 -19.96 -9.60 -19.81
CA GLY E 50 -19.70 -10.61 -20.84
C GLY E 50 -18.44 -11.39 -20.53
N ALA E 51 -18.21 -11.61 -19.23
CA ALA E 51 -17.06 -12.35 -18.72
C ALA E 51 -15.74 -11.65 -18.86
N THR E 52 -15.48 -11.07 -20.03
CA THR E 52 -14.15 -10.52 -20.32
C THR E 52 -14.08 -9.04 -20.70
N SER E 53 -15.16 -8.48 -21.27
CA SER E 53 -15.20 -7.09 -21.76
C SER E 53 -15.17 -5.98 -20.70
N LEU E 54 -14.05 -5.26 -20.61
CA LEU E 54 -13.90 -4.13 -19.68
C LEU E 54 -14.70 -2.92 -20.15
N GLU E 55 -15.28 -2.20 -19.21
CA GLU E 55 -15.89 -0.90 -19.49
C GLU E 55 -14.81 0.16 -19.78
N THR E 56 -15.07 1.07 -20.72
CA THR E 56 -14.02 1.99 -21.19
C THR E 56 -13.41 2.85 -20.07
N GLY E 57 -14.13 2.98 -18.96
CA GLY E 57 -13.60 3.74 -17.82
C GLY E 57 -12.51 3.01 -17.05
N VAL E 58 -12.61 1.68 -17.01
CA VAL E 58 -11.86 0.81 -16.09
C VAL E 58 -10.39 0.63 -16.47
N PRO E 59 -9.48 0.74 -15.48
CA PRO E 59 -8.06 0.49 -15.70
C PRO E 59 -7.79 -0.93 -16.17
N SER E 60 -6.73 -1.10 -16.97
CA SER E 60 -6.40 -2.39 -17.58
C SER E 60 -5.82 -3.44 -16.59
N ARG E 61 -5.47 -3.04 -15.38
CA ARG E 61 -5.03 -4.01 -14.39
C ARG E 61 -6.18 -4.95 -13.97
N PHE E 62 -7.41 -4.51 -14.22
CA PHE E 62 -8.57 -5.36 -14.03
C PHE E 62 -8.76 -6.25 -15.24
N SER E 63 -9.23 -7.46 -14.99
CA SER E 63 -9.22 -8.53 -15.98
C SER E 63 -10.29 -9.56 -15.64
N GLY E 64 -11.09 -9.93 -16.64
CA GLY E 64 -12.16 -10.93 -16.44
C GLY E 64 -11.88 -12.20 -17.20
N SER E 65 -12.24 -13.34 -16.62
CA SER E 65 -11.88 -14.64 -17.17
C SER E 65 -12.84 -15.76 -16.77
N GLY E 66 -12.66 -16.94 -17.37
CA GLY E 66 -13.44 -18.12 -17.04
C GLY E 66 -14.41 -18.54 -18.12
N SER E 67 -15.13 -19.63 -17.88
CA SER E 67 -16.17 -20.15 -18.78
C SER E 67 -17.05 -21.15 -18.05
N GLY E 68 -18.21 -21.45 -18.62
CA GLY E 68 -19.14 -22.41 -18.02
C GLY E 68 -19.76 -21.93 -16.72
N LYS E 69 -19.28 -22.47 -15.60
CA LYS E 69 -19.79 -22.10 -14.29
C LYS E 69 -18.80 -21.24 -13.51
N ASP E 70 -17.50 -21.44 -13.76
CA ASP E 70 -16.46 -20.80 -12.95
C ASP E 70 -15.90 -19.57 -13.64
N TYR E 71 -15.97 -18.43 -12.97
CA TYR E 71 -15.50 -17.16 -13.52
C TYR E 71 -14.63 -16.44 -12.51
N THR E 72 -13.64 -15.72 -13.02
CA THR E 72 -12.72 -15.03 -12.12
C THR E 72 -12.54 -13.58 -12.54
N LEU E 73 -12.48 -12.70 -11.54
CA LEU E 73 -12.01 -11.33 -11.69
C LEU E 73 -10.59 -11.28 -11.16
N SER E 74 -9.71 -10.59 -11.88
CA SER E 74 -8.30 -10.55 -11.52
C SER E 74 -7.72 -9.15 -11.53
N ILE E 75 -6.94 -8.82 -10.50
CA ILE E 75 -6.18 -7.58 -10.51
C ILE E 75 -4.69 -7.91 -10.47
N THR E 76 -3.96 -7.46 -11.50
CA THR E 76 -2.54 -7.80 -11.64
C THR E 76 -1.69 -7.31 -10.49
N SER E 77 -2.00 -6.10 -10.02
CA SER E 77 -1.33 -5.49 -8.88
C SER E 77 -2.30 -4.53 -8.22
N LEU E 78 -2.76 -4.90 -7.03
CA LEU E 78 -3.73 -4.11 -6.27
C LEU E 78 -3.16 -2.75 -5.84
N GLN E 79 -3.97 -1.71 -6.06
CA GLN E 79 -3.67 -0.38 -5.55
C GLN E 79 -4.63 -0.07 -4.39
N THR E 80 -4.29 0.95 -3.59
CA THR E 80 -5.18 1.40 -2.51
C THR E 80 -6.57 1.73 -3.08
N GLU E 81 -6.57 2.39 -4.23
CA GLU E 81 -7.78 2.73 -4.96
C GLU E 81 -8.72 1.53 -5.18
N ASP E 82 -8.18 0.31 -5.02
CA ASP E 82 -8.93 -0.93 -5.31
C ASP E 82 -9.57 -1.64 -4.11
N VAL E 83 -9.30 -1.16 -2.89
CA VAL E 83 -9.97 -1.73 -1.71
C VAL E 83 -11.45 -1.38 -1.75
N ALA E 84 -12.25 -2.42 -2.00
CA ALA E 84 -13.67 -2.26 -2.13
C ALA E 84 -14.30 -3.64 -2.04
N THR E 85 -15.61 -3.70 -2.22
CA THR E 85 -16.30 -4.98 -2.30
C THR E 85 -16.59 -5.26 -3.76
N TYR E 86 -16.44 -6.53 -4.14
CA TYR E 86 -16.65 -6.94 -5.52
C TYR E 86 -17.79 -7.92 -5.63
N TYR E 87 -18.76 -7.59 -6.46
CA TYR E 87 -19.90 -8.46 -6.70
C TYR E 87 -19.83 -9.02 -8.10
N CYS E 88 -20.07 -10.33 -8.22
CA CYS E 88 -20.38 -10.92 -9.52
C CYS E 88 -21.91 -10.97 -9.69
N GLN E 89 -22.37 -11.05 -10.94
CA GLN E 89 -23.79 -11.13 -11.26
C GLN E 89 -24.00 -11.78 -12.62
N HIS E 90 -24.96 -12.71 -12.71
CA HIS E 90 -25.35 -13.30 -14.00
C HIS E 90 -26.55 -12.60 -14.58
N TYR E 91 -26.66 -12.66 -15.90
CA TYR E 91 -27.85 -12.19 -16.59
C TYR E 91 -28.18 -13.20 -17.69
N TRP E 92 -28.13 -14.47 -17.32
CA TRP E 92 -28.52 -15.56 -18.21
C TRP E 92 -30.01 -15.75 -18.31
N SER E 93 -30.69 -15.73 -17.16
CA SER E 93 -32.14 -15.86 -17.11
C SER E 93 -32.72 -15.19 -15.88
N SER E 94 -34.03 -14.97 -15.87
CA SER E 94 -34.70 -14.36 -14.73
C SER E 94 -34.96 -15.44 -13.70
N PRO E 95 -34.69 -15.14 -12.41
CA PRO E 95 -34.25 -13.85 -11.91
C PRO E 95 -32.73 -13.66 -11.93
N LEU E 96 -32.33 -12.40 -12.09
CA LEU E 96 -30.95 -12.01 -11.95
C LEU E 96 -30.54 -12.18 -10.50
N THR E 97 -29.40 -12.81 -10.26
CA THR E 97 -28.90 -12.89 -8.88
C THR E 97 -27.46 -12.44 -8.80
N PHE E 98 -27.16 -11.71 -7.71
CA PHE E 98 -25.80 -11.24 -7.42
C PHE E 98 -25.11 -12.20 -6.45
N GLY E 99 -23.78 -12.23 -6.48
CA GLY E 99 -23.02 -12.90 -5.46
C GLY E 99 -23.10 -12.12 -4.16
N ALA E 100 -22.62 -12.73 -3.08
CA ALA E 100 -22.67 -12.11 -1.77
C ALA E 100 -21.64 -10.98 -1.63
N GLY E 101 -20.68 -10.92 -2.56
CA GLY E 101 -19.63 -9.92 -2.51
C GLY E 101 -18.37 -10.41 -1.84
N THR E 102 -17.22 -9.98 -2.36
CA THR E 102 -15.93 -10.23 -1.73
C THR E 102 -15.28 -8.89 -1.44
N LYS E 103 -15.07 -8.62 -0.16
CA LYS E 103 -14.47 -7.37 0.28
C LYS E 103 -12.95 -7.55 0.29
N LEU E 104 -12.25 -6.66 -0.42
CA LEU E 104 -10.79 -6.66 -0.40
C LEU E 104 -10.25 -5.72 0.66
N GLU E 105 -9.42 -6.26 1.54
CA GLU E 105 -8.77 -5.48 2.57
C GLU E 105 -7.25 -5.58 2.43
N LEU E 106 -6.54 -4.76 3.20
CA LEU E 106 -5.09 -4.66 3.09
C LEU E 106 -4.38 -5.46 4.17
N LYS E 107 -3.32 -6.15 3.78
CA LYS E 107 -2.49 -6.89 4.69
C LYS E 107 -1.56 -5.94 5.46
N ARG E 108 -1.06 -6.40 6.61
CA ARG E 108 -0.36 -5.55 7.56
C ARG E 108 0.33 -6.41 8.63
N ALA E 109 1.40 -5.91 9.22
CA ALA E 109 2.03 -6.59 10.34
C ALA E 109 1.03 -6.66 11.47
N ASP E 110 1.07 -7.73 12.25
CA ASP E 110 0.12 -7.90 13.35
C ASP E 110 0.31 -6.83 14.40
N ALA E 111 -0.79 -6.46 15.05
CA ALA E 111 -0.77 -5.46 16.12
C ALA E 111 -1.84 -5.80 17.14
N ALA E 112 -1.43 -5.92 18.41
CA ALA E 112 -2.36 -6.23 19.49
C ALA E 112 -3.25 -5.03 19.80
N PRO E 113 -4.51 -5.30 20.21
CA PRO E 113 -5.42 -4.19 20.49
C PRO E 113 -4.99 -3.46 21.75
N THR E 114 -5.20 -2.14 21.77
CA THR E 114 -5.07 -1.37 23.02
C THR E 114 -6.44 -1.36 23.69
N VAL E 115 -6.52 -2.05 24.82
CA VAL E 115 -7.79 -2.24 25.50
C VAL E 115 -7.93 -1.23 26.63
N SER E 116 -9.06 -0.53 26.65
CA SER E 116 -9.39 0.39 27.73
C SER E 116 -10.80 0.09 28.22
N ILE E 117 -10.96 0.04 29.54
CA ILE E 117 -12.30 -0.17 30.13
C ILE E 117 -12.79 1.09 30.86
N PHE E 118 -14.10 1.30 30.83
CA PHE E 118 -14.71 2.49 31.40
C PHE E 118 -15.93 2.16 32.25
N PRO E 119 -15.85 2.42 33.57
CA PRO E 119 -17.04 2.32 34.41
C PRO E 119 -18.05 3.41 34.05
N PRO E 120 -19.34 3.20 34.41
CA PRO E 120 -20.41 4.16 34.15
C PRO E 120 -20.09 5.56 34.69
N SER E 121 -20.59 6.59 34.00
CA SER E 121 -20.41 7.97 34.42
C SER E 121 -21.41 8.31 35.52
N SER E 122 -21.08 9.36 36.28
CA SER E 122 -21.95 9.84 37.35
C SER E 122 -23.33 10.20 36.80
N GLU E 123 -23.35 10.82 35.62
CA GLU E 123 -24.58 11.29 34.99
C GLU E 123 -25.56 10.16 34.72
N GLN E 124 -25.05 9.07 34.15
CA GLN E 124 -25.87 7.93 33.79
C GLN E 124 -26.38 7.22 35.03
N LEU E 125 -25.47 6.97 35.97
CA LEU E 125 -25.84 6.34 37.23
C LEU E 125 -27.00 7.07 37.92
N THR E 126 -26.87 8.38 38.08
CA THR E 126 -27.92 9.18 38.71
C THR E 126 -29.20 9.25 37.87
N SER E 127 -29.16 8.74 36.63
CA SER E 127 -30.34 8.75 35.78
C SER E 127 -31.08 7.41 35.74
N GLY E 128 -30.44 6.35 36.27
CA GLY E 128 -31.08 5.04 36.36
C GLY E 128 -30.31 3.87 35.75
N GLY E 129 -29.72 4.10 34.58
CA GLY E 129 -28.94 3.07 33.90
C GLY E 129 -27.46 3.08 34.24
N ALA E 130 -26.72 2.14 33.67
CA ALA E 130 -25.29 2.00 33.89
C ALA E 130 -24.64 1.18 32.78
N SER E 131 -23.86 1.87 31.93
CA SER E 131 -23.20 1.22 30.82
C SER E 131 -21.69 1.14 31.07
N VAL E 132 -21.16 -0.08 30.97
CA VAL E 132 -19.71 -0.30 31.06
C VAL E 132 -19.18 -0.44 29.63
N VAL E 133 -18.29 0.47 29.25
CA VAL E 133 -17.78 0.56 27.89
C VAL E 133 -16.34 0.08 27.78
N CYS E 134 -16.06 -0.74 26.78
CA CYS E 134 -14.72 -1.23 26.54
C CYS E 134 -14.30 -0.98 25.11
N PHE E 135 -13.18 -0.28 24.94
CA PHE E 135 -12.62 -0.04 23.62
C PHE E 135 -11.47 -0.98 23.34
N LEU E 136 -11.44 -1.54 22.13
CA LEU E 136 -10.35 -2.40 21.70
C LEU E 136 -9.77 -1.80 20.42
N ASN E 137 -8.76 -0.95 20.58
CA ASN E 137 -8.34 -0.08 19.48
C ASN E 137 -7.11 -0.54 18.71
N ASN E 138 -7.11 -0.22 17.42
CA ASN E 138 -5.95 -0.34 16.53
C ASN E 138 -5.27 -1.70 16.51
N PHE E 139 -6.02 -2.72 16.08
CA PHE E 139 -5.49 -4.09 16.02
C PHE E 139 -5.53 -4.69 14.61
N TYR E 140 -4.65 -5.65 14.36
CA TYR E 140 -4.66 -6.42 13.11
C TYR E 140 -4.22 -7.85 13.41
N PRO E 141 -4.87 -8.86 12.81
CA PRO E 141 -6.00 -8.83 11.87
C PRO E 141 -7.32 -8.49 12.53
N LYS E 142 -8.36 -8.34 11.71
CA LYS E 142 -9.70 -7.96 12.19
C LYS E 142 -10.36 -8.97 13.12
N ASP E 143 -9.97 -10.25 13.01
CA ASP E 143 -10.54 -11.31 13.84
C ASP E 143 -10.21 -11.11 15.31
N ILE E 144 -11.24 -10.80 16.08
CA ILE E 144 -11.08 -10.59 17.52
C ILE E 144 -12.30 -11.16 18.25
N ASN E 145 -12.10 -11.62 19.48
CA ASN E 145 -13.21 -12.02 20.30
C ASN E 145 -13.20 -11.32 21.66
N VAL E 146 -14.32 -10.68 22.01
CA VAL E 146 -14.45 -10.02 23.31
C VAL E 146 -15.43 -10.74 24.24
N LYS E 147 -15.03 -10.91 25.48
CA LYS E 147 -15.80 -11.65 26.48
C LYS E 147 -15.90 -10.82 27.74
N TRP E 148 -17.10 -10.71 28.29
CA TRP E 148 -17.31 -9.97 29.54
C TRP E 148 -17.37 -10.87 30.72
N LYS E 149 -16.77 -10.42 31.82
CA LYS E 149 -16.84 -11.17 33.07
C LYS E 149 -17.21 -10.24 34.22
N ILE E 150 -18.22 -10.67 34.98
CA ILE E 150 -18.62 -9.96 36.19
C ILE E 150 -18.36 -10.89 37.36
N ASP E 151 -17.51 -10.44 38.28
CA ASP E 151 -17.07 -11.25 39.44
C ASP E 151 -16.57 -12.63 39.00
N GLY E 152 -15.85 -12.68 37.88
CA GLY E 152 -15.24 -13.91 37.39
C GLY E 152 -16.16 -14.86 36.63
N SER E 153 -17.44 -14.52 36.52
CA SER E 153 -18.38 -15.28 35.70
C SER E 153 -18.62 -14.57 34.37
N GLU E 154 -18.80 -15.35 33.30
CA GLU E 154 -19.07 -14.81 31.98
C GLU E 154 -20.47 -14.22 31.91
N ARG E 155 -20.60 -13.12 31.18
CA ARG E 155 -21.87 -12.44 30.99
C ARG E 155 -22.12 -12.25 29.51
N GLN E 156 -23.23 -12.80 29.01
CA GLN E 156 -23.57 -12.72 27.59
C GLN E 156 -24.68 -11.71 27.28
N ASN E 157 -25.74 -11.71 28.10
CA ASN E 157 -26.84 -10.76 27.97
C ASN E 157 -26.42 -9.33 28.29
N GLY E 158 -26.78 -8.41 27.41
CA GLY E 158 -26.56 -6.99 27.66
C GLY E 158 -25.50 -6.33 26.79
N VAL E 159 -24.65 -7.13 26.16
CA VAL E 159 -23.56 -6.59 25.35
C VAL E 159 -23.99 -6.17 23.95
N LEU E 160 -23.46 -5.03 23.51
CA LEU E 160 -23.64 -4.53 22.15
C LEU E 160 -22.28 -4.19 21.58
N ASN E 161 -21.99 -4.75 20.41
CA ASN E 161 -20.71 -4.54 19.76
C ASN E 161 -20.79 -3.68 18.50
N SER E 162 -19.72 -2.97 18.21
CA SER E 162 -19.63 -2.16 17.00
C SER E 162 -18.20 -2.21 16.50
N TRP E 163 -18.06 -2.41 15.19
CA TRP E 163 -16.74 -2.55 14.58
C TRP E 163 -16.50 -1.46 13.58
N THR E 164 -15.25 -0.99 13.49
CA THR E 164 -14.89 -0.03 12.42
C THR E 164 -14.39 -0.80 11.21
N ASP E 165 -14.52 -0.17 10.04
CA ASP E 165 -13.85 -0.64 8.83
C ASP E 165 -12.34 -0.47 8.97
N GLN E 166 -11.57 -1.16 8.14
CA GLN E 166 -10.12 -0.98 8.13
C GLN E 166 -9.75 0.48 7.97
N ASP E 167 -8.80 0.95 8.77
CA ASP E 167 -8.41 2.34 8.76
C ASP E 167 -7.69 2.67 7.46
N SER E 168 -8.13 3.74 6.80
CA SER E 168 -7.60 4.06 5.49
C SER E 168 -6.12 4.45 5.55
N LYS E 169 -5.66 4.84 6.73
CA LYS E 169 -4.30 5.30 6.91
C LYS E 169 -3.34 4.23 7.42
N ASP E 170 -3.72 3.56 8.51
CA ASP E 170 -2.80 2.62 9.17
C ASP E 170 -3.22 1.16 9.08
N SER E 171 -4.27 0.89 8.32
CA SER E 171 -4.73 -0.48 8.06
C SER E 171 -5.01 -1.32 9.31
N THR E 172 -5.42 -0.66 10.40
CA THR E 172 -5.84 -1.37 11.61
C THR E 172 -7.37 -1.37 11.73
N TYR E 173 -7.87 -2.26 12.58
CA TYR E 173 -9.29 -2.31 12.92
C TYR E 173 -9.47 -1.90 14.38
N SER E 174 -10.68 -1.46 14.73
CA SER E 174 -11.01 -1.12 16.10
C SER E 174 -12.43 -1.56 16.46
N MET E 175 -12.64 -1.82 17.75
CA MET E 175 -13.91 -2.34 18.25
C MET E 175 -14.33 -1.66 19.55
N SER E 176 -15.63 -1.45 19.71
CA SER E 176 -16.19 -1.02 21.00
C SER E 176 -17.25 -2.03 21.44
N SER E 177 -17.21 -2.38 22.72
CA SER E 177 -18.11 -3.36 23.31
C SER E 177 -18.74 -2.74 24.55
N THR E 178 -20.08 -2.69 24.59
CA THR E 178 -20.78 -2.05 25.70
C THR E 178 -21.76 -2.98 26.42
N LEU E 179 -21.47 -3.20 27.70
CA LEU E 179 -22.37 -3.94 28.59
C LEU E 179 -23.30 -2.96 29.30
N THR E 180 -24.59 -3.10 29.06
CA THR E 180 -25.57 -2.18 29.63
C THR E 180 -26.43 -2.85 30.69
N LEU E 181 -26.46 -2.25 31.89
CA LEU E 181 -27.22 -2.76 33.02
C LEU E 181 -28.01 -1.63 33.68
N THR E 182 -28.94 -1.99 34.55
CA THR E 182 -29.62 -1.01 35.40
C THR E 182 -28.66 -0.60 36.53
N LYS E 183 -28.88 0.57 37.12
CA LYS E 183 -28.03 1.04 38.22
C LYS E 183 -27.95 0.00 39.33
N ASP E 184 -29.10 -0.56 39.68
CA ASP E 184 -29.21 -1.55 40.75
C ASP E 184 -28.41 -2.81 40.47
N GLU E 185 -28.63 -3.41 39.29
CA GLU E 185 -27.89 -4.60 38.89
C GLU E 185 -26.38 -4.33 38.89
N TYR E 186 -25.99 -3.11 38.51
CA TYR E 186 -24.58 -2.72 38.45
C TYR E 186 -23.95 -2.61 39.84
N GLU E 187 -24.66 -2.01 40.79
CA GLU E 187 -24.14 -1.85 42.14
C GLU E 187 -24.15 -3.15 42.94
N ARG E 188 -24.76 -4.18 42.35
CA ARG E 188 -24.80 -5.50 42.97
C ARG E 188 -23.41 -6.15 43.05
N HIS E 189 -22.59 -5.90 42.03
CA HIS E 189 -21.32 -6.64 41.84
C HIS E 189 -20.06 -5.84 42.10
N ASN E 190 -18.93 -6.57 42.20
CA ASN E 190 -17.64 -5.98 42.54
C ASN E 190 -16.77 -5.62 41.35
N SER E 191 -16.39 -6.61 40.55
CA SER E 191 -15.42 -6.39 39.48
C SER E 191 -15.95 -6.70 38.09
N TYR E 192 -15.65 -5.80 37.17
CA TYR E 192 -16.08 -5.90 35.78
C TYR E 192 -14.86 -6.08 34.89
N THR E 193 -14.91 -7.08 34.02
CA THR E 193 -13.76 -7.43 33.22
C THR E 193 -14.09 -7.50 31.74
N CYS E 194 -13.22 -6.86 30.96
CA CYS E 194 -13.24 -6.88 29.52
C CYS E 194 -12.08 -7.78 29.05
N GLU E 195 -12.42 -8.88 28.38
CA GLU E 195 -11.43 -9.90 28.02
C GLU E 195 -11.36 -10.11 26.52
N ALA E 196 -10.17 -9.94 25.95
CA ALA E 196 -9.96 -10.04 24.51
C ALA E 196 -8.97 -11.13 24.12
N THR E 197 -9.45 -12.13 23.38
CA THR E 197 -8.56 -13.10 22.72
C THR E 197 -8.29 -12.66 21.28
N HIS E 198 -7.02 -12.67 20.88
CA HIS E 198 -6.59 -12.16 19.58
C HIS E 198 -5.32 -12.86 19.16
N LYS E 199 -5.17 -13.05 17.84
CA LYS E 199 -4.01 -13.75 17.25
C LYS E 199 -2.67 -13.44 17.91
N THR E 200 -2.48 -12.17 18.28
CA THR E 200 -1.19 -11.67 18.77
C THR E 200 -0.72 -12.25 20.10
N SER E 201 -1.63 -12.88 20.84
CA SER E 201 -1.30 -13.43 22.14
C SER E 201 -2.02 -14.75 22.40
N THR E 202 -1.29 -15.72 22.92
CA THR E 202 -1.87 -17.04 23.19
C THR E 202 -2.78 -17.03 24.41
N SER E 203 -2.62 -16.00 25.25
CA SER E 203 -3.53 -15.78 26.37
C SER E 203 -4.19 -14.38 26.32
N PRO E 204 -5.47 -14.30 26.72
CA PRO E 204 -6.30 -13.10 26.54
C PRO E 204 -5.76 -11.85 27.20
N ILE E 205 -6.03 -10.69 26.58
CA ILE E 205 -5.70 -9.39 27.18
C ILE E 205 -6.86 -8.99 28.08
N VAL E 206 -6.56 -8.78 29.35
CA VAL E 206 -7.57 -8.58 30.38
C VAL E 206 -7.52 -7.16 30.94
N LYS E 207 -8.66 -6.48 30.89
CA LYS E 207 -8.81 -5.20 31.59
C LYS E 207 -9.98 -5.25 32.58
N SER E 208 -9.69 -4.91 33.83
CA SER E 208 -10.70 -4.93 34.88
C SER E 208 -10.73 -3.62 35.64
N PHE E 209 -11.79 -3.45 36.42
CA PHE E 209 -11.83 -2.44 37.46
C PHE E 209 -12.70 -2.97 38.58
N ASN E 210 -12.40 -2.54 39.80
CA ASN E 210 -13.26 -2.85 40.92
C ASN E 210 -14.17 -1.66 41.20
N ARG E 211 -15.42 -1.95 41.55
CA ARG E 211 -16.43 -0.91 41.75
C ARG E 211 -16.17 -0.12 43.02
N ASN E 212 -15.60 -0.79 44.02
CA ASN E 212 -15.37 -0.19 45.34
C ASN E 212 -13.95 0.38 45.52
N GLU E 213 -13.27 0.70 44.41
CA GLU E 213 -11.85 1.03 44.48
C GLU E 213 -11.42 2.30 43.77
N CYS E 214 -10.51 3.03 44.42
CA CYS E 214 -9.84 4.19 43.84
C CYS E 214 -8.65 4.61 44.71
N GLN F 1 -23.72 11.41 -21.17
CA GLN F 1 -24.57 12.13 -20.19
C GLN F 1 -25.77 11.27 -19.71
N ILE F 2 -25.68 9.95 -19.88
CA ILE F 2 -26.72 9.03 -19.43
C ILE F 2 -26.78 9.02 -17.91
N GLN F 3 -27.86 9.56 -17.34
CA GLN F 3 -27.91 9.83 -15.90
C GLN F 3 -29.25 9.47 -15.24
N LEU F 4 -29.18 8.92 -14.03
CA LEU F 4 -30.37 8.54 -13.26
C LEU F 4 -30.41 9.22 -11.89
N VAL F 5 -31.47 10.00 -11.64
CA VAL F 5 -31.61 10.73 -10.38
C VAL F 5 -32.85 10.27 -9.62
N GLN F 6 -32.65 9.83 -8.38
CA GLN F 6 -33.74 9.27 -7.58
C GLN F 6 -34.27 10.25 -6.55
N SER F 7 -35.41 9.91 -5.95
CA SER F 7 -36.02 10.73 -4.90
C SER F 7 -35.18 10.65 -3.62
N GLY F 8 -35.36 11.64 -2.75
CA GLY F 8 -34.61 11.73 -1.50
C GLY F 8 -34.85 10.60 -0.51
N PRO F 9 -34.06 10.58 0.59
CA PRO F 9 -34.21 9.59 1.66
C PRO F 9 -35.62 9.62 2.27
N GLU F 10 -36.13 8.45 2.61
CA GLU F 10 -37.47 8.34 3.18
C GLU F 10 -37.41 7.69 4.56
N LEU F 11 -38.20 8.24 5.48
CA LEU F 11 -38.32 7.70 6.81
C LEU F 11 -39.78 7.30 7.02
N LYS F 12 -40.01 6.00 7.28
CA LYS F 12 -41.36 5.45 7.34
C LYS F 12 -41.56 4.51 8.53
N LYS F 13 -42.81 4.37 8.95
CA LYS F 13 -43.17 3.48 10.06
C LYS F 13 -43.69 2.15 9.51
N PRO F 14 -43.49 1.05 10.25
CA PRO F 14 -43.98 -0.27 9.82
C PRO F 14 -45.44 -0.19 9.38
N GLY F 15 -45.75 -0.78 8.23
CA GLY F 15 -47.11 -0.77 7.69
C GLY F 15 -47.39 0.28 6.63
N GLU F 16 -46.70 1.41 6.71
CA GLU F 16 -46.87 2.51 5.75
C GLU F 16 -46.42 2.16 4.33
N THR F 17 -46.74 3.05 3.39
CA THR F 17 -46.31 2.90 2.01
C THR F 17 -45.16 3.87 1.69
N VAL F 18 -44.31 3.49 0.76
CA VAL F 18 -43.31 4.39 0.23
C VAL F 18 -43.33 4.34 -1.30
N ARG F 19 -43.06 5.46 -1.94
CA ARG F 19 -43.03 5.54 -3.39
C ARG F 19 -41.76 6.24 -3.80
N ILE F 20 -40.82 5.47 -4.35
CA ILE F 20 -39.54 5.99 -4.82
C ILE F 20 -39.63 6.34 -6.29
N SER F 21 -39.00 7.46 -6.68
CA SER F 21 -38.94 7.84 -8.08
C SER F 21 -37.51 7.76 -8.64
N CYS F 22 -37.41 7.78 -9.96
CA CYS F 22 -36.13 7.63 -10.67
C CYS F 22 -36.26 8.25 -12.07
N LYS F 23 -35.82 9.50 -12.20
CA LYS F 23 -35.85 10.23 -13.48
C LYS F 23 -34.60 9.92 -14.32
N ALA F 24 -34.83 9.51 -15.56
CA ALA F 24 -33.75 9.21 -16.49
C ALA F 24 -33.58 10.32 -17.52
N SER F 25 -32.33 10.55 -17.92
CA SER F 25 -32.00 11.55 -18.94
C SER F 25 -30.74 11.15 -19.70
N GLY F 26 -30.66 11.54 -20.98
CA GLY F 26 -29.50 11.27 -21.81
C GLY F 26 -29.65 10.09 -22.76
N TYR F 27 -30.83 9.46 -22.76
CA TYR F 27 -31.14 8.36 -23.67
C TYR F 27 -32.66 8.25 -23.83
N SER F 28 -33.10 7.68 -24.96
CA SER F 28 -34.52 7.40 -25.18
C SER F 28 -35.04 6.42 -24.13
N PHE F 29 -35.92 6.94 -23.26
CA PHE F 29 -36.48 6.20 -22.12
C PHE F 29 -37.05 4.82 -22.47
N THR F 30 -37.64 4.72 -23.65
CA THR F 30 -38.28 3.49 -24.13
C THR F 30 -37.27 2.42 -24.58
N ASN F 31 -36.03 2.83 -24.88
CA ASN F 31 -34.99 1.90 -25.31
C ASN F 31 -34.59 0.87 -24.25
N TYR F 32 -34.15 1.36 -23.09
CA TYR F 32 -33.71 0.51 -22.00
C TYR F 32 -34.83 0.33 -20.98
N GLY F 33 -35.03 -0.90 -20.55
CA GLY F 33 -35.90 -1.19 -19.41
C GLY F 33 -35.27 -0.75 -18.09
N MET F 34 -36.10 -0.63 -17.05
CA MET F 34 -35.64 -0.13 -15.76
C MET F 34 -35.64 -1.23 -14.70
N HIS F 35 -34.48 -1.44 -14.06
CA HIS F 35 -34.30 -2.47 -13.04
C HIS F 35 -34.16 -1.88 -11.66
N TRP F 36 -34.59 -2.64 -10.65
CA TRP F 36 -34.49 -2.20 -9.27
C TRP F 36 -33.70 -3.16 -8.45
N VAL F 37 -32.75 -2.62 -7.69
CA VAL F 37 -31.89 -3.41 -6.84
C VAL F 37 -31.97 -2.91 -5.38
N LYS F 38 -32.06 -3.86 -4.45
CA LYS F 38 -32.13 -3.58 -3.03
C LYS F 38 -30.80 -3.88 -2.35
N GLN F 39 -30.39 -3.02 -1.42
CA GLN F 39 -29.22 -3.28 -0.61
C GLN F 39 -29.45 -2.86 0.84
N ALA F 40 -29.71 -3.85 1.68
CA ALA F 40 -29.91 -3.64 3.10
C ALA F 40 -28.56 -3.28 3.73
N PRO F 41 -28.57 -2.56 4.88
CA PRO F 41 -27.36 -2.16 5.59
C PRO F 41 -26.31 -3.27 5.62
N GLY F 42 -25.20 -3.02 4.93
CA GLY F 42 -24.11 -4.00 4.77
C GLY F 42 -24.51 -5.40 4.35
N LYS F 43 -25.36 -5.52 3.32
CA LYS F 43 -25.87 -6.85 2.98
C LYS F 43 -25.66 -7.33 1.54
N GLY F 44 -25.20 -6.47 0.64
CA GLY F 44 -25.03 -6.90 -0.73
C GLY F 44 -26.32 -6.84 -1.55
N LEU F 45 -26.16 -6.91 -2.87
CA LEU F 45 -27.22 -6.53 -3.79
C LEU F 45 -28.21 -7.65 -4.07
N LYS F 46 -29.49 -7.30 -4.05
CA LYS F 46 -30.57 -8.23 -4.40
C LYS F 46 -31.40 -7.61 -5.51
N TRP F 47 -31.64 -8.39 -6.56
CA TRP F 47 -32.45 -7.93 -7.69
C TRP F 47 -33.91 -7.99 -7.33
N VAL F 48 -34.58 -6.84 -7.42
CA VAL F 48 -36.00 -6.75 -7.07
C VAL F 48 -36.87 -7.14 -8.26
N GLY F 49 -36.38 -6.82 -9.46
CA GLY F 49 -37.13 -7.05 -10.68
C GLY F 49 -36.91 -5.92 -11.65
N TRP F 50 -37.66 -5.91 -12.75
CA TRP F 50 -37.51 -4.86 -13.75
C TRP F 50 -38.80 -4.62 -14.44
N ILE F 51 -38.90 -3.48 -15.11
CA ILE F 51 -40.09 -3.13 -15.87
C ILE F 51 -39.71 -2.68 -17.29
N ASN F 52 -40.45 -3.20 -18.27
CA ASN F 52 -40.30 -2.84 -19.67
C ASN F 52 -40.86 -1.44 -19.93
N THR F 53 -39.98 -0.50 -20.28
CA THR F 53 -40.36 0.91 -20.44
C THR F 53 -41.15 1.22 -21.71
N TYR F 54 -41.32 0.22 -22.58
CA TYR F 54 -42.11 0.37 -23.79
C TYR F 54 -43.51 -0.19 -23.57
N THR F 55 -43.59 -1.39 -23.00
CA THR F 55 -44.87 -2.07 -22.77
C THR F 55 -45.47 -1.76 -21.40
N GLY F 56 -44.62 -1.63 -20.38
CA GLY F 56 -45.09 -1.38 -19.02
C GLY F 56 -45.20 -2.66 -18.23
N GLU F 57 -44.82 -3.77 -18.87
CA GLU F 57 -44.87 -5.09 -18.27
C GLU F 57 -43.77 -5.27 -17.25
N PRO F 58 -44.14 -5.48 -15.97
CA PRO F 58 -43.13 -5.73 -14.95
C PRO F 58 -42.81 -7.21 -14.77
N THR F 59 -41.62 -7.48 -14.23
CA THR F 59 -41.23 -8.82 -13.82
C THR F 59 -40.64 -8.67 -12.41
N TYR F 60 -41.17 -9.44 -11.47
CA TYR F 60 -40.68 -9.39 -10.09
C TYR F 60 -39.93 -10.67 -9.71
N ALA F 61 -38.77 -10.51 -9.09
CA ALA F 61 -38.08 -11.63 -8.44
C ALA F 61 -39.00 -12.19 -7.35
N ASP F 62 -39.06 -13.52 -7.25
CA ASP F 62 -40.02 -14.21 -6.36
C ASP F 62 -40.13 -13.59 -4.97
N ASP F 63 -38.99 -13.25 -4.37
CA ASP F 63 -38.96 -12.72 -3.00
C ASP F 63 -39.63 -11.34 -2.84
N PHE F 64 -40.13 -10.77 -3.94
CA PHE F 64 -40.69 -9.42 -3.91
C PHE F 64 -42.10 -9.32 -4.48
N LYS F 65 -42.68 -10.45 -4.89
CA LYS F 65 -44.05 -10.49 -5.39
C LYS F 65 -45.03 -10.15 -4.26
N GLY F 66 -45.96 -9.24 -4.57
CA GLY F 66 -46.86 -8.68 -3.56
C GLY F 66 -46.08 -7.70 -2.71
N ARG F 67 -46.67 -6.53 -2.44
CA ARG F 67 -46.02 -5.48 -1.65
C ARG F 67 -45.05 -4.59 -2.43
N PHE F 68 -44.52 -5.09 -3.54
CA PHE F 68 -43.63 -4.34 -4.42
C PHE F 68 -44.26 -4.16 -5.79
N ALA F 69 -44.31 -2.91 -6.26
CA ALA F 69 -44.92 -2.63 -7.58
C ALA F 69 -44.16 -1.58 -8.37
N PHE F 70 -43.80 -1.92 -9.61
CA PHE F 70 -43.20 -0.95 -10.51
C PHE F 70 -44.27 -0.26 -11.33
N SER F 71 -44.23 1.07 -11.33
CA SER F 71 -45.01 1.84 -12.28
C SER F 71 -44.08 2.84 -12.95
N LEU F 72 -44.55 3.50 -14.00
CA LEU F 72 -43.75 4.53 -14.66
C LEU F 72 -44.63 5.56 -15.35
N GLU F 73 -44.06 6.75 -15.59
CA GLU F 73 -44.68 7.78 -16.40
C GLU F 73 -43.75 8.12 -17.55
N THR F 74 -43.99 7.48 -18.70
CA THR F 74 -43.19 7.68 -19.91
C THR F 74 -43.09 9.17 -20.24
N SER F 75 -44.21 9.87 -20.05
CA SER F 75 -44.31 11.32 -20.26
C SER F 75 -43.09 12.10 -19.76
N ALA F 76 -42.70 11.83 -18.51
CA ALA F 76 -41.61 12.57 -17.86
C ALA F 76 -40.42 11.67 -17.53
N SER F 77 -40.19 10.66 -18.37
CA SER F 77 -39.05 9.73 -18.22
C SER F 77 -38.74 9.34 -16.77
N THR F 78 -39.77 8.96 -16.01
CA THR F 78 -39.59 8.64 -14.60
C THR F 78 -40.18 7.26 -14.27
N ALA F 79 -39.40 6.45 -13.56
CA ALA F 79 -39.83 5.15 -13.06
C ALA F 79 -40.12 5.24 -11.57
N TYR F 80 -41.09 4.44 -11.12
CA TYR F 80 -41.48 4.42 -9.71
C TYR F 80 -41.41 3.01 -9.11
N LEU F 81 -40.92 2.94 -7.88
CA LEU F 81 -41.01 1.72 -7.08
C LEU F 81 -41.86 2.02 -5.86
N GLU F 82 -42.92 1.24 -5.68
CA GLU F 82 -43.82 1.42 -4.55
C GLU F 82 -43.78 0.20 -3.64
N ILE F 83 -43.52 0.43 -2.35
CA ILE F 83 -43.56 -0.65 -1.37
C ILE F 83 -44.70 -0.43 -0.38
N ASN F 84 -45.64 -1.37 -0.35
CA ASN F 84 -46.76 -1.33 0.59
C ASN F 84 -46.47 -2.20 1.80
N ASN F 85 -47.15 -1.87 2.90
CA ASN F 85 -47.01 -2.59 4.16
C ASN F 85 -45.55 -2.80 4.51
N LEU F 86 -44.85 -1.69 4.74
CA LEU F 86 -43.42 -1.73 5.00
C LEU F 86 -43.09 -2.54 6.26
N LYS F 87 -42.06 -3.37 6.16
CA LYS F 87 -41.60 -4.21 7.25
C LYS F 87 -40.15 -3.87 7.54
N ASN F 88 -39.66 -4.26 8.71
CA ASN F 88 -38.28 -4.02 9.09
C ASN F 88 -37.28 -4.56 8.04
N GLU F 89 -37.56 -5.76 7.55
CA GLU F 89 -36.74 -6.39 6.51
C GLU F 89 -36.66 -5.58 5.22
N ASP F 90 -37.46 -4.53 5.08
CA ASP F 90 -37.43 -3.67 3.89
C ASP F 90 -36.43 -2.53 4.01
N MET F 91 -35.98 -2.27 5.23
CA MET F 91 -35.08 -1.15 5.48
C MET F 91 -33.82 -1.36 4.67
N ALA F 92 -33.68 -0.57 3.62
CA ALA F 92 -32.57 -0.72 2.68
C ALA F 92 -32.41 0.51 1.78
N THR F 93 -31.33 0.52 1.01
CA THR F 93 -31.16 1.46 -0.07
C THR F 93 -31.60 0.78 -1.35
N TYR F 94 -32.47 1.45 -2.12
CA TYR F 94 -32.98 0.93 -3.38
C TYR F 94 -32.40 1.72 -4.54
N LEU F 95 -31.77 0.99 -5.45
CA LEU F 95 -31.04 1.60 -6.55
C LEU F 95 -31.83 1.27 -7.85
N CYS F 96 -32.06 2.27 -8.70
CA CYS F 96 -32.61 1.98 -10.04
C CYS F 96 -31.46 1.91 -11.05
N ALA F 97 -31.59 1.04 -12.04
CA ALA F 97 -30.54 0.89 -13.05
C ALA F 97 -31.15 0.50 -14.40
N SER F 98 -30.75 1.21 -15.45
CA SER F 98 -31.30 0.97 -16.79
C SER F 98 -30.48 -0.06 -17.56
N ALA F 99 -31.16 -1.03 -18.17
CA ALA F 99 -30.51 -2.10 -18.94
C ALA F 99 -31.51 -2.75 -19.88
N ALA F 100 -31.03 -3.30 -20.99
CA ALA F 100 -31.93 -3.87 -21.99
C ALA F 100 -32.41 -5.27 -21.63
N GLY F 101 -33.68 -5.39 -21.26
CA GLY F 101 -34.28 -6.70 -20.95
C GLY F 101 -33.61 -7.43 -19.79
N ILE F 102 -33.59 -8.76 -19.82
CA ILE F 102 -32.83 -9.46 -18.81
C ILE F 102 -31.52 -10.06 -19.36
N ARG F 103 -31.53 -10.51 -20.60
CA ARG F 103 -30.35 -11.17 -21.17
C ARG F 103 -29.24 -10.20 -21.58
N TRP F 104 -29.51 -8.90 -21.45
CA TRP F 104 -28.46 -7.89 -21.59
C TRP F 104 -28.46 -7.00 -20.40
N ALA F 105 -28.87 -7.57 -19.25
CA ALA F 105 -28.96 -6.82 -18.01
C ALA F 105 -27.65 -6.77 -17.24
N TRP F 106 -26.64 -6.14 -17.84
CA TRP F 106 -25.50 -5.67 -17.07
C TRP F 106 -25.70 -4.21 -16.85
N PHE F 107 -25.52 -3.77 -15.60
CA PHE F 107 -25.90 -2.42 -15.22
C PHE F 107 -24.74 -1.45 -15.23
N ALA F 108 -24.65 -0.68 -16.32
CA ALA F 108 -23.61 0.32 -16.47
C ALA F 108 -23.99 1.63 -15.80
N TRP F 109 -25.28 1.89 -15.66
CA TRP F 109 -25.77 3.13 -15.08
C TRP F 109 -26.63 2.88 -13.88
N TRP F 110 -26.31 3.57 -12.79
CA TRP F 110 -27.01 3.41 -11.52
C TRP F 110 -27.54 4.72 -11.01
N GLY F 111 -28.72 4.70 -10.41
CA GLY F 111 -29.20 5.84 -9.65
C GLY F 111 -28.38 5.99 -8.40
N GLN F 112 -28.40 7.16 -7.79
CA GLN F 112 -27.65 7.38 -6.54
C GLN F 112 -28.21 6.58 -5.36
N GLY F 113 -29.38 5.98 -5.54
CA GLY F 113 -30.00 5.17 -4.49
C GLY F 113 -30.91 5.96 -3.56
N THR F 114 -31.93 5.28 -3.03
CA THR F 114 -32.85 5.88 -2.09
C THR F 114 -32.91 5.02 -0.84
N LEU F 115 -32.48 5.59 0.27
CA LEU F 115 -32.51 4.89 1.55
C LEU F 115 -33.91 5.00 2.16
N VAL F 116 -34.50 3.85 2.42
CA VAL F 116 -35.78 3.80 3.10
C VAL F 116 -35.50 3.28 4.50
N THR F 117 -35.85 4.08 5.50
CA THR F 117 -35.69 3.65 6.89
C THR F 117 -37.05 3.30 7.45
N VAL F 118 -37.15 2.11 8.03
CA VAL F 118 -38.40 1.62 8.61
C VAL F 118 -38.22 1.55 10.11
N SER F 119 -38.95 2.40 10.84
CA SER F 119 -38.92 2.39 12.31
C SER F 119 -40.13 3.09 12.92
N ALA F 120 -40.63 2.48 13.99
CA ALA F 120 -41.81 2.99 14.69
C ALA F 120 -41.45 4.08 15.69
N ALA F 121 -40.16 4.17 16.04
CA ALA F 121 -39.71 5.10 17.08
C ALA F 121 -39.90 6.56 16.69
N LYS F 122 -40.26 7.37 17.67
CA LYS F 122 -40.40 8.83 17.48
C LYS F 122 -39.08 9.54 17.82
N THR F 123 -38.88 10.72 17.25
CA THR F 123 -37.66 11.50 17.49
C THR F 123 -37.33 11.59 18.97
N THR F 124 -36.07 11.26 19.28
CA THR F 124 -35.58 11.26 20.65
C THR F 124 -34.15 11.82 20.68
N ALA F 125 -33.91 12.77 21.58
CA ALA F 125 -32.59 13.36 21.75
C ALA F 125 -31.67 12.40 22.50
N PRO F 126 -30.38 12.34 22.11
CA PRO F 126 -29.40 11.47 22.77
C PRO F 126 -29.02 11.95 24.16
N SER F 127 -28.65 11.01 25.03
CA SER F 127 -27.96 11.34 26.27
C SER F 127 -26.46 11.19 26.02
N VAL F 128 -25.68 12.18 26.43
CA VAL F 128 -24.24 12.15 26.25
C VAL F 128 -23.54 11.94 27.58
N TYR F 129 -22.68 10.92 27.63
CA TYR F 129 -21.98 10.58 28.86
C TYR F 129 -20.47 10.63 28.68
N PRO F 130 -19.78 11.41 29.53
CA PRO F 130 -18.31 11.49 29.48
C PRO F 130 -17.69 10.27 30.12
N LEU F 131 -16.82 9.58 29.37
CA LEU F 131 -16.18 8.38 29.87
C LEU F 131 -14.74 8.67 30.28
N ALA F 132 -14.49 8.63 31.57
CA ALA F 132 -13.17 8.88 32.14
C ALA F 132 -12.51 7.57 32.55
N PRO F 133 -11.17 7.49 32.50
CA PRO F 133 -10.40 6.32 32.90
C PRO F 133 -10.72 5.79 34.30
N VAL F 134 -10.40 4.53 34.54
CA VAL F 134 -10.63 3.88 35.83
C VAL F 134 -9.97 4.66 36.97
N CYS F 135 -10.64 4.69 38.11
CA CYS F 135 -10.25 5.56 39.22
C CYS F 135 -8.90 5.21 39.86
N GLY F 136 -7.85 5.91 39.45
CA GLY F 136 -6.50 5.70 39.98
C GLY F 136 -5.55 5.08 38.98
N THR F 138 -2.48 5.75 37.60
CA THR F 138 -2.48 4.94 36.38
C THR F 138 -1.26 5.20 35.49
N THR F 139 -0.48 4.14 35.26
CA THR F 139 0.74 4.21 34.46
C THR F 139 0.45 3.97 32.96
N GLY F 140 1.43 4.26 32.11
CA GLY F 140 1.27 4.20 30.65
C GLY F 140 1.56 5.56 30.03
N SER F 141 2.28 5.56 28.91
CA SER F 141 2.71 6.81 28.27
C SER F 141 1.55 7.65 27.73
N SER F 142 0.52 6.99 27.20
CA SER F 142 -0.66 7.69 26.70
C SER F 142 -1.92 7.26 27.45
N VAL F 143 -3.02 8.01 27.27
CA VAL F 143 -4.28 7.74 27.97
C VAL F 143 -5.47 7.85 27.01
N THR F 144 -6.51 7.06 27.27
CA THR F 144 -7.68 7.00 26.38
C THR F 144 -8.99 7.42 27.08
N LEU F 145 -9.64 8.42 26.49
CA LEU F 145 -10.90 8.96 27.00
C LEU F 145 -12.03 8.55 26.08
N GLY F 146 -13.24 8.48 26.62
CA GLY F 146 -14.41 8.06 25.85
C GLY F 146 -15.62 8.97 25.94
N CYS F 147 -16.55 8.76 25.02
CA CYS F 147 -17.81 9.50 25.00
C CYS F 147 -18.93 8.56 24.56
N LEU F 148 -20.01 8.52 25.35
CA LEU F 148 -21.14 7.64 25.06
C LEU F 148 -22.38 8.43 24.66
N VAL F 149 -22.90 8.15 23.46
CA VAL F 149 -24.14 8.73 22.98
C VAL F 149 -25.21 7.65 22.99
N LYS F 150 -26.25 7.84 23.79
CA LYS F 150 -27.23 6.79 24.04
C LYS F 150 -28.68 7.22 23.84
N GLY F 151 -29.43 6.38 23.11
CA GLY F 151 -30.88 6.51 22.98
C GLY F 151 -31.38 7.65 22.11
N TYR F 152 -30.90 7.73 20.88
CA TYR F 152 -31.36 8.78 19.97
C TYR F 152 -32.01 8.22 18.70
N PHE F 153 -32.90 9.03 18.11
CA PHE F 153 -33.53 8.72 16.83
C PHE F 153 -33.97 10.01 16.15
N PRO F 154 -33.79 10.10 14.81
CA PRO F 154 -33.13 9.11 13.96
C PRO F 154 -31.67 9.44 13.78
N GLU F 155 -31.02 8.76 12.85
CA GLU F 155 -29.64 9.07 12.48
C GLU F 155 -29.60 10.31 11.58
N PRO F 156 -28.46 11.03 11.54
CA PRO F 156 -27.24 10.77 12.30
C PRO F 156 -27.01 11.75 13.44
N VAL F 157 -25.94 11.51 14.20
CA VAL F 157 -25.39 12.50 15.10
C VAL F 157 -23.95 12.78 14.65
N THR F 158 -23.43 13.96 14.99
CA THR F 158 -22.05 14.27 14.70
C THR F 158 -21.30 14.49 16.00
N LEU F 159 -20.28 13.66 16.22
CA LEU F 159 -19.45 13.75 17.42
C LEU F 159 -18.09 14.30 17.04
N THR F 160 -17.66 15.36 17.71
CA THR F 160 -16.33 15.92 17.52
C THR F 160 -15.66 16.12 18.86
N TRP F 161 -14.34 16.32 18.85
CA TRP F 161 -13.62 16.63 20.07
C TRP F 161 -13.05 18.02 20.01
N ASN F 162 -13.33 18.82 21.04
CA ASN F 162 -12.90 20.22 21.10
C ASN F 162 -13.25 21.01 19.84
N SER F 163 -14.50 20.84 19.39
CA SER F 163 -15.03 21.48 18.17
C SER F 163 -14.34 21.05 16.86
N GLY F 164 -13.57 19.97 16.92
CA GLY F 164 -12.82 19.49 15.77
C GLY F 164 -11.32 19.70 15.87
N SER F 165 -10.88 20.43 16.91
CA SER F 165 -9.46 20.69 17.16
C SER F 165 -8.66 19.45 17.53
N LEU F 166 -9.36 18.36 17.83
CA LEU F 166 -8.75 17.10 18.18
C LEU F 166 -9.35 15.99 17.34
N SER F 167 -8.63 15.58 16.30
CA SER F 167 -9.12 14.57 15.36
C SER F 167 -8.19 13.37 15.23
N SER F 168 -6.90 13.58 15.52
CA SER F 168 -5.92 12.49 15.59
C SER F 168 -6.20 11.59 16.79
N GLY F 169 -6.11 10.28 16.57
CA GLY F 169 -6.32 9.29 17.62
C GLY F 169 -7.76 9.16 18.06
N VAL F 170 -8.67 9.54 17.15
CA VAL F 170 -10.10 9.40 17.40
C VAL F 170 -10.64 8.17 16.68
N HIS F 171 -11.52 7.43 17.37
CA HIS F 171 -12.33 6.39 16.74
C HIS F 171 -13.76 6.65 17.08
N THR F 172 -14.54 7.02 16.08
CA THR F 172 -15.99 7.13 16.27
C THR F 172 -16.64 5.91 15.63
N PHE F 173 -17.35 5.13 16.45
CA PHE F 173 -17.86 3.83 16.00
C PHE F 173 -19.23 3.92 15.34
N PRO F 174 -19.54 2.97 14.44
CA PRO F 174 -20.86 2.95 13.84
C PRO F 174 -21.95 2.75 14.90
N ALA F 175 -23.02 3.52 14.79
CA ALA F 175 -24.17 3.41 15.68
C ALA F 175 -24.72 1.98 15.69
N VAL F 176 -25.27 1.57 16.81
CA VAL F 176 -25.96 0.28 16.89
C VAL F 176 -27.32 0.44 17.56
N LEU F 177 -28.28 -0.37 17.12
CA LEU F 177 -29.64 -0.29 17.60
C LEU F 177 -29.75 -0.93 18.99
N GLN F 178 -29.98 -0.10 20.00
CA GLN F 178 -30.27 -0.56 21.36
C GLN F 178 -31.77 -0.45 21.62
N SER F 179 -32.44 -1.61 21.66
CA SER F 179 -33.90 -1.72 21.65
C SER F 179 -34.53 -1.11 20.38
N ASP F 180 -34.97 0.15 20.47
CA ASP F 180 -35.57 0.85 19.33
C ASP F 180 -34.75 2.08 18.92
N LEU F 181 -33.83 2.49 19.79
CA LEU F 181 -33.02 3.70 19.60
C LEU F 181 -31.55 3.40 19.25
N TYR F 182 -30.79 4.44 18.93
CA TYR F 182 -29.39 4.28 18.53
C TYR F 182 -28.38 4.62 19.62
N THR F 183 -27.30 3.86 19.65
CA THR F 183 -26.20 4.08 20.59
C THR F 183 -24.88 4.09 19.84
N LEU F 184 -24.10 5.14 20.05
CA LEU F 184 -22.83 5.35 19.37
C LEU F 184 -21.80 5.77 20.40
N SER F 185 -20.57 5.29 20.24
CA SER F 185 -19.49 5.69 21.13
C SER F 185 -18.25 6.13 20.36
N SER F 186 -17.45 6.98 20.98
CA SER F 186 -16.21 7.48 20.38
C SER F 186 -15.08 7.50 21.41
N SER F 187 -13.88 7.14 20.97
CA SER F 187 -12.72 7.14 21.85
C SER F 187 -11.59 7.99 21.29
N VAL F 188 -11.05 8.85 22.14
CA VAL F 188 -9.88 9.64 21.77
C VAL F 188 -8.69 9.26 22.65
N THR F 189 -7.52 9.24 22.04
CA THR F 189 -6.29 8.88 22.73
C THR F 189 -5.26 10.00 22.58
N VAL F 190 -4.78 10.50 23.72
CA VAL F 190 -3.72 11.50 23.76
C VAL F 190 -2.62 11.05 24.72
N THR F 191 -1.53 11.82 24.79
CA THR F 191 -0.44 11.52 25.73
C THR F 191 -0.81 11.93 27.16
N SER F 192 -0.19 11.26 28.14
CA SER F 192 -0.43 11.52 29.56
C SER F 192 -0.32 13.00 29.95
N SER F 193 0.67 13.68 29.39
CA SER F 193 0.94 15.08 29.72
C SER F 193 -0.13 16.07 29.26
N THR F 194 -0.95 15.67 28.28
CA THR F 194 -1.96 16.57 27.70
C THR F 194 -3.30 16.55 28.42
N TRP F 195 -3.59 15.43 29.09
CA TRP F 195 -4.82 15.29 29.89
C TRP F 195 -4.53 14.78 31.27
N PRO F 196 -5.11 15.41 32.31
CA PRO F 196 -6.08 16.52 32.24
C PRO F 196 -5.47 17.92 32.31
N SER F 197 -4.24 18.08 31.81
CA SER F 197 -3.60 19.41 31.70
C SER F 197 -4.39 20.34 30.80
N GLN F 198 -4.92 19.78 29.71
CA GLN F 198 -5.78 20.51 28.78
C GLN F 198 -7.13 19.82 28.74
N SER F 199 -8.19 20.62 28.82
CA SER F 199 -9.55 20.10 28.91
C SER F 199 -10.04 19.61 27.56
N ILE F 200 -10.52 18.37 27.56
CA ILE F 200 -11.06 17.74 26.35
C ILE F 200 -12.58 17.57 26.48
N THR F 201 -13.32 18.29 25.63
CA THR F 201 -14.78 18.24 25.67
C THR F 201 -15.35 17.51 24.46
N CYS F 202 -16.29 16.60 24.73
CA CYS F 202 -16.96 15.81 23.72
C CYS F 202 -18.15 16.60 23.17
N ASN F 203 -18.17 16.82 21.86
CA ASN F 203 -19.28 17.57 21.25
C ASN F 203 -20.19 16.67 20.43
N VAL F 204 -21.46 16.63 20.81
CA VAL F 204 -22.45 15.83 20.11
C VAL F 204 -23.58 16.73 19.62
N ALA F 205 -23.92 16.58 18.34
CA ALA F 205 -25.02 17.32 17.73
C ALA F 205 -26.04 16.35 17.13
N HIS F 206 -27.31 16.56 17.46
CA HIS F 206 -28.41 15.79 16.87
C HIS F 206 -29.38 16.73 16.19
N PRO F 207 -29.22 16.94 14.86
CA PRO F 207 -29.95 17.97 14.13
C PRO F 207 -31.46 17.76 14.15
N ALA F 208 -31.87 16.50 14.13
CA ALA F 208 -33.29 16.12 14.07
C ALA F 208 -34.09 16.58 15.28
N SER F 209 -33.40 16.95 16.36
CA SER F 209 -34.06 17.43 17.58
C SER F 209 -33.52 18.78 18.06
N SER F 210 -32.67 19.40 17.24
CA SER F 210 -31.99 20.67 17.57
C SER F 210 -31.17 20.58 18.86
N THR F 211 -30.35 19.54 18.96
CA THR F 211 -29.55 19.27 20.15
C THR F 211 -28.06 19.48 19.87
N LYS F 212 -27.46 20.43 20.58
CA LYS F 212 -26.02 20.66 20.55
C LYS F 212 -25.49 20.60 21.98
N VAL F 213 -24.79 19.51 22.31
CA VAL F 213 -24.38 19.25 23.70
C VAL F 213 -22.87 19.02 23.81
N ASP F 214 -22.26 19.68 24.80
CA ASP F 214 -20.85 19.46 25.14
C ASP F 214 -20.75 18.74 26.49
N LYS F 215 -19.76 17.84 26.62
CA LYS F 215 -19.43 17.22 27.92
C LYS F 215 -17.93 17.21 28.16
N LYS F 216 -17.49 17.93 29.20
CA LYS F 216 -16.08 17.93 29.59
C LYS F 216 -15.78 16.68 30.41
N ILE F 217 -14.71 15.99 30.03
CA ILE F 217 -14.30 14.77 30.71
C ILE F 217 -13.42 15.11 31.92
N GLU F 218 -13.88 14.69 33.10
CA GLU F 218 -13.21 14.96 34.37
C GLU F 218 -12.74 13.64 35.00
N PRO F 219 -11.61 13.66 35.74
CA PRO F 219 -11.22 12.47 36.51
C PRO F 219 -12.24 12.14 37.61
N ARG F 220 -12.24 10.89 38.09
CA ARG F 220 -13.27 10.40 39.01
C ARG F 220 -12.98 10.68 40.49
N GLY F 221 -14.03 10.72 41.31
CA GLY F 221 -13.92 11.08 42.74
C GLY F 221 -13.65 9.94 43.70
N PRO F 222 -14.47 9.80 44.77
CA PRO F 222 -14.31 8.72 45.75
C PRO F 222 -15.09 7.44 45.39
N ASP G 1 37.77 11.68 11.81
CA ASP G 1 36.40 11.67 11.22
C ASP G 1 35.67 10.38 11.57
N ILE G 2 34.43 10.52 12.01
CA ILE G 2 33.59 9.37 12.28
C ILE G 2 32.73 9.07 11.06
N GLN G 3 32.86 7.87 10.51
CA GLN G 3 32.07 7.46 9.36
C GLN G 3 30.73 6.92 9.80
N MET G 4 29.68 7.26 9.05
CA MET G 4 28.35 6.75 9.31
C MET G 4 27.89 6.00 8.07
N THR G 5 27.97 4.68 8.11
CA THR G 5 27.62 3.90 6.93
C THR G 5 26.30 3.15 7.14
N GLN G 6 25.33 3.45 6.28
CA GLN G 6 24.03 2.78 6.29
C GLN G 6 24.07 1.57 5.38
N SER G 7 23.78 0.41 5.98
CA SER G 7 23.80 -0.90 5.32
C SER G 7 23.38 -0.88 3.84
N SER G 8 22.14 -0.45 3.60
CA SER G 8 21.51 -0.49 2.29
C SER G 8 21.27 0.91 1.75
N SER G 9 21.50 1.09 0.46
CA SER G 9 21.16 2.35 -0.19
C SER G 9 19.66 2.40 -0.43
N SER G 10 19.04 1.23 -0.60
CA SER G 10 17.59 1.11 -0.75
C SER G 10 17.12 -0.34 -0.61
N PHE G 11 15.91 -0.51 -0.10
CA PHE G 11 15.21 -1.79 -0.26
C PHE G 11 13.69 -1.64 -0.28
N SER G 12 13.03 -2.63 -0.88
CA SER G 12 11.59 -2.63 -1.05
C SER G 12 10.91 -3.33 0.10
N VAL G 13 9.78 -2.77 0.55
CA VAL G 13 8.99 -3.39 1.61
C VAL G 13 7.52 -3.49 1.22
N SER G 14 6.85 -4.54 1.70
CA SER G 14 5.41 -4.68 1.51
C SER G 14 4.74 -3.65 2.39
N LEU G 15 3.84 -2.86 1.82
CA LEU G 15 3.06 -1.92 2.60
C LEU G 15 2.47 -2.62 3.82
N GLY G 16 2.68 -2.03 5.00
CA GLY G 16 2.16 -2.60 6.24
C GLY G 16 3.20 -3.33 7.06
N ASP G 17 4.31 -3.72 6.43
CA ASP G 17 5.34 -4.51 7.10
C ASP G 17 6.20 -3.71 8.05
N ARG G 18 6.87 -4.42 8.97
CA ARG G 18 7.87 -3.85 9.84
C ARG G 18 9.14 -3.59 9.03
N ALA G 19 9.66 -2.37 9.11
CA ALA G 19 10.93 -1.99 8.47
C ALA G 19 11.98 -1.63 9.53
N THR G 20 13.24 -1.97 9.27
CA THR G 20 14.35 -1.64 10.16
C THR G 20 15.54 -1.19 9.34
N ILE G 21 16.02 0.02 9.59
CA ILE G 21 17.19 0.56 8.91
C ILE G 21 18.34 0.60 9.90
N THR G 22 19.47 0.03 9.52
CA THR G 22 20.66 0.02 10.40
C THR G 22 21.68 1.08 9.97
N CYS G 23 22.22 1.79 10.96
CA CYS G 23 23.31 2.75 10.75
C CYS G 23 24.46 2.33 11.63
N LYS G 24 25.66 2.25 11.06
CA LYS G 24 26.83 1.79 11.81
C LYS G 24 27.93 2.84 11.79
N ALA G 25 28.28 3.34 12.98
CA ALA G 25 29.33 4.34 13.14
C ALA G 25 30.71 3.69 13.23
N SER G 26 31.73 4.41 12.75
CA SER G 26 33.08 3.87 12.67
C SER G 26 33.75 3.85 14.04
N GLU G 27 33.15 4.58 14.98
CA GLU G 27 33.56 4.54 16.38
C GLU G 27 32.40 4.93 17.29
N ASP G 28 32.44 4.40 18.51
CA ASP G 28 31.43 4.63 19.54
C ASP G 28 30.96 6.08 19.63
N ILE G 29 29.70 6.32 19.27
CA ILE G 29 29.14 7.68 19.33
C ILE G 29 28.13 7.88 20.48
N TYR G 30 28.16 6.98 21.45
CA TYR G 30 27.39 7.06 22.69
C TYR G 30 26.05 7.81 22.55
N ASN G 31 25.15 7.26 21.74
CA ASN G 31 23.79 7.75 21.57
C ASN G 31 23.60 9.10 20.88
N ARG G 32 24.67 9.77 20.46
CA ARG G 32 24.51 11.06 19.78
C ARG G 32 24.24 10.87 18.28
N ILE G 33 23.05 10.34 17.99
CA ILE G 33 22.66 10.06 16.62
C ILE G 33 21.26 10.60 16.34
N ALA G 34 21.10 11.16 15.15
CA ALA G 34 19.82 11.70 14.70
C ALA G 34 19.40 11.00 13.42
N TRP G 35 18.09 10.80 13.28
CA TRP G 35 17.52 10.25 12.06
C TRP G 35 16.69 11.29 11.36
N TYR G 36 16.80 11.28 10.03
CA TYR G 36 16.05 12.21 9.18
C TYR G 36 15.26 11.49 8.10
N GLN G 37 14.10 12.05 7.79
CA GLN G 37 13.30 11.59 6.66
C GLN G 37 13.31 12.71 5.65
N GLN G 38 13.57 12.36 4.39
CA GLN G 38 13.51 13.34 3.32
C GLN G 38 12.83 12.73 2.11
N LYS G 39 11.92 13.49 1.53
CA LYS G 39 11.21 13.11 0.32
C LYS G 39 11.70 14.02 -0.80
N PRO G 40 11.68 13.52 -2.06
CA PRO G 40 12.10 14.40 -3.15
C PRO G 40 11.31 15.72 -3.15
N GLY G 41 12.02 16.83 -3.31
CA GLY G 41 11.39 18.14 -3.38
C GLY G 41 11.24 18.82 -2.03
N ASN G 42 11.37 18.06 -0.96
CA ASN G 42 11.25 18.59 0.40
C ASN G 42 12.58 18.72 1.12
N VAL G 43 12.56 19.40 2.27
CA VAL G 43 13.70 19.51 3.17
C VAL G 43 13.76 18.28 4.09
N PRO G 44 14.97 17.95 4.60
CA PRO G 44 15.03 16.88 5.60
C PRO G 44 14.14 17.20 6.78
N ARG G 45 13.50 16.17 7.33
CA ARG G 45 12.66 16.31 8.51
C ARG G 45 13.25 15.43 9.60
N LEU G 46 13.53 16.03 10.76
CA LEU G 46 14.13 15.31 11.88
C LEU G 46 13.09 14.43 12.56
N LEU G 47 13.43 13.16 12.77
CA LEU G 47 12.50 12.21 13.38
C LEU G 47 12.90 11.92 14.83
N ILE G 48 14.14 11.49 14.99
CA ILE G 48 14.64 11.06 16.28
C ILE G 48 16.05 11.63 16.48
N SER G 49 16.31 12.12 17.69
CA SER G 49 17.63 12.51 18.11
C SER G 49 17.93 11.80 19.42
N GLY G 50 19.20 11.74 19.79
CA GLY G 50 19.61 11.10 21.02
C GLY G 50 19.29 9.63 21.01
N ALA G 51 19.40 9.02 19.82
CA ALA G 51 19.16 7.59 19.62
C ALA G 51 17.70 7.16 19.72
N THR G 52 17.00 7.65 20.74
CA THR G 52 15.66 7.16 21.02
C THR G 52 14.54 8.21 21.03
N SER G 53 14.88 9.47 21.35
CA SER G 53 13.89 10.54 21.54
C SER G 53 13.19 11.03 20.27
N LEU G 54 11.89 10.73 20.14
CA LEU G 54 11.08 11.20 19.02
C LEU G 54 10.76 12.69 19.12
N GLU G 55 10.77 13.39 18.00
CA GLU G 55 10.25 14.76 17.93
C GLU G 55 8.72 14.77 18.07
N THR G 56 8.18 15.80 18.74
CA THR G 56 6.75 15.79 19.10
C THR G 56 5.81 15.72 17.89
N GLY G 57 6.31 16.04 16.71
CA GLY G 57 5.49 15.92 15.50
C GLY G 57 5.33 14.49 15.00
N VAL G 58 6.35 13.68 15.25
CA VAL G 58 6.50 12.35 14.62
C VAL G 58 5.54 11.30 15.17
N PRO G 59 4.90 10.52 14.26
CA PRO G 59 4.04 9.40 14.67
C PRO G 59 4.80 8.34 15.48
N SER G 60 4.10 7.66 16.37
CA SER G 60 4.70 6.69 17.29
C SER G 60 5.14 5.36 16.64
N ARG G 61 4.71 5.11 15.40
CA ARG G 61 5.14 3.91 14.70
C ARG G 61 6.65 3.98 14.38
N PHE G 62 7.19 5.19 14.42
CA PHE G 62 8.62 5.39 14.31
C PHE G 62 9.28 5.16 15.66
N SER G 63 10.50 4.62 15.64
CA SER G 63 11.16 4.12 16.83
C SER G 63 12.67 4.07 16.61
N GLY G 64 13.42 4.59 17.56
CA GLY G 64 14.89 4.59 17.47
C GLY G 64 15.51 3.71 18.52
N SER G 65 16.62 3.07 18.17
CA SER G 65 17.21 2.07 19.05
C SER G 65 18.72 1.89 18.80
N GLY G 66 19.35 1.07 19.65
CA GLY G 66 20.78 0.76 19.52
C GLY G 66 21.65 1.38 20.61
N SER G 67 22.94 1.08 20.56
CA SER G 67 23.93 1.67 21.46
C SER G 67 25.33 1.44 20.87
N GLY G 68 26.31 2.14 21.42
CA GLY G 68 27.69 2.03 20.96
C GLY G 68 27.90 2.51 19.54
N LYS G 69 28.05 1.55 18.62
CA LYS G 69 28.30 1.84 17.22
C LYS G 69 27.06 1.57 16.34
N ASP G 70 26.25 0.59 16.75
CA ASP G 70 25.15 0.11 15.90
C ASP G 70 23.82 0.70 16.34
N TYR G 71 23.17 1.42 15.43
CA TYR G 71 21.90 2.07 15.73
C TYR G 71 20.86 1.71 14.67
N THR G 72 19.59 1.67 15.09
CA THR G 72 18.53 1.30 14.18
C THR G 72 17.36 2.28 14.27
N LEU G 73 16.79 2.57 13.11
CA LEU G 73 15.48 3.21 12.99
C LEU G 73 14.49 2.13 12.60
N SER G 74 13.33 2.13 13.24
CA SER G 74 12.33 1.10 13.01
C SER G 74 10.94 1.66 12.77
N ILE G 75 10.23 1.09 11.79
CA ILE G 75 8.83 1.42 11.59
C ILE G 75 8.01 0.15 11.76
N THR G 76 7.06 0.19 12.70
CA THR G 76 6.30 -1.01 13.08
C THR G 76 5.45 -1.52 11.95
N SER G 77 4.85 -0.58 11.21
CA SER G 77 4.05 -0.86 10.03
C SER G 77 4.12 0.30 9.05
N LEU G 78 4.87 0.12 7.96
CA LEU G 78 5.06 1.16 6.96
C LEU G 78 3.76 1.58 6.29
N GLN G 79 3.57 2.90 6.20
CA GLN G 79 2.48 3.47 5.41
C GLN G 79 3.03 4.08 4.13
N THR G 80 2.17 4.38 3.16
CA THR G 80 2.59 5.06 1.93
C THR G 80 3.29 6.38 2.25
N GLU G 81 2.74 7.08 3.23
CA GLU G 81 3.29 8.34 3.77
C GLU G 81 4.77 8.22 4.20
N ASP G 82 5.27 6.98 4.33
CA ASP G 82 6.64 6.73 4.82
C ASP G 82 7.68 6.45 3.74
N VAL G 83 7.25 6.30 2.48
CA VAL G 83 8.23 6.10 1.41
C VAL G 83 9.03 7.37 1.23
N ALA G 84 10.30 7.27 1.62
CA ALA G 84 11.21 8.40 1.57
C ALA G 84 12.62 7.87 1.71
N THR G 85 13.59 8.78 1.79
CA THR G 85 14.95 8.42 2.09
C THR G 85 15.23 8.75 3.54
N TYR G 86 15.99 7.88 4.19
CA TYR G 86 16.30 8.04 5.60
C TYR G 86 17.80 8.20 5.81
N TYR G 87 18.18 9.28 6.48
CA TYR G 87 19.56 9.55 6.80
C TYR G 87 19.78 9.43 8.29
N CYS G 88 20.86 8.75 8.67
CA CYS G 88 21.37 8.84 10.04
C CYS G 88 22.47 9.90 10.07
N GLN G 89 22.73 10.45 11.25
CA GLN G 89 23.77 11.46 11.45
C GLN G 89 24.26 11.45 12.89
N HIS G 90 25.57 11.53 13.08
CA HIS G 90 26.13 11.67 14.43
C HIS G 90 26.45 13.12 14.74
N TYR G 91 26.45 13.46 16.02
CA TYR G 91 26.90 14.76 16.47
C TYR G 91 27.75 14.58 17.72
N TRP G 92 28.65 13.60 17.64
CA TRP G 92 29.56 13.30 18.74
C TRP G 92 30.75 14.23 18.74
N SER G 93 31.31 14.49 17.56
CA SER G 93 32.43 15.40 17.40
C SER G 93 32.46 15.98 15.99
N SER G 94 33.22 17.06 15.81
CA SER G 94 33.41 17.67 14.52
C SER G 94 34.43 16.86 13.72
N PRO G 95 34.17 16.58 12.43
CA PRO G 95 33.01 17.06 11.67
C PRO G 95 31.79 16.14 11.78
N LEU G 96 30.62 16.74 11.69
CA LEU G 96 29.37 16.01 11.65
C LEU G 96 29.32 15.30 10.31
N THR G 97 29.00 14.00 10.31
CA THR G 97 28.83 13.28 9.04
C THR G 97 27.51 12.54 9.00
N PHE G 98 26.87 12.62 7.83
CA PHE G 98 25.60 11.93 7.55
C PHE G 98 25.87 10.59 6.90
N GLY G 99 24.95 9.64 7.08
CA GLY G 99 24.98 8.42 6.29
C GLY G 99 24.61 8.70 4.83
N ALA G 100 24.79 7.69 3.98
CA ALA G 100 24.49 7.82 2.57
C ALA G 100 22.99 7.85 2.28
N GLY G 101 22.20 7.44 3.26
CA GLY G 101 20.74 7.41 3.10
C GLY G 101 20.26 6.06 2.67
N THR G 102 19.11 5.64 3.19
CA THR G 102 18.44 4.43 2.73
C THR G 102 17.07 4.85 2.22
N LYS G 103 16.83 4.60 0.94
CA LYS G 103 15.57 4.93 0.30
C LYS G 103 14.61 3.76 0.49
N LEU G 104 13.42 4.04 1.01
CA LEU G 104 12.38 3.02 1.14
C LEU G 104 11.44 3.02 -0.05
N GLU G 105 11.33 1.87 -0.70
CA GLU G 105 10.42 1.72 -1.82
C GLU G 105 9.41 0.61 -1.55
N LEU G 106 8.38 0.53 -2.39
CA LEU G 106 7.27 -0.39 -2.15
C LEU G 106 7.41 -1.67 -2.96
N LYS G 107 7.09 -2.79 -2.32
CA LYS G 107 7.10 -4.10 -2.96
C LYS G 107 5.85 -4.26 -3.82
N ARG G 108 5.93 -5.16 -4.80
CA ARG G 108 4.91 -5.29 -5.85
C ARG G 108 5.13 -6.59 -6.62
N ALA G 109 4.07 -7.15 -7.20
CA ALA G 109 4.21 -8.30 -8.09
C ALA G 109 5.07 -7.90 -9.27
N ASP G 110 5.86 -8.84 -9.80
CA ASP G 110 6.75 -8.54 -10.91
C ASP G 110 5.96 -8.14 -12.14
N ALA G 111 6.56 -7.27 -12.95
CA ALA G 111 5.96 -6.84 -14.22
C ALA G 111 7.06 -6.56 -15.23
N ALA G 112 6.98 -7.23 -16.38
CA ALA G 112 7.95 -7.02 -17.46
C ALA G 112 7.78 -5.63 -18.08
N PRO G 113 8.90 -5.04 -18.54
CA PRO G 113 8.79 -3.72 -19.18
C PRO G 113 8.09 -3.81 -20.54
N THR G 114 7.30 -2.79 -20.88
CA THR G 114 6.80 -2.62 -22.23
C THR G 114 7.83 -1.81 -22.99
N VAL G 115 8.48 -2.47 -23.95
CA VAL G 115 9.57 -1.87 -24.69
C VAL G 115 9.06 -1.32 -26.03
N SER G 116 9.39 -0.07 -26.31
CA SER G 116 9.08 0.57 -27.59
C SER G 116 10.32 1.25 -28.12
N ILE G 117 10.60 1.05 -29.41
CA ILE G 117 11.76 1.67 -30.04
C ILE G 117 11.30 2.71 -31.06
N PHE G 118 12.08 3.78 -31.22
CA PHE G 118 11.73 4.88 -32.11
C PHE G 118 12.89 5.31 -32.98
N PRO G 119 12.79 5.12 -34.30
CA PRO G 119 13.78 5.71 -35.20
C PRO G 119 13.71 7.23 -35.18
N PRO G 120 14.79 7.92 -35.62
CA PRO G 120 14.83 9.38 -35.66
C PRO G 120 13.68 9.98 -36.46
N SER G 121 13.26 11.18 -36.10
CA SER G 121 12.20 11.89 -36.81
C SER G 121 12.77 12.58 -38.04
N SER G 122 11.88 12.92 -38.97
CA SER G 122 12.26 13.63 -40.19
C SER G 122 12.94 14.95 -39.89
N GLU G 123 12.41 15.65 -38.88
CA GLU G 123 12.91 16.96 -38.47
C GLU G 123 14.36 16.94 -38.06
N GLN G 124 14.72 15.97 -37.20
CA GLN G 124 16.07 15.86 -36.69
C GLN G 124 17.04 15.44 -37.77
N LEU G 125 16.66 14.42 -38.55
CA LEU G 125 17.47 13.96 -39.67
C LEU G 125 17.84 15.11 -40.62
N THR G 126 16.84 15.88 -41.03
CA THR G 126 17.10 17.02 -41.92
C THR G 126 17.89 18.14 -41.23
N SER G 127 18.09 18.04 -39.91
CA SER G 127 18.85 19.06 -39.18
C SER G 127 20.30 18.67 -38.92
N GLY G 128 20.63 17.40 -39.12
CA GLY G 128 22.01 16.94 -38.99
C GLY G 128 22.23 15.75 -38.07
N GLY G 129 21.53 15.74 -36.94
CA GLY G 129 21.63 14.65 -35.98
C GLY G 129 20.60 13.55 -36.19
N ALA G 130 20.69 12.51 -35.35
CA ALA G 130 19.79 11.37 -35.42
C ALA G 130 19.78 10.62 -34.08
N SER G 131 18.68 10.72 -33.36
CA SER G 131 18.54 10.06 -32.07
C SER G 131 17.57 8.89 -32.17
N VAL G 132 18.04 7.71 -31.75
CA VAL G 132 17.18 6.54 -31.63
C VAL G 132 16.77 6.39 -30.18
N VAL G 133 15.47 6.49 -29.93
CA VAL G 133 14.91 6.49 -28.56
C VAL G 133 14.21 5.18 -28.22
N CYS G 134 14.54 4.65 -27.04
CA CYS G 134 13.91 3.44 -26.56
C CYS G 134 13.30 3.63 -25.17
N PHE G 135 12.00 3.36 -25.06
CA PHE G 135 11.33 3.45 -23.78
C PHE G 135 11.14 2.06 -23.21
N LEU G 136 11.36 1.93 -21.90
CA LEU G 136 11.15 0.66 -21.20
C LEU G 136 10.20 0.93 -20.03
N ASN G 137 8.91 0.77 -20.30
CA ASN G 137 7.90 1.32 -19.39
C ASN G 137 7.26 0.33 -18.42
N ASN G 138 6.94 0.85 -17.24
CA ASN G 138 6.09 0.16 -16.23
C ASN G 138 6.56 -1.23 -15.84
N PHE G 139 7.78 -1.32 -15.30
CA PHE G 139 8.34 -2.61 -14.88
C PHE G 139 8.65 -2.67 -13.37
N TYR G 140 8.69 -3.87 -12.82
CA TYR G 140 9.14 -4.11 -11.46
C TYR G 140 9.84 -5.47 -11.40
N PRO G 141 10.94 -5.58 -10.65
CA PRO G 141 11.64 -4.56 -9.85
C PRO G 141 12.40 -3.55 -10.69
N LYS G 142 13.00 -2.56 -10.02
CA LYS G 142 13.70 -1.47 -10.68
C LYS G 142 14.95 -1.90 -11.44
N ASP G 143 15.58 -2.98 -10.99
CA ASP G 143 16.81 -3.50 -11.62
C ASP G 143 16.59 -3.95 -13.06
N ILE G 144 17.16 -3.19 -13.98
CA ILE G 144 17.03 -3.46 -15.40
C ILE G 144 18.34 -3.14 -16.09
N ASN G 145 18.64 -3.89 -17.15
CA ASN G 145 19.78 -3.57 -17.98
C ASN G 145 19.40 -3.41 -19.45
N VAL G 146 19.78 -2.28 -20.03
CA VAL G 146 19.53 -2.02 -21.44
C VAL G 146 20.83 -2.03 -22.28
N LYS G 147 20.77 -2.70 -23.43
CA LYS G 147 21.92 -2.88 -24.30
C LYS G 147 21.55 -2.55 -25.75
N TRP G 148 22.37 -1.74 -26.40
CA TRP G 148 22.11 -1.36 -27.79
C TRP G 148 22.89 -2.20 -28.76
N LYS G 149 22.23 -2.59 -29.85
CA LYS G 149 22.92 -3.31 -30.91
C LYS G 149 22.65 -2.68 -32.26
N ILE G 150 23.73 -2.45 -33.00
CA ILE G 150 23.63 -1.94 -34.36
C ILE G 150 24.21 -3.01 -35.29
N ASP G 151 23.39 -3.49 -36.22
CA ASP G 151 23.73 -4.61 -37.08
C ASP G 151 24.31 -5.80 -36.30
N GLY G 152 23.73 -6.08 -35.14
CA GLY G 152 24.12 -7.24 -34.34
C GLY G 152 25.36 -7.08 -33.48
N SER G 153 26.02 -5.93 -33.56
CA SER G 153 27.13 -5.62 -32.66
C SER G 153 26.69 -4.67 -31.57
N GLU G 154 27.26 -4.84 -30.38
CA GLU G 154 26.95 -3.99 -29.24
C GLU G 154 27.53 -2.59 -29.43
N ARG G 155 26.80 -1.58 -28.98
CA ARG G 155 27.20 -0.19 -29.07
C ARG G 155 27.11 0.46 -27.70
N GLN G 156 28.23 0.97 -27.21
CA GLN G 156 28.30 1.57 -25.88
C GLN G 156 28.34 3.09 -25.91
N ASN G 157 29.16 3.64 -26.82
CA ASN G 157 29.27 5.08 -27.00
C ASN G 157 28.00 5.69 -27.58
N GLY G 158 27.53 6.77 -26.96
CA GLY G 158 26.41 7.54 -27.49
C GLY G 158 25.12 7.45 -26.71
N VAL G 159 25.02 6.45 -25.82
CA VAL G 159 23.79 6.22 -25.05
C VAL G 159 23.67 7.12 -23.82
N LEU G 160 22.46 7.62 -23.61
CA LEU G 160 22.10 8.39 -22.42
C LEU G 160 20.85 7.79 -21.80
N ASN G 161 20.93 7.49 -20.51
CA ASN G 161 19.82 6.89 -19.79
C ASN G 161 19.19 7.82 -18.76
N SER G 162 17.90 7.62 -18.53
CA SER G 162 17.18 8.37 -17.54
C SER G 162 16.16 7.44 -16.93
N TRP G 163 16.04 7.49 -15.60
CA TRP G 163 15.13 6.62 -14.87
C TRP G 163 14.08 7.41 -14.12
N THR G 164 12.86 6.88 -14.02
CA THR G 164 11.85 7.51 -13.17
C THR G 164 11.91 6.92 -11.78
N ASP G 165 11.47 7.69 -10.78
CA ASP G 165 11.23 7.18 -9.44
C ASP G 165 10.04 6.24 -9.46
N GLN G 166 9.89 5.40 -8.43
CA GLN G 166 8.75 4.50 -8.34
C GLN G 166 7.44 5.29 -8.47
N ASP G 167 6.52 4.75 -9.26
CA ASP G 167 5.26 5.44 -9.51
C ASP G 167 4.41 5.44 -8.24
N SER G 168 3.93 6.62 -7.86
CA SER G 168 3.18 6.77 -6.63
C SER G 168 1.86 6.01 -6.64
N LYS G 169 1.38 5.68 -7.84
CA LYS G 169 0.10 4.99 -8.00
C LYS G 169 0.22 3.48 -8.18
N ASP G 170 1.08 3.04 -9.11
CA ASP G 170 1.13 1.62 -9.47
C ASP G 170 2.44 0.91 -9.10
N SER G 171 3.31 1.63 -8.41
CA SER G 171 4.56 1.08 -7.87
C SER G 171 5.47 0.45 -8.92
N THR G 172 5.38 0.93 -10.16
CA THR G 172 6.28 0.47 -11.24
C THR G 172 7.38 1.50 -11.51
N TYR G 173 8.43 1.06 -12.21
CA TYR G 173 9.52 1.94 -12.61
C TYR G 173 9.48 2.05 -14.13
N SER G 174 10.07 3.11 -14.68
CA SER G 174 10.21 3.27 -16.13
C SER G 174 11.56 3.87 -16.51
N MET G 175 12.01 3.57 -17.72
CA MET G 175 13.32 3.98 -18.19
C MET G 175 13.27 4.44 -19.64
N SER G 176 14.07 5.45 -19.96
CA SER G 176 14.28 5.85 -21.36
C SER G 176 15.78 5.79 -21.67
N SER G 177 16.09 5.22 -22.84
CA SER G 177 17.46 5.07 -23.28
C SER G 177 17.61 5.64 -24.69
N THR G 178 18.52 6.60 -24.84
CA THR G 178 18.69 7.29 -26.13
C THR G 178 20.10 7.18 -26.71
N LEU G 179 20.17 6.53 -27.86
CA LEU G 179 21.39 6.47 -28.66
C LEU G 179 21.42 7.63 -29.65
N THR G 180 22.42 8.49 -29.52
CA THR G 180 22.50 9.68 -30.36
C THR G 180 23.68 9.59 -31.34
N LEU G 181 23.38 9.74 -32.62
CA LEU G 181 24.40 9.68 -33.68
C LEU G 181 24.24 10.86 -34.63
N THR G 182 25.24 11.06 -35.49
CA THR G 182 25.11 12.01 -36.62
C THR G 182 24.24 11.37 -37.70
N LYS G 183 23.62 12.19 -38.55
CA LYS G 183 22.80 11.66 -39.65
C LYS G 183 23.57 10.65 -40.48
N ASP G 184 24.82 11.00 -40.80
CA ASP G 184 25.68 10.16 -41.62
C ASP G 184 25.97 8.81 -40.98
N GLU G 185 26.44 8.81 -39.75
CA GLU G 185 26.70 7.58 -39.01
C GLU G 185 25.44 6.71 -38.92
N TYR G 186 24.28 7.36 -38.79
CA TYR G 186 23.00 6.66 -38.71
C TYR G 186 22.63 5.97 -40.03
N GLU G 187 22.83 6.67 -41.14
CA GLU G 187 22.45 6.13 -42.46
C GLU G 187 23.42 5.07 -42.95
N ARG G 188 24.54 4.92 -42.22
CA ARG G 188 25.54 3.90 -42.51
C ARG G 188 25.00 2.47 -42.29
N HIS G 189 24.15 2.30 -41.29
CA HIS G 189 23.74 0.96 -40.83
C HIS G 189 22.32 0.55 -41.14
N ASN G 190 22.03 -0.74 -40.96
CA ASN G 190 20.74 -1.31 -41.32
C ASN G 190 19.76 -1.43 -40.14
N SER G 191 20.11 -2.19 -39.13
CA SER G 191 19.17 -2.47 -38.06
C SER G 191 19.66 -2.00 -36.69
N TYR G 192 18.73 -1.39 -35.96
CA TYR G 192 18.97 -0.88 -34.63
C TYR G 192 18.14 -1.65 -33.63
N THR G 193 18.78 -2.07 -32.54
CA THR G 193 18.15 -2.94 -31.57
C THR G 193 18.30 -2.42 -30.16
N CYS G 194 17.17 -2.40 -29.48
CA CYS G 194 17.06 -2.10 -28.07
C CYS G 194 16.82 -3.41 -27.33
N GLU G 195 17.75 -3.79 -26.45
CA GLU G 195 17.72 -5.10 -25.79
C GLU G 195 17.68 -4.96 -24.26
N ALA G 196 16.65 -5.53 -23.65
CA ALA G 196 16.46 -5.41 -22.21
C ALA G 196 16.48 -6.77 -21.50
N THR G 197 17.45 -6.95 -20.60
CA THR G 197 17.44 -8.09 -19.66
C THR G 197 16.81 -7.64 -18.32
N HIS G 198 15.90 -8.46 -17.81
CA HIS G 198 15.11 -8.13 -16.62
C HIS G 198 14.65 -9.39 -15.95
N LYS G 199 14.52 -9.33 -14.62
CA LYS G 199 14.15 -10.48 -13.78
C LYS G 199 13.03 -11.35 -14.36
N THR G 200 12.03 -10.70 -14.97
CA THR G 200 10.81 -11.36 -15.44
C THR G 200 11.01 -12.39 -16.56
N SER G 201 12.16 -12.35 -17.24
CA SER G 201 12.43 -13.25 -18.35
C SER G 201 13.88 -13.69 -18.37
N THR G 202 14.10 -14.99 -18.59
CA THR G 202 15.47 -15.54 -18.61
C THR G 202 16.21 -15.15 -19.89
N SER G 203 15.49 -14.75 -20.92
CA SER G 203 16.11 -14.22 -22.14
C SER G 203 15.58 -12.82 -22.45
N PRO G 204 16.45 -11.94 -22.99
CA PRO G 204 16.19 -10.51 -23.14
C PRO G 204 14.99 -10.17 -24.02
N ILE G 205 14.31 -9.08 -23.68
CA ILE G 205 13.23 -8.54 -24.53
C ILE G 205 13.85 -7.65 -25.60
N VAL G 206 13.62 -8.01 -26.86
CA VAL G 206 14.30 -7.40 -28.00
C VAL G 206 13.33 -6.59 -28.85
N LYS G 207 13.65 -5.32 -29.07
CA LYS G 207 12.92 -4.52 -30.04
C LYS G 207 13.86 -3.96 -31.10
N SER G 208 13.54 -4.22 -32.36
CA SER G 208 14.37 -3.76 -33.47
C SER G 208 13.56 -3.02 -34.52
N PHE G 209 14.27 -2.32 -35.39
CA PHE G 209 13.69 -1.84 -36.64
C PHE G 209 14.78 -1.84 -37.69
N ASN G 210 14.38 -2.03 -38.94
CA ASN G 210 15.30 -1.90 -40.05
C ASN G 210 15.15 -0.52 -40.68
N ARG G 211 16.27 0.10 -41.04
CA ARG G 211 16.26 1.45 -41.56
C ARG G 211 15.65 1.52 -42.95
N ASN G 212 15.78 0.44 -43.71
CA ASN G 212 15.33 0.41 -45.10
C ASN G 212 13.93 -0.20 -45.27
N GLU G 213 13.16 -0.24 -44.19
CA GLU G 213 11.91 -1.02 -44.18
C GLU G 213 10.65 -0.31 -43.73
N CYS G 214 9.56 -0.60 -44.43
CA CYS G 214 8.21 -0.13 -44.10
C CYS G 214 7.17 -0.87 -44.94
N GLN H 1 6.94 28.82 16.07
CA GLN H 1 7.12 29.71 14.89
C GLN H 1 8.60 29.86 14.51
N ILE H 2 9.46 28.95 14.98
CA ILE H 2 10.88 28.96 14.65
C ILE H 2 11.05 28.65 13.16
N GLN H 3 11.49 29.65 12.39
CA GLN H 3 11.48 29.54 10.93
C GLN H 3 12.73 30.10 10.23
N LEU H 4 13.19 29.40 9.21
CA LEU H 4 14.36 29.81 8.43
C LEU H 4 14.02 30.01 6.94
N VAL H 5 14.24 31.22 6.44
CA VAL H 5 13.95 31.54 5.04
C VAL H 5 15.23 31.94 4.30
N GLN H 6 15.51 31.23 3.21
CA GLN H 6 16.74 31.44 2.45
C GLN H 6 16.51 32.26 1.19
N SER H 7 17.60 32.71 0.58
CA SER H 7 17.56 33.46 -0.69
C SER H 7 17.12 32.53 -1.82
N GLY H 8 16.66 33.14 -2.92
CA GLY H 8 16.17 32.38 -4.08
C GLY H 8 17.23 31.57 -4.82
N PRO H 9 16.79 30.76 -5.82
CA PRO H 9 17.69 29.97 -6.65
C PRO H 9 18.70 30.84 -7.39
N GLU H 10 19.92 30.35 -7.49
CA GLU H 10 21.00 31.09 -8.16
C GLU H 10 21.53 30.31 -9.36
N LEU H 11 21.79 31.04 -10.44
CA LEU H 11 22.40 30.45 -11.62
C LEU H 11 23.72 31.17 -11.89
N LYS H 12 24.81 30.40 -11.88
CA LYS H 12 26.15 30.97 -11.94
C LYS H 12 27.06 30.21 -12.92
N LYS H 13 28.09 30.91 -13.41
CA LYS H 13 29.08 30.32 -14.30
C LYS H 13 30.33 29.91 -13.53
N PRO H 14 31.02 28.85 -13.98
CA PRO H 14 32.25 28.42 -13.32
C PRO H 14 33.19 29.59 -13.03
N GLY H 15 33.72 29.65 -11.81
CA GLY H 15 34.63 30.73 -11.41
C GLY H 15 34.00 31.88 -10.64
N GLU H 16 32.70 32.12 -10.88
CA GLU H 16 31.97 33.21 -10.24
C GLU H 16 31.77 32.97 -8.73
N THR H 17 31.28 34.00 -8.05
CA THR H 17 30.94 33.92 -6.63
C THR H 17 29.43 33.84 -6.43
N VAL H 18 29.00 33.18 -5.36
CA VAL H 18 27.60 33.19 -4.96
C VAL H 18 27.51 33.50 -3.46
N ARG H 19 26.47 34.22 -3.08
CA ARG H 19 26.26 34.58 -1.69
C ARG H 19 24.83 34.24 -1.31
N ILE H 20 24.68 33.17 -0.52
CA ILE H 20 23.38 32.71 -0.07
C ILE H 20 23.05 33.33 1.29
N SER H 21 21.80 33.73 1.48
CA SER H 21 21.37 34.26 2.77
C SER H 21 20.37 33.32 3.46
N CYS H 22 20.16 33.54 4.76
CA CYS H 22 19.30 32.71 5.59
C CYS H 22 18.82 33.51 6.80
N LYS H 23 17.60 34.06 6.70
CA LYS H 23 17.01 34.87 7.77
C LYS H 23 16.27 33.98 8.77
N ALA H 24 16.59 34.16 10.05
CA ALA H 24 15.96 33.39 11.12
C ALA H 24 14.96 34.25 11.88
N SER H 25 13.88 33.61 12.33
CA SER H 25 12.85 34.28 13.13
C SER H 25 12.17 33.30 14.08
N GLY H 26 11.73 33.80 15.24
CA GLY H 26 11.03 32.99 16.23
C GLY H 26 11.88 32.51 17.40
N TYR H 27 13.15 32.91 17.42
CA TYR H 27 14.07 32.58 18.52
C TYR H 27 15.21 33.60 18.55
N SER H 28 15.79 33.78 19.73
CA SER H 28 16.99 34.63 19.88
C SER H 28 18.13 34.11 19.00
N PHE H 29 18.47 34.89 17.97
CA PHE H 29 19.48 34.53 16.97
C PHE H 29 20.81 34.07 17.58
N THR H 30 21.21 34.69 18.68
CA THR H 30 22.47 34.40 19.36
C THR H 30 22.49 33.06 20.11
N ASN H 31 21.30 32.53 20.43
CA ASN H 31 21.18 31.27 21.16
C ASN H 31 21.72 30.05 20.39
N TYR H 32 21.17 29.83 19.20
CA TYR H 32 21.57 28.70 18.37
C TYR H 32 22.57 29.15 17.31
N GLY H 33 23.62 28.35 17.14
CA GLY H 33 24.55 28.53 16.01
C GLY H 33 23.93 28.08 14.70
N MET H 34 24.52 28.51 13.59
CA MET H 34 23.96 28.24 12.26
C MET H 34 24.82 27.26 11.46
N HIS H 35 24.20 26.17 11.01
CA HIS H 35 24.91 25.12 10.27
C HIS H 35 24.52 25.12 8.82
N TRP H 36 25.44 24.69 7.96
CA TRP H 36 25.20 24.62 6.53
C TRP H 36 25.39 23.24 6.00
N VAL H 37 24.41 22.78 5.23
CA VAL H 37 24.46 21.43 4.67
C VAL H 37 24.30 21.49 3.15
N LYS H 38 25.11 20.70 2.46
CA LYS H 38 25.09 20.64 1.00
C LYS H 38 24.41 19.34 0.55
N GLN H 39 23.62 19.42 -0.51
CA GLN H 39 23.04 18.24 -1.14
C GLN H 39 23.05 18.38 -2.65
N ALA H 40 24.00 17.72 -3.28
CA ALA H 40 24.12 17.69 -4.73
C ALA H 40 22.97 16.85 -5.28
N PRO H 41 22.57 17.10 -6.56
CA PRO H 41 21.53 16.34 -7.24
C PRO H 41 21.57 14.84 -6.93
N GLY H 42 20.56 14.38 -6.19
CA GLY H 42 20.45 12.98 -5.73
C GLY H 42 21.69 12.43 -5.06
N LYS H 43 22.27 13.16 -4.11
CA LYS H 43 23.54 12.71 -3.54
C LYS H 43 23.63 12.58 -2.01
N GLY H 44 22.60 13.04 -1.30
CA GLY H 44 22.65 12.93 0.14
C GLY H 44 23.41 14.07 0.80
N LEU H 45 23.27 14.17 2.11
CA LEU H 45 23.64 15.37 2.84
C LEU H 45 25.10 15.37 3.27
N LYS H 46 25.76 16.50 3.03
CA LYS H 46 27.14 16.71 3.48
C LYS H 46 27.19 17.96 4.35
N TRP H 47 27.83 17.84 5.51
CA TRP H 47 27.97 18.97 6.43
C TRP H 47 29.06 19.87 5.95
N VAL H 48 28.74 21.14 5.75
CA VAL H 48 29.69 22.14 5.26
C VAL H 48 30.47 22.77 6.42
N GLY H 49 29.80 22.88 7.56
CA GLY H 49 30.37 23.52 8.73
C GLY H 49 29.31 24.33 9.45
N TRP H 50 29.73 25.10 10.44
CA TRP H 50 28.80 25.94 11.19
C TRP H 50 29.46 27.19 11.67
N ILE H 51 28.66 28.17 12.07
CA ILE H 51 29.19 29.41 12.62
C ILE H 51 28.47 29.75 13.93
N ASN H 52 29.26 30.14 14.93
CA ASN H 52 28.77 30.58 16.24
C ASN H 52 28.15 31.96 16.12
N THR H 53 26.84 32.06 16.34
CA THR H 53 26.10 33.31 16.15
C THR H 53 26.32 34.35 17.25
N TYR H 54 27.06 33.98 18.29
CA TYR H 54 27.39 34.91 19.36
C TYR H 54 28.79 35.48 19.14
N THR H 55 29.74 34.61 18.81
CA THR H 55 31.15 35.00 18.64
C THR H 55 31.49 35.34 17.18
N GLY H 56 30.90 34.62 16.24
CA GLY H 56 31.18 34.82 14.83
C GLY H 56 32.23 33.85 14.33
N GLU H 57 32.70 32.99 15.24
CA GLU H 57 33.72 31.98 14.94
C GLU H 57 33.16 30.85 14.08
N PRO H 58 33.68 30.70 12.85
CA PRO H 58 33.24 29.59 12.00
C PRO H 58 34.07 28.32 12.18
N THR H 59 33.47 27.18 11.86
CA THR H 59 34.18 25.92 11.78
C THR H 59 33.80 25.28 10.45
N TYR H 60 34.80 24.93 9.64
CA TYR H 60 34.54 24.31 8.33
C TYR H 60 34.95 22.85 8.30
N ALA H 61 34.09 22.00 7.75
CA ALA H 61 34.45 20.62 7.45
C ALA H 61 35.61 20.64 6.45
N ASP H 62 36.58 19.76 6.63
CA ASP H 62 37.82 19.78 5.84
C ASP H 62 37.61 19.99 4.36
N ASP H 63 36.62 19.28 3.79
CA ASP H 63 36.35 19.31 2.35
C ASP H 63 35.87 20.66 1.82
N PHE H 64 35.71 21.64 2.71
CA PHE H 64 35.14 22.93 2.33
C PHE H 64 36.02 24.12 2.71
N LYS H 65 37.18 23.85 3.32
CA LYS H 65 38.12 24.92 3.70
C LYS H 65 38.68 25.61 2.45
N GLY H 66 38.68 26.94 2.45
CA GLY H 66 39.00 27.72 1.26
C GLY H 66 37.84 27.64 0.29
N ARG H 67 37.46 28.78 -0.29
CA ARG H 67 36.32 28.87 -1.23
C ARG H 67 34.93 28.93 -0.57
N PHE H 68 34.83 28.48 0.68
CA PHE H 68 33.58 28.55 1.44
C PHE H 68 33.77 29.42 2.67
N ALA H 69 32.90 30.42 2.83
CA ALA H 69 32.99 31.33 3.99
C ALA H 69 31.63 31.68 4.62
N PHE H 70 31.50 31.45 5.93
CA PHE H 70 30.30 31.86 6.64
C PHE H 70 30.48 33.27 7.18
N SER H 71 29.53 34.14 6.91
CA SER H 71 29.44 35.41 7.59
C SER H 71 28.03 35.58 8.10
N LEU H 72 27.80 36.60 8.91
CA LEU H 72 26.46 36.88 9.40
C LEU H 72 26.29 38.34 9.79
N GLU H 73 25.03 38.79 9.81
CA GLU H 73 24.67 40.11 10.31
C GLU H 73 23.66 39.94 11.44
N THR H 74 24.18 39.92 12.67
CA THR H 74 23.36 39.76 13.87
C THR H 74 22.21 40.77 13.89
N SER H 75 22.52 41.99 13.43
CA SER H 75 21.56 43.08 13.31
C SER H 75 20.20 42.65 12.77
N ALA H 76 20.22 41.91 11.65
CA ALA H 76 19.00 41.50 10.97
C ALA H 76 18.82 39.98 10.95
N SER H 77 19.30 39.32 12.01
CA SER H 77 19.17 37.86 12.18
C SER H 77 19.37 37.03 10.90
N THR H 78 20.40 37.35 10.13
CA THR H 78 20.64 36.68 8.86
C THR H 78 22.05 36.10 8.78
N ALA H 79 22.12 34.84 8.33
CA ALA H 79 23.40 34.18 8.10
C ALA H 79 23.70 34.12 6.60
N TYR H 80 24.98 34.15 6.25
CA TYR H 80 25.40 34.10 4.86
C TYR H 80 26.40 32.98 4.60
N LEU H 81 26.23 32.30 3.47
CA LEU H 81 27.22 31.37 2.95
C LEU H 81 27.72 31.90 1.62
N GLU H 82 29.03 32.10 1.51
CA GLU H 82 29.63 32.60 0.28
C GLU H 82 30.57 31.57 -0.33
N ILE H 83 30.35 31.24 -1.61
CA ILE H 83 31.22 30.32 -2.32
C ILE H 83 31.95 31.04 -3.44
N ASN H 84 33.28 31.07 -3.35
CA ASN H 84 34.12 31.67 -4.38
C ASN H 84 34.65 30.64 -5.34
N ASN H 85 35.02 31.10 -6.53
CA ASN H 85 35.52 30.24 -7.59
C ASN H 85 34.66 28.98 -7.75
N LEU H 86 33.42 29.18 -8.16
CA LEU H 86 32.46 28.09 -8.28
C LEU H 86 32.90 27.03 -9.28
N LYS H 87 32.78 25.77 -8.88
CA LYS H 87 33.14 24.63 -9.71
C LYS H 87 31.90 23.77 -9.93
N ASN H 88 31.95 22.93 -10.95
CA ASN H 88 30.83 22.03 -11.24
C ASN H 88 30.43 21.22 -10.00
N GLU H 89 31.43 20.70 -9.29
CA GLU H 89 31.19 19.92 -8.08
C GLU H 89 30.45 20.69 -6.99
N ASP H 90 30.25 21.99 -7.17
CA ASP H 90 29.50 22.81 -6.19
C ASP H 90 28.01 22.85 -6.47
N MET H 91 27.61 22.45 -7.67
CA MET H 91 26.22 22.51 -8.07
C MET H 91 25.39 21.65 -7.15
N ALA H 92 24.64 22.29 -6.27
CA ALA H 92 23.90 21.61 -5.22
C ALA H 92 22.85 22.53 -4.59
N THR H 93 22.01 21.94 -3.74
CA THR H 93 21.13 22.71 -2.90
C THR H 93 21.81 22.84 -1.54
N TYR H 94 21.87 24.07 -1.03
CA TYR H 94 22.48 24.36 0.27
C TYR H 94 21.39 24.75 1.27
N LEU H 95 21.37 24.03 2.38
CA LEU H 95 20.32 24.18 3.38
C LEU H 95 21.00 24.77 4.63
N CYS H 96 20.39 25.78 5.25
CA CYS H 96 20.87 26.28 6.55
C CYS H 96 20.01 25.65 7.64
N ALA H 97 20.63 25.32 8.78
CA ALA H 97 19.90 24.73 9.90
C ALA H 97 20.46 25.22 11.21
N SER H 98 19.58 25.65 12.12
CA SER H 98 20.02 26.16 13.41
C SER H 98 20.10 25.04 14.46
N ALA H 99 21.22 24.98 15.18
CA ALA H 99 21.45 23.99 16.24
C ALA H 99 22.51 24.48 17.22
N ALA H 100 22.44 24.03 18.47
CA ALA H 100 23.39 24.48 19.49
C ALA H 100 24.75 23.79 19.40
N GLY H 101 25.78 24.52 18.97
CA GLY H 101 27.15 24.02 18.88
C GLY H 101 27.29 22.82 17.97
N ILE H 102 28.22 21.92 18.28
CA ILE H 102 28.29 20.66 17.54
C ILE H 102 27.74 19.47 18.33
N ARG H 103 27.95 19.44 19.64
CA ARG H 103 27.52 18.28 20.43
C ARG H 103 26.01 18.23 20.73
N TRP H 104 25.28 19.24 20.27
CA TRP H 104 23.82 19.23 20.32
C TRP H 104 23.30 19.57 18.96
N ALA H 105 24.09 19.22 17.96
CA ALA H 105 23.77 19.52 16.57
C ALA H 105 22.89 18.45 15.94
N TRP H 106 21.67 18.32 16.46
CA TRP H 106 20.62 17.67 15.71
C TRP H 106 19.72 18.74 15.15
N PHE H 107 19.38 18.63 13.88
CA PHE H 107 18.76 19.72 13.16
C PHE H 107 17.25 19.59 13.06
N ALA H 108 16.55 20.28 13.95
CA ALA H 108 15.09 20.25 13.98
C ALA H 108 14.50 21.24 13.01
N TRP H 109 15.23 22.30 12.70
CA TRP H 109 14.76 23.36 11.81
C TRP H 109 15.68 23.52 10.64
N TRP H 110 15.09 23.51 9.45
CA TRP H 110 15.82 23.63 8.19
C TRP H 110 15.29 24.75 7.37
N GLY H 111 16.19 25.46 6.68
CA GLY H 111 15.78 26.41 5.64
C GLY H 111 15.24 25.64 4.47
N GLN H 112 14.48 26.30 3.60
CA GLN H 112 13.89 25.65 2.43
C GLN H 112 14.96 25.27 1.39
N GLY H 113 16.18 25.75 1.58
CA GLY H 113 17.29 25.39 0.70
C GLY H 113 17.46 26.33 -0.47
N THR H 114 18.70 26.49 -0.91
CA THR H 114 19.01 27.32 -2.05
C THR H 114 19.77 26.51 -3.09
N LEU H 115 19.17 26.33 -4.26
CA LEU H 115 19.81 25.61 -5.35
C LEU H 115 20.77 26.54 -6.08
N VAL H 116 22.03 26.15 -6.11
CA VAL H 116 23.02 26.85 -6.90
C VAL H 116 23.32 26.00 -8.12
N THR H 117 23.09 26.56 -9.31
CA THR H 117 23.41 25.87 -10.55
C THR H 117 24.67 26.45 -11.17
N VAL H 118 25.64 25.60 -11.46
CA VAL H 118 26.91 26.00 -12.03
C VAL H 118 26.98 25.49 -13.47
N SER H 119 27.00 26.42 -14.42
CA SER H 119 27.08 26.08 -15.84
C SER H 119 27.48 27.25 -16.72
N ALA H 120 28.37 26.96 -17.68
CA ALA H 120 28.90 27.98 -18.56
C ALA H 120 27.97 28.23 -19.75
N ALA H 121 27.04 27.32 -20.00
CA ALA H 121 26.15 27.39 -21.16
C ALA H 121 25.22 28.60 -21.12
N LYS H 122 24.98 29.20 -22.28
CA LYS H 122 24.05 30.31 -22.42
C LYS H 122 22.65 29.80 -22.80
N THR H 123 21.62 30.59 -22.48
CA THR H 123 20.24 30.20 -22.75
C THR H 123 20.07 29.68 -24.17
N THR H 124 19.45 28.51 -24.29
CA THR H 124 19.22 27.86 -25.58
C THR H 124 17.83 27.24 -25.59
N ALA H 125 17.07 27.51 -26.65
CA ALA H 125 15.75 26.93 -26.83
C ALA H 125 15.87 25.46 -27.26
N PRO H 126 14.97 24.60 -26.75
CA PRO H 126 14.94 23.17 -27.11
C PRO H 126 14.46 22.91 -28.53
N SER H 127 14.94 21.82 -29.13
CA SER H 127 14.33 21.28 -30.34
C SER H 127 13.35 20.19 -29.92
N VAL H 128 12.15 20.23 -30.47
CA VAL H 128 11.13 19.24 -30.15
C VAL H 128 10.92 18.31 -31.34
N TYR H 129 11.03 17.01 -31.08
CA TYR H 129 10.90 16.01 -32.12
C TYR H 129 9.76 15.02 -31.82
N PRO H 130 8.83 14.87 -32.78
CA PRO H 130 7.74 13.90 -32.61
C PRO H 130 8.23 12.48 -32.89
N LEU H 131 8.05 11.59 -31.93
CA LEU H 131 8.48 10.20 -32.09
C LEU H 131 7.30 9.29 -32.39
N ALA H 132 7.27 8.79 -33.62
CA ALA H 132 6.22 7.93 -34.12
C ALA H 132 6.73 6.49 -34.15
N PRO H 133 5.82 5.51 -33.94
CA PRO H 133 6.16 4.09 -34.03
C PRO H 133 6.87 3.64 -35.31
N VAL H 134 7.54 2.50 -35.24
CA VAL H 134 8.28 1.95 -36.37
C VAL H 134 7.38 1.76 -37.59
N CYS H 135 7.93 2.00 -38.76
CA CYS H 135 7.16 2.06 -40.00
C CYS H 135 6.52 0.73 -40.41
N GLY H 136 5.25 0.56 -40.05
CA GLY H 136 4.49 -0.63 -40.40
C GLY H 136 4.16 -1.50 -39.19
N THR H 138 1.41 -2.93 -37.72
CA THR H 138 1.88 -3.22 -36.36
C THR H 138 0.75 -3.69 -35.45
N THR H 139 0.89 -4.91 -34.94
CA THR H 139 -0.10 -5.52 -34.05
C THR H 139 0.15 -5.14 -32.57
N GLY H 140 -0.81 -5.47 -31.70
CA GLY H 140 -0.78 -5.08 -30.29
C GLY H 140 -2.00 -4.24 -29.96
N SER H 141 -2.62 -4.49 -28.81
CA SER H 141 -3.86 -3.80 -28.43
C SER H 141 -3.68 -2.31 -28.19
N SER H 142 -2.54 -1.91 -27.63
CA SER H 142 -2.26 -0.50 -27.40
C SER H 142 -0.99 -0.06 -28.16
N VAL H 143 -0.77 1.26 -28.23
CA VAL H 143 0.35 1.82 -28.97
C VAL H 143 1.03 2.94 -28.16
N THR H 144 2.34 3.10 -28.34
CA THR H 144 3.14 4.07 -27.58
C THR H 144 3.82 5.10 -28.48
N LEU H 145 3.51 6.37 -28.19
CA LEU H 145 4.06 7.52 -28.92
C LEU H 145 5.04 8.25 -28.06
N GLY H 146 5.98 8.94 -28.69
CA GLY H 146 7.04 9.64 -27.96
C GLY H 146 7.27 11.09 -28.36
N CYS H 147 7.99 11.81 -27.50
CA CYS H 147 8.37 13.19 -27.75
C CYS H 147 9.79 13.43 -27.23
N LEU H 148 10.64 14.00 -28.08
CA LEU H 148 12.03 14.26 -27.72
C LEU H 148 12.31 15.76 -27.62
N VAL H 149 12.77 16.19 -26.45
CA VAL H 149 13.19 17.58 -26.22
C VAL H 149 14.71 17.59 -26.09
N LYS H 150 15.38 18.30 -26.99
CA LYS H 150 16.83 18.22 -27.09
C LYS H 150 17.52 19.58 -27.12
N GLY H 151 18.59 19.70 -26.32
CA GLY H 151 19.49 20.85 -26.36
C GLY H 151 18.97 22.17 -25.81
N TYR H 152 18.45 22.14 -24.60
CA TYR H 152 17.94 23.37 -23.98
C TYR H 152 18.69 23.73 -22.70
N PHE H 153 18.69 25.02 -22.39
CA PHE H 153 19.24 25.55 -21.14
C PHE H 153 18.55 26.88 -20.79
N PRO H 154 18.24 27.10 -19.49
CA PRO H 154 18.41 26.16 -18.39
C PRO H 154 17.13 25.38 -18.14
N GLU H 155 17.07 24.68 -17.02
CA GLU H 155 15.84 23.99 -16.61
C GLU H 155 14.86 25.01 -16.01
N PRO H 156 13.54 24.69 -16.03
CA PRO H 156 12.95 23.49 -16.59
C PRO H 156 12.21 23.73 -17.89
N VAL H 157 11.69 22.65 -18.46
CA VAL H 157 10.67 22.72 -19.51
C VAL H 157 9.42 22.01 -19.00
N THR H 158 8.26 22.38 -19.53
CA THR H 158 7.03 21.67 -19.19
C THR H 158 6.47 21.01 -20.45
N LEU H 159 6.36 19.68 -20.39
CA LEU H 159 5.83 18.89 -21.48
C LEU H 159 4.44 18.39 -21.10
N THR H 160 3.46 18.66 -21.96
CA THR H 160 2.11 18.14 -21.77
C THR H 160 1.62 17.51 -23.06
N TRP H 161 0.55 16.72 -22.97
CA TRP H 161 -0.05 16.12 -24.15
C TRP H 161 -1.43 16.66 -24.33
N ASN H 162 -1.71 17.16 -25.53
CA ASN H 162 -2.99 17.81 -25.86
C ASN H 162 -3.41 18.87 -24.83
N SER H 163 -2.47 19.76 -24.50
CA SER H 163 -2.64 20.83 -23.50
C SER H 163 -2.96 20.34 -22.07
N GLY H 164 -2.74 19.05 -21.83
CA GLY H 164 -3.03 18.45 -20.53
C GLY H 164 -4.21 17.51 -20.54
N SER H 165 -4.95 17.47 -21.65
CA SER H 165 -6.10 16.59 -21.81
C SER H 165 -5.76 15.11 -21.82
N LEU H 166 -4.46 14.80 -21.94
CA LEU H 166 -3.98 13.43 -21.96
C LEU H 166 -2.85 13.30 -20.96
N SER H 167 -3.16 12.74 -19.79
CA SER H 167 -2.21 12.62 -18.70
C SER H 167 -2.03 11.18 -18.24
N SER H 168 -3.04 10.35 -18.47
CA SER H 168 -2.97 8.91 -18.18
C SER H 168 -2.03 8.23 -19.16
N GLY H 169 -1.20 7.32 -18.64
CA GLY H 169 -0.26 6.59 -19.48
C GLY H 169 0.89 7.43 -19.99
N VAL H 170 1.18 8.53 -19.29
CA VAL H 170 2.33 9.38 -19.61
C VAL H 170 3.51 9.08 -18.70
N HIS H 171 4.70 9.05 -19.29
CA HIS H 171 5.95 9.04 -18.54
C HIS H 171 6.80 10.14 -19.07
N THR H 172 7.01 11.18 -18.25
CA THR H 172 7.97 12.22 -18.59
C THR H 172 9.23 11.99 -17.78
N PHE H 173 10.36 11.79 -18.45
CA PHE H 173 11.58 11.37 -17.78
C PHE H 173 12.41 12.54 -17.29
N PRO H 174 13.21 12.33 -16.24
CA PRO H 174 14.13 13.38 -15.78
C PRO H 174 15.12 13.78 -16.87
N ALA H 175 15.33 15.09 -17.01
CA ALA H 175 16.30 15.63 -17.96
C ALA H 175 17.69 15.05 -17.69
N VAL H 176 18.48 14.93 -18.74
CA VAL H 176 19.87 14.51 -18.60
C VAL H 176 20.76 15.44 -19.40
N LEU H 177 21.98 15.64 -18.89
CA LEU H 177 22.90 16.56 -19.51
C LEU H 177 23.56 15.92 -20.74
N GLN H 178 23.23 16.43 -21.92
CA GLN H 178 23.89 16.02 -23.17
C GLN H 178 24.89 17.09 -23.58
N SER H 179 26.17 16.76 -23.42
CA SER H 179 27.29 17.71 -23.52
C SER H 179 27.17 18.84 -22.49
N ASP H 180 26.60 19.98 -22.90
CA ASP H 180 26.43 21.13 -22.00
C ASP H 180 24.95 21.47 -21.81
N LEU H 181 24.11 20.89 -22.65
CA LEU H 181 22.68 21.18 -22.67
C LEU H 181 21.83 20.02 -22.13
N TYR H 182 20.53 20.26 -21.96
CA TYR H 182 19.63 19.26 -21.40
C TYR H 182 18.77 18.53 -22.44
N THR H 183 18.54 17.24 -22.19
CA THR H 183 17.69 16.42 -23.04
C THR H 183 16.68 15.66 -22.19
N LEU H 184 15.41 15.79 -22.55
CA LEU H 184 14.32 15.17 -21.82
C LEU H 184 13.41 14.51 -22.84
N SER H 185 12.84 13.35 -22.48
CA SER H 185 11.88 12.68 -23.33
C SER H 185 10.64 12.25 -22.56
N SER H 186 9.53 12.14 -23.27
CA SER H 186 8.26 11.72 -22.69
C SER H 186 7.56 10.70 -23.58
N SER H 187 6.92 9.71 -22.95
CA SER H 187 6.17 8.71 -23.69
C SER H 187 4.72 8.60 -23.21
N VAL H 188 3.80 8.63 -24.17
CA VAL H 188 2.39 8.42 -23.90
C VAL H 188 1.89 7.13 -24.57
N THR H 189 1.04 6.41 -23.86
CA THR H 189 0.48 5.15 -24.33
C THR H 189 -1.04 5.23 -24.34
N VAL H 190 -1.62 4.94 -25.50
CA VAL H 190 -3.07 4.88 -25.67
C VAL H 190 -3.44 3.60 -26.42
N THR H 191 -4.74 3.32 -26.55
CA THR H 191 -5.21 2.14 -27.28
C THR H 191 -5.10 2.35 -28.79
N SER H 192 -4.98 1.26 -29.54
CA SER H 192 -4.86 1.29 -31.00
C SER H 192 -5.92 2.13 -31.68
N SER H 193 -7.16 2.01 -31.21
CA SER H 193 -8.31 2.69 -31.82
C SER H 193 -8.28 4.22 -31.68
N THR H 194 -7.54 4.74 -30.71
CA THR H 194 -7.53 6.19 -30.45
C THR H 194 -6.49 6.95 -31.29
N TRP H 195 -5.43 6.27 -31.71
CA TRP H 195 -4.40 6.86 -32.56
C TRP H 195 -4.12 6.00 -33.77
N PRO H 196 -4.06 6.61 -34.98
CA PRO H 196 -4.15 8.05 -35.23
C PRO H 196 -5.56 8.57 -35.52
N SER H 197 -6.59 7.91 -34.96
CA SER H 197 -7.98 8.38 -35.11
C SER H 197 -8.16 9.78 -34.51
N GLN H 198 -7.51 10.01 -33.38
CA GLN H 198 -7.51 11.31 -32.73
C GLN H 198 -6.08 11.81 -32.67
N SER H 199 -5.88 13.08 -33.01
CA SER H 199 -4.55 13.66 -33.10
C SER H 199 -3.97 13.96 -31.73
N ILE H 200 -2.75 13.47 -31.50
CA ILE H 200 -2.04 13.69 -30.25
C ILE H 200 -0.85 14.61 -30.48
N THR H 201 -0.92 15.80 -29.89
CA THR H 201 0.15 16.80 -30.05
C THR H 201 0.96 16.97 -28.76
N CYS H 202 2.28 16.94 -28.91
CA CYS H 202 3.21 17.14 -27.81
C CYS H 202 3.42 18.63 -27.57
N ASN H 203 3.16 19.09 -26.36
CA ASN H 203 3.36 20.50 -26.02
C ASN H 203 4.56 20.71 -25.13
N VAL H 204 5.53 21.49 -25.61
CA VAL H 204 6.73 21.81 -24.84
C VAL H 204 6.87 23.33 -24.66
N ALA H 205 7.07 23.74 -23.41
CA ALA H 205 7.27 25.14 -23.08
C ALA H 205 8.60 25.36 -22.37
N HIS H 206 9.37 26.33 -22.86
CA HIS H 206 10.62 26.71 -22.22
C HIS H 206 10.60 28.17 -21.87
N PRO H 207 10.22 28.48 -20.61
CA PRO H 207 9.93 29.86 -20.18
C PRO H 207 11.15 30.77 -20.30
N ALA H 208 12.33 30.21 -20.05
CA ALA H 208 13.58 30.97 -20.04
C ALA H 208 13.93 31.60 -21.40
N SER H 209 13.29 31.12 -22.46
CA SER H 209 13.53 31.62 -23.82
C SER H 209 12.24 32.04 -24.53
N SER H 210 11.13 32.05 -23.77
CA SER H 210 9.79 32.36 -24.30
C SER H 210 9.40 31.43 -25.46
N THR H 211 9.57 30.13 -25.26
CA THR H 211 9.30 29.12 -26.29
C THR H 211 8.07 28.28 -25.91
N LYS H 212 7.04 28.34 -26.76
CA LYS H 212 5.88 27.47 -26.64
C LYS H 212 5.68 26.75 -27.96
N VAL H 213 5.97 25.45 -27.98
CA VAL H 213 6.00 24.67 -29.22
C VAL H 213 5.10 23.43 -29.16
N ASP H 214 4.31 23.23 -30.21
CA ASP H 214 3.50 22.02 -30.37
C ASP H 214 4.08 21.15 -31.50
N LYS H 215 4.02 19.83 -31.34
CA LYS H 215 4.34 18.90 -32.44
C LYS H 215 3.31 17.78 -32.54
N LYS H 216 2.59 17.74 -33.65
CA LYS H 216 1.65 16.65 -33.91
C LYS H 216 2.40 15.41 -34.37
N ILE H 217 2.10 14.27 -33.75
CA ILE H 217 2.72 13.02 -34.12
C ILE H 217 1.99 12.36 -35.29
N GLU H 218 2.72 12.13 -36.38
CA GLU H 218 2.17 11.57 -37.61
C GLU H 218 2.82 10.21 -37.90
N PRO H 219 2.07 9.27 -38.50
CA PRO H 219 2.71 8.02 -38.95
C PRO H 219 3.76 8.26 -40.05
N ARG H 220 4.69 7.32 -40.24
CA ARG H 220 5.84 7.50 -41.13
C ARG H 220 5.58 7.15 -42.61
N GLY H 221 6.35 7.75 -43.50
CA GLY H 221 6.16 7.61 -44.96
C GLY H 221 6.88 6.44 -45.61
N PRO H 222 7.64 6.69 -46.70
CA PRO H 222 8.38 5.63 -47.39
C PRO H 222 9.80 5.39 -46.83
#